data_4NA0
#
_entry.id   4NA0
#
_cell.length_a   188.300
_cell.length_b   55.665
_cell.length_c   166.149
_cell.angle_alpha   90.000
_cell.angle_beta   90.000
_cell.angle_gamma   90.000
#
_symmetry.space_group_name_H-M   'P 21 21 2'
#
loop_
_entity.id
_entity.type
_entity.pdbx_description
1 polymer 'Poly(ADP-ribose) glycohydrolase'
2 non-polymer 'IODIDE ION'
3 non-polymer '[(2R,3S,4R,5R)-5-(6-AMINOPURIN-9-YL)-3,4-DIHYDROXY-OXOLAN-2-YL]METHYL [HYDROXY-[[(2R,3S,4R,5S)-3,4,5-TRIHYDROXYOXOLAN-2-YL]METHOXY]PHOSPHORYL] HYDROGEN PHOSPHATE'
#
_entity_poly.entity_id   1
_entity_poly.type   'polypeptide(L)'
_entity_poly.pdbx_seq_one_letter_code
;GNLPPEKKWLGTPIEE(MSE)RK(MSE)PRCGIHLPSLRPSASHTVTVRVDLLRAGEVPKPFPTHYKDLWDNKHVK
(MSE)PCSEQNLYPVEDENGERTAGSRWELIQTALLNKFTRPQNLKDAILKYNVAYSKKWDFTALVDFWDKVLEEAEAQH
LYQSILPD(MSE)VKIALCLPNICTQPIPLLKQK(MSE)NHSVT(MSE)SQEQIASLLANAFFCTFPRRNAKMKSEYSSY
PDINFNRLFEGRSSRKPEKLKTLFCYFRRVTEKKPTGLVTFTRQSLEDFPEWERCEKPLTRLHVTYEGTIEGNGRG
(MSE)LQVDFANRFVGGGVTGAGLVQEEIRFLINPELIVSRLFTEVLDHNECLIITGTEQYSEYTGYAETYRWARSHEDG
SEKDDWQRRCTEIVAIDALHFRRYLDQFVPEKVRRELNKAYCGFLRPGVPSENLSAVATGNWGCGAFGGDARLKALIQIL
AAAAAERDVVYFTFGDSEL(MSE)RDIYS(MSE)HTFLTERKLDVGKVYKLLLRYYNEECRNCSTPGPDIKLYPFIYHAV
ESSAET
;
_entity_poly.pdbx_strand_id   A,B,C
#
# COMPACT_ATOMS: atom_id res chain seq x y z
N LYS A 7 -1.46 -5.79 -13.83
CA LYS A 7 -0.34 -6.71 -13.47
C LYS A 7 0.98 -5.95 -13.36
N LYS A 8 1.62 -6.03 -12.20
CA LYS A 8 2.76 -5.17 -11.86
C LYS A 8 4.13 -5.77 -12.16
N TRP A 9 4.19 -7.09 -12.37
CA TRP A 9 5.46 -7.76 -12.69
C TRP A 9 5.23 -8.98 -13.57
N LEU A 10 6.31 -9.49 -14.18
CA LEU A 10 6.22 -10.63 -15.09
C LEU A 10 7.43 -11.54 -15.01
N GLY A 11 7.23 -12.82 -15.31
CA GLY A 11 8.30 -13.82 -15.34
C GLY A 11 8.32 -14.72 -14.12
N THR A 12 9.53 -15.00 -13.61
CA THR A 12 9.73 -15.83 -12.42
C THR A 12 9.65 -14.97 -11.16
N PRO A 13 8.87 -15.40 -10.16
CA PRO A 13 8.71 -14.58 -8.95
C PRO A 13 10.03 -14.23 -8.25
N ILE A 14 10.08 -13.03 -7.66
CA ILE A 14 11.30 -12.47 -7.09
C ILE A 14 11.83 -13.24 -5.89
N GLU A 15 10.96 -14.01 -5.25
CA GLU A 15 11.35 -14.81 -4.09
C GLU A 15 12.22 -16.01 -4.49
N GLU A 16 12.03 -16.50 -5.71
CA GLU A 16 12.81 -17.64 -6.22
C GLU A 16 14.19 -17.22 -6.76
N ARG A 18 18.00 -15.84 -6.46
CA ARG A 18 19.08 -15.91 -5.48
C ARG A 18 19.53 -14.53 -5.03
N LYS A 19 19.67 -14.35 -3.72
CA LYS A 19 20.16 -13.11 -3.13
C LYS A 19 21.04 -13.39 -1.92
N PRO A 21 22.73 -12.72 1.93
CA PRO A 21 23.86 -13.64 2.11
C PRO A 21 23.54 -15.13 1.88
N ARG A 22 22.25 -15.46 1.74
CA ARG A 22 21.78 -16.83 1.51
C ARG A 22 22.70 -17.64 0.58
N CYS A 23 22.85 -17.17 -0.65
CA CYS A 23 23.56 -17.90 -1.70
C CYS A 23 25.08 -17.72 -1.67
N GLY A 24 25.59 -16.89 -0.75
CA GLY A 24 27.02 -16.61 -0.70
C GLY A 24 27.90 -17.82 -0.47
N ILE A 25 29.15 -17.69 -0.89
CA ILE A 25 30.15 -18.73 -0.66
C ILE A 25 30.72 -18.57 0.75
N HIS A 26 31.30 -19.64 1.27
CA HIS A 26 32.14 -19.54 2.45
C HIS A 26 33.34 -18.67 2.07
N LEU A 27 33.57 -17.60 2.83
CA LEU A 27 34.64 -16.66 2.52
C LEU A 27 35.96 -17.15 3.10
N PRO A 28 37.06 -17.05 2.31
CA PRO A 28 38.37 -17.29 2.89
C PRO A 28 38.74 -16.16 3.83
N SER A 29 39.64 -16.43 4.77
CA SER A 29 40.01 -15.40 5.75
C SER A 29 40.60 -14.19 5.05
N LEU A 30 40.18 -13.01 5.48
CA LEU A 30 40.59 -11.77 4.83
C LEU A 30 42.06 -11.55 5.13
N ARG A 31 42.85 -11.31 4.10
CA ARG A 31 44.27 -11.06 4.29
C ARG A 31 44.87 -10.23 3.15
N PRO A 32 45.94 -9.50 3.45
CA PRO A 32 46.60 -8.75 2.39
C PRO A 32 47.31 -9.67 1.40
N SER A 33 47.36 -9.25 0.14
CA SER A 33 48.09 -9.96 -0.91
C SER A 33 48.54 -8.95 -1.98
N ALA A 34 49.31 -9.43 -2.95
CA ALA A 34 49.77 -8.61 -4.05
C ALA A 34 48.62 -8.04 -4.87
N SER A 35 47.47 -8.71 -4.83
CA SER A 35 46.27 -8.23 -5.53
C SER A 35 45.17 -7.75 -4.60
N HIS A 36 45.48 -7.61 -3.30
CA HIS A 36 44.48 -7.20 -2.32
C HIS A 36 45.09 -6.44 -1.16
N THR A 37 44.95 -5.12 -1.23
CA THR A 37 45.32 -4.22 -0.14
C THR A 37 44.22 -4.24 0.90
N VAL A 38 44.57 -4.49 2.16
CA VAL A 38 43.61 -4.42 3.26
C VAL A 38 44.16 -3.43 4.26
N THR A 39 43.42 -2.33 4.49
CA THR A 39 43.93 -1.25 5.34
C THR A 39 43.58 -1.41 6.82
N VAL A 40 43.05 -2.56 7.23
CA VAL A 40 42.69 -2.79 8.64
C VAL A 40 43.30 -4.07 9.20
N ARG A 41 43.28 -4.19 10.53
CA ARG A 41 43.80 -5.34 11.26
C ARG A 41 42.82 -6.49 11.23
N VAL A 42 43.10 -7.50 10.41
CA VAL A 42 42.17 -8.59 10.18
C VAL A 42 42.06 -9.55 11.36
N ASP A 43 43.15 -9.70 12.11
CA ASP A 43 43.14 -10.51 13.35
C ASP A 43 42.22 -9.95 14.45
N LEU A 44 41.88 -8.66 14.36
CA LEU A 44 41.02 -8.01 15.35
C LEU A 44 39.58 -7.81 14.86
N LEU A 45 39.39 -7.79 13.54
CA LEU A 45 38.08 -7.52 12.93
C LEU A 45 36.94 -8.23 13.65
N ARG A 46 35.92 -7.47 14.08
CA ARG A 46 34.89 -8.04 14.96
C ARG A 46 33.56 -7.27 15.02
N ALA A 47 32.46 -8.03 14.85
CA ALA A 47 31.07 -7.53 14.84
C ALA A 47 30.76 -6.38 15.79
N GLY A 48 30.32 -5.25 15.20
CA GLY A 48 29.88 -4.10 15.98
C GLY A 48 30.98 -3.40 16.75
N GLU A 49 32.20 -3.48 16.22
CA GLU A 49 33.36 -2.87 16.84
C GLU A 49 34.19 -2.24 15.71
N VAL A 50 34.48 -0.94 15.86
CA VAL A 50 35.15 -0.19 14.82
C VAL A 50 36.51 -0.83 14.48
N PRO A 51 36.75 -1.11 13.19
CA PRO A 51 38.01 -1.76 12.79
C PRO A 51 39.25 -0.95 13.13
N LYS A 52 40.34 -1.64 13.42
CA LYS A 52 41.59 -1.00 13.77
C LYS A 52 42.45 -0.90 12.50
N PRO A 53 43.01 0.27 12.21
CA PRO A 53 43.83 0.40 11.02
C PRO A 53 45.17 -0.30 11.14
N PHE A 54 45.62 -0.89 10.03
CA PHE A 54 46.97 -1.44 9.95
C PHE A 54 47.73 -0.67 8.88
N PRO A 55 48.93 -0.15 9.19
CA PRO A 55 49.64 -0.30 10.48
C PRO A 55 49.08 0.63 11.57
N THR A 56 49.67 0.61 12.74
CA THR A 56 49.22 1.47 13.82
C THR A 56 49.61 2.93 13.54
N HIS A 57 50.83 3.15 13.08
CA HIS A 57 51.30 4.51 12.77
C HIS A 57 51.52 4.78 11.27
N TYR A 58 51.24 6.02 10.89
CA TYR A 58 51.28 6.48 9.51
C TYR A 58 52.53 6.04 8.75
N LYS A 59 52.32 5.52 7.54
CA LYS A 59 53.37 5.28 6.56
C LYS A 59 53.00 6.07 5.31
N ASP A 60 53.95 6.82 4.77
CA ASP A 60 53.67 7.67 3.64
C ASP A 60 54.33 7.19 2.36
N LEU A 61 53.61 7.31 1.25
CA LEU A 61 54.19 7.21 -0.08
C LEU A 61 53.70 8.37 -0.95
N TRP A 62 54.65 9.04 -1.59
CA TRP A 62 54.37 10.14 -2.49
C TRP A 62 54.87 9.68 -3.85
N ASP A 63 54.02 8.90 -4.53
CA ASP A 63 54.37 8.19 -5.76
C ASP A 63 53.34 8.40 -6.83
N ASN A 64 53.61 7.87 -8.02
CA ASN A 64 52.62 7.73 -9.09
C ASN A 64 51.87 6.39 -9.02
N LYS A 65 52.09 5.63 -7.95
CA LYS A 65 51.42 4.34 -7.75
C LYS A 65 50.39 4.39 -6.62
N HIS A 66 50.39 5.45 -5.82
CA HIS A 66 49.49 5.56 -4.68
C HIS A 66 48.87 6.94 -4.59
N VAL A 67 47.79 7.04 -3.82
CA VAL A 67 47.14 8.31 -3.58
C VAL A 67 48.14 9.27 -2.98
N LYS A 68 48.01 10.55 -3.31
CA LYS A 68 48.84 11.59 -2.71
C LYS A 68 48.04 12.19 -1.58
N PRO A 70 46.91 14.31 1.73
CA PRO A 70 47.13 15.66 2.21
C PRO A 70 48.10 15.75 3.40
N CYS A 71 48.09 14.72 4.26
CA CYS A 71 48.91 14.71 5.45
C CYS A 71 50.38 14.31 5.20
N SER A 72 50.76 14.09 3.95
CA SER A 72 52.13 13.76 3.62
C SER A 72 53.08 14.92 3.91
N GLU A 73 54.23 14.61 4.52
CA GLU A 73 55.29 15.61 4.72
C GLU A 73 55.92 16.09 3.40
N GLN A 74 55.49 15.52 2.28
CA GLN A 74 55.91 15.97 0.95
C GLN A 74 54.87 16.86 0.26
N ASN A 75 53.69 17.00 0.85
CA ASN A 75 52.70 17.98 0.42
C ASN A 75 53.15 19.36 0.90
N LEU A 76 53.76 20.14 0.01
CA LEU A 76 54.41 21.39 0.38
C LEU A 76 53.82 22.58 -0.35
N TYR A 77 53.96 23.79 0.23
CA TYR A 77 53.48 25.04 -0.39
C TYR A 77 54.55 26.13 -0.30
N ALA A 88 60.47 25.14 1.72
CA ALA A 88 59.73 24.29 2.67
C ALA A 88 58.27 24.71 2.72
N GLY A 89 57.61 24.51 3.86
CA GLY A 89 56.20 24.85 4.06
C GLY A 89 55.31 23.62 4.03
N SER A 90 54.81 23.21 5.19
CA SER A 90 53.89 22.07 5.27
C SER A 90 52.45 22.53 4.97
N ARG A 91 51.91 22.12 3.83
CA ARG A 91 50.50 22.41 3.51
C ARG A 91 49.56 21.71 4.48
N TRP A 92 49.97 20.55 4.99
CA TRP A 92 49.19 19.86 5.99
C TRP A 92 48.99 20.75 7.22
N GLU A 93 50.09 21.32 7.72
CA GLU A 93 50.04 22.20 8.88
C GLU A 93 49.28 23.48 8.55
N LEU A 94 49.33 23.88 7.28
CA LEU A 94 48.53 24.99 6.80
C LEU A 94 47.04 24.62 6.85
N ILE A 95 46.74 23.38 6.50
CA ILE A 95 45.35 22.89 6.50
C ILE A 95 44.80 22.81 7.92
N GLN A 96 45.60 22.31 8.85
CA GLN A 96 45.23 22.25 10.27
C GLN A 96 44.93 23.65 10.82
N THR A 97 45.83 24.60 10.57
CA THR A 97 45.66 25.98 11.03
C THR A 97 44.40 26.63 10.47
N ALA A 98 44.09 26.32 9.22
CA ALA A 98 42.91 26.88 8.56
C ALA A 98 41.60 26.36 9.18
N LEU A 99 41.44 25.05 9.21
CA LEU A 99 40.18 24.43 9.66
C LEU A 99 39.92 24.55 11.16
N LEU A 100 40.97 24.67 11.98
CA LEU A 100 40.82 24.74 13.43
C LEU A 100 40.29 26.10 13.92
N ASN A 101 39.95 26.99 13.00
CA ASN A 101 39.18 28.19 13.34
C ASN A 101 37.71 27.84 13.49
N LYS A 102 36.99 28.71 14.19
CA LYS A 102 35.56 28.54 14.40
C LYS A 102 34.79 29.22 13.27
N PHE A 103 33.83 28.49 12.71
CA PHE A 103 33.01 29.00 11.62
C PHE A 103 31.69 29.52 12.17
N THR A 104 31.46 30.83 12.09
CA THR A 104 30.17 31.41 12.48
C THR A 104 29.35 31.85 11.26
N ARG A 105 29.97 31.86 10.09
CA ARG A 105 29.30 32.23 8.83
C ARG A 105 29.85 31.44 7.65
N PRO A 106 29.12 31.42 6.51
CA PRO A 106 29.57 30.67 5.33
C PRO A 106 30.95 31.06 4.83
N GLN A 107 31.26 32.35 4.87
CA GLN A 107 32.52 32.88 4.35
C GLN A 107 33.74 32.38 5.12
N ASN A 108 33.57 32.07 6.40
CA ASN A 108 34.65 31.51 7.20
C ASN A 108 35.08 30.15 6.66
N LEU A 109 34.12 29.39 6.13
CA LEU A 109 34.39 28.09 5.50
C LEU A 109 35.01 28.30 4.12
N LYS A 110 34.55 29.32 3.41
CA LYS A 110 35.14 29.71 2.12
C LYS A 110 36.61 30.07 2.32
N ASP A 111 36.85 31.05 3.19
CA ASP A 111 38.21 31.53 3.48
C ASP A 111 39.09 30.38 3.94
N ALA A 112 38.58 29.59 4.87
CA ALA A 112 39.33 28.45 5.40
C ALA A 112 39.80 27.58 4.25
N ILE A 113 38.87 27.16 3.40
CA ILE A 113 39.19 26.27 2.29
C ILE A 113 40.17 26.92 1.31
N LEU A 114 40.06 28.23 1.15
CA LEU A 114 40.89 28.96 0.19
C LEU A 114 42.28 29.29 0.73
N LYS A 115 42.54 29.02 2.01
CA LYS A 115 43.85 29.28 2.58
C LYS A 115 44.95 28.37 2.00
N TYR A 116 44.59 27.12 1.73
CA TYR A 116 45.52 26.14 1.14
C TYR A 116 45.16 25.83 -0.31
N ASN A 117 44.43 26.77 -0.94
CA ASN A 117 44.01 26.66 -2.34
C ASN A 117 44.02 28.06 -2.97
N VAL A 118 45.13 28.76 -2.81
CA VAL A 118 45.20 30.19 -3.13
C VAL A 118 45.15 30.46 -4.64
N ALA A 119 45.53 29.48 -5.45
CA ALA A 119 45.45 29.57 -6.90
C ALA A 119 44.00 29.61 -7.40
N TYR A 120 43.06 29.15 -6.57
CA TYR A 120 41.66 29.05 -6.96
C TYR A 120 40.76 30.06 -6.23
N SER A 121 41.36 31.07 -5.62
CA SER A 121 40.61 32.06 -4.84
C SER A 121 39.57 32.84 -5.66
N LYS A 122 39.82 32.97 -6.96
CA LYS A 122 38.89 33.67 -7.86
C LYS A 122 38.28 32.76 -8.93
N LYS A 123 38.38 31.44 -8.73
CA LYS A 123 37.83 30.47 -9.68
C LYS A 123 36.79 29.52 -9.07
N TRP A 124 36.69 29.51 -7.75
CA TRP A 124 35.73 28.67 -7.03
C TRP A 124 34.65 29.55 -6.43
N ASP A 125 33.46 29.53 -7.03
CA ASP A 125 32.31 30.25 -6.49
C ASP A 125 31.72 29.43 -5.33
N PHE A 126 31.26 30.11 -4.29
CA PHE A 126 30.71 29.45 -3.10
C PHE A 126 29.24 29.81 -2.85
N THR A 127 28.55 30.26 -3.89
CA THR A 127 27.22 30.82 -3.72
C THR A 127 26.18 29.79 -3.28
N ALA A 128 26.29 28.56 -3.78
CA ALA A 128 25.36 27.51 -3.37
C ALA A 128 25.46 27.25 -1.88
N LEU A 129 26.70 27.24 -1.37
CA LEU A 129 26.97 27.02 0.04
C LEU A 129 26.28 28.07 0.92
N VAL A 130 26.43 29.35 0.57
CA VAL A 130 25.83 30.44 1.35
C VAL A 130 24.30 30.40 1.33
N ASP A 131 23.73 29.92 0.23
CA ASP A 131 22.28 29.84 0.09
C ASP A 131 21.70 28.74 0.97
N PHE A 132 22.35 27.57 0.96
CA PHE A 132 21.95 26.47 1.83
C PHE A 132 22.03 26.87 3.31
N TRP A 133 23.09 27.61 3.66
CA TRP A 133 23.32 28.03 5.04
C TRP A 133 22.27 29.05 5.49
N ASP A 134 22.17 30.17 4.77
CA ASP A 134 21.36 31.31 5.20
C ASP A 134 19.86 31.14 4.92
N LYS A 135 19.51 30.75 3.70
CA LYS A 135 18.10 30.66 3.28
C LYS A 135 17.44 29.33 3.63
N VAL A 136 17.91 28.25 2.99
CA VAL A 136 17.24 26.94 3.05
C VAL A 136 17.25 26.31 4.45
N LEU A 137 18.38 26.42 5.16
CA LEU A 137 18.45 25.97 6.55
C LEU A 137 17.89 27.01 7.50
N GLU A 138 17.11 26.56 8.48
CA GLU A 138 16.62 27.42 9.55
C GLU A 138 17.70 27.57 10.61
N GLU A 139 17.63 28.65 11.40
CA GLU A 139 18.67 28.99 12.37
C GLU A 139 19.05 27.84 13.30
N ALA A 140 18.05 27.07 13.75
CA ALA A 140 18.29 25.92 14.63
C ALA A 140 19.10 24.81 13.94
N GLU A 141 19.04 24.77 12.61
CA GLU A 141 19.82 23.83 11.81
C GLU A 141 21.20 24.43 11.54
N ALA A 142 21.21 25.68 11.04
CA ALA A 142 22.46 26.39 10.77
C ALA A 142 23.41 26.38 11.98
N GLN A 143 22.84 26.58 13.17
CA GLN A 143 23.61 26.48 14.41
C GLN A 143 24.19 25.09 14.61
N HIS A 144 23.37 24.07 14.39
CA HIS A 144 23.79 22.68 14.57
C HIS A 144 24.92 22.29 13.62
N LEU A 145 24.94 22.89 12.44
CA LEU A 145 25.96 22.58 11.44
C LEU A 145 27.34 23.09 11.84
N TYR A 146 27.43 24.33 12.35
CA TYR A 146 28.72 24.93 12.70
C TYR A 146 29.16 24.70 14.15
N GLN A 147 28.25 24.24 15.00
CA GLN A 147 28.58 23.94 16.39
C GLN A 147 28.87 22.45 16.61
N SER A 148 28.22 21.58 15.84
CA SER A 148 28.37 20.13 16.00
C SER A 148 29.04 19.50 14.79
N ILE A 149 28.37 19.55 13.64
CA ILE A 149 28.79 18.80 12.47
C ILE A 149 30.13 19.23 11.90
N LEU A 150 30.26 20.51 11.57
CA LEU A 150 31.48 21.03 10.91
C LEU A 150 32.75 20.84 11.75
N PRO A 151 32.71 21.23 13.03
CA PRO A 151 33.88 20.94 13.86
C PRO A 151 34.11 19.43 14.08
N ASP A 152 33.04 18.63 14.06
CA ASP A 152 33.18 17.18 14.16
C ASP A 152 33.78 16.59 12.89
N VAL A 154 35.84 18.32 10.86
CA VAL A 154 37.25 18.74 10.87
C VAL A 154 38.12 17.82 11.73
N LYS A 155 37.59 17.35 12.86
CA LYS A 155 38.33 16.41 13.71
C LYS A 155 38.67 15.12 12.97
N ILE A 156 37.68 14.53 12.30
CA ILE A 156 37.92 13.28 11.58
C ILE A 156 38.74 13.52 10.31
N ALA A 157 38.62 14.71 9.73
CA ALA A 157 39.44 15.10 8.59
C ALA A 157 40.90 15.21 8.99
N LEU A 158 41.16 15.84 10.13
CA LEU A 158 42.54 15.96 10.63
C LEU A 158 43.05 14.70 11.35
N CYS A 159 42.15 13.78 11.69
CA CYS A 159 42.58 12.46 12.19
C CYS A 159 43.09 11.53 11.07
N LEU A 160 42.96 11.96 9.81
CA LEU A 160 43.33 11.15 8.65
C LEU A 160 44.63 10.35 8.85
N PRO A 161 45.73 11.04 9.19
CA PRO A 161 46.99 10.31 9.26
C PRO A 161 47.05 9.27 10.39
N ASN A 162 46.15 9.37 11.36
CA ASN A 162 46.04 8.35 12.39
C ASN A 162 45.10 7.22 11.98
N ILE A 163 44.18 7.52 11.05
CA ILE A 163 43.17 6.55 10.60
C ILE A 163 43.52 5.85 9.26
N CYS A 164 43.93 6.63 8.25
CA CYS A 164 44.39 6.06 6.97
C CYS A 164 45.91 5.96 6.99
N THR A 165 46.41 5.02 7.77
CA THR A 165 47.83 4.91 8.02
C THR A 165 48.59 4.09 6.97
N GLN A 166 47.86 3.42 6.09
CA GLN A 166 48.47 2.63 5.01
C GLN A 166 48.24 3.33 3.69
N PRO A 167 49.31 3.58 2.91
CA PRO A 167 49.12 4.22 1.61
C PRO A 167 48.05 3.49 0.79
N ILE A 168 47.30 4.24 0.00
CA ILE A 168 46.21 3.70 -0.76
C ILE A 168 46.59 3.61 -2.22
N PRO A 169 46.65 2.39 -2.79
CA PRO A 169 47.04 2.25 -4.18
C PRO A 169 46.02 2.87 -5.14
N LEU A 170 46.51 3.38 -6.26
CA LEU A 170 45.63 3.80 -7.34
C LEU A 170 45.23 2.56 -8.13
N LEU A 171 43.94 2.42 -8.39
CA LEU A 171 43.46 1.38 -9.30
C LEU A 171 43.53 1.91 -10.75
N LYS A 172 44.64 1.60 -11.41
CA LYS A 172 44.92 2.05 -12.77
C LYS A 172 44.37 1.07 -13.79
N GLN A 173 44.23 1.54 -15.03
CA GLN A 173 43.68 0.73 -16.10
C GLN A 173 44.53 -0.53 -16.23
N LYS A 174 43.86 -1.67 -16.40
CA LYS A 174 44.50 -2.97 -16.61
C LYS A 174 44.83 -3.70 -15.29
N ASN A 176 44.05 -5.67 -12.02
CA ASN A 176 43.01 -6.46 -11.38
C ASN A 176 43.27 -6.56 -9.87
N HIS A 177 42.77 -5.60 -9.11
CA HIS A 177 43.16 -5.41 -7.71
C HIS A 177 41.99 -4.95 -6.84
N SER A 178 42.02 -5.36 -5.57
CA SER A 178 40.98 -4.99 -4.61
C SER A 178 41.60 -4.16 -3.49
N VAL A 179 40.86 -3.16 -3.03
CA VAL A 179 41.23 -2.48 -1.78
C VAL A 179 40.07 -2.56 -0.82
N THR A 180 40.32 -3.14 0.35
CA THR A 180 39.32 -3.21 1.40
C THR A 180 39.72 -2.34 2.57
N SER A 182 38.00 0.46 5.94
CA SER A 182 36.94 0.63 6.93
C SER A 182 36.02 1.78 6.52
N GLN A 183 34.77 1.73 6.95
CA GLN A 183 33.83 2.84 6.75
C GLN A 183 34.33 4.10 7.47
N GLU A 184 34.99 3.88 8.59
CA GLU A 184 35.59 4.97 9.36
C GLU A 184 36.71 5.63 8.56
N GLN A 185 37.52 4.82 7.89
CA GLN A 185 38.56 5.35 7.00
C GLN A 185 37.94 6.12 5.82
N ILE A 186 36.84 5.59 5.27
CA ILE A 186 36.18 6.25 4.15
C ILE A 186 35.72 7.63 4.60
N ALA A 187 35.05 7.68 5.75
CA ALA A 187 34.60 8.92 6.36
C ALA A 187 35.68 10.01 6.38
N SER A 188 36.83 9.68 6.96
CA SER A 188 37.91 10.65 7.09
C SER A 188 38.36 11.18 5.73
N LEU A 189 38.44 10.29 4.75
CA LEU A 189 38.79 10.67 3.38
C LEU A 189 37.77 11.65 2.81
N LEU A 190 36.50 11.27 2.83
CA LEU A 190 35.44 12.10 2.28
C LEU A 190 35.36 13.45 2.98
N ALA A 191 35.64 13.46 4.27
CA ALA A 191 35.73 14.70 5.04
C ALA A 191 36.79 15.60 4.43
N ASN A 192 37.97 15.03 4.13
CA ASN A 192 39.02 15.79 3.44
C ASN A 192 38.58 16.34 2.07
N ALA A 193 37.91 15.50 1.28
CA ALA A 193 37.30 15.91 0.01
C ALA A 193 36.38 17.13 0.15
N PHE A 194 35.50 17.08 1.16
CA PHE A 194 34.62 18.20 1.45
C PHE A 194 35.38 19.51 1.59
N PHE A 195 36.40 19.50 2.43
CA PHE A 195 37.24 20.69 2.66
C PHE A 195 38.34 20.87 1.59
N CYS A 196 38.34 20.01 0.57
CA CYS A 196 39.18 20.18 -0.62
C CYS A 196 40.68 20.16 -0.33
N THR A 197 41.14 19.15 0.43
CA THR A 197 42.54 19.12 0.87
C THR A 197 43.44 18.24 0.01
N PHE A 198 42.86 17.39 -0.84
CA PHE A 198 43.64 16.51 -1.68
C PHE A 198 44.45 17.31 -2.69
N PRO A 199 45.79 17.23 -2.59
CA PRO A 199 46.67 18.04 -3.43
C PRO A 199 46.75 17.53 -4.87
N ARG A 200 47.00 18.46 -5.80
CA ARG A 200 47.20 18.14 -7.22
C ARG A 200 45.98 17.49 -7.85
N ARG A 201 44.79 17.84 -7.35
CA ARG A 201 43.54 17.27 -7.84
C ARG A 201 42.59 18.28 -8.45
N ASN A 202 43.02 19.53 -8.59
CA ASN A 202 42.13 20.63 -8.98
C ASN A 202 42.50 21.36 -10.28
N ALA A 203 43.65 21.04 -10.85
CA ALA A 203 44.13 21.71 -12.06
C ALA A 203 43.29 21.33 -13.28
N LYS A 204 43.47 22.06 -14.37
CA LYS A 204 42.82 21.73 -15.64
C LYS A 204 43.83 21.18 -16.64
N MET A 205 44.90 21.95 -16.89
CA MET A 205 46.04 21.46 -17.66
C MET A 205 46.38 20.06 -17.15
N LYS A 206 46.31 19.92 -15.82
CA LYS A 206 46.55 18.69 -15.08
C LYS A 206 47.82 17.93 -15.43
N SER A 207 48.27 17.15 -14.45
CA SER A 207 49.46 16.35 -14.59
C SER A 207 48.99 14.91 -14.41
N GLU A 208 49.59 14.19 -13.47
CA GLU A 208 49.13 12.87 -13.04
C GLU A 208 47.66 12.55 -13.21
N TYR A 209 46.78 13.44 -12.74
CA TYR A 209 45.40 13.07 -12.45
C TYR A 209 44.36 13.49 -13.49
N SER A 210 44.80 13.64 -14.75
CA SER A 210 43.91 14.01 -15.85
C SER A 210 42.96 12.87 -16.17
N SER A 211 43.43 11.64 -15.96
CA SER A 211 42.65 10.45 -16.23
C SER A 211 41.89 9.92 -15.00
N TYR A 212 41.80 10.74 -13.95
CA TYR A 212 41.01 10.42 -12.74
C TYR A 212 39.91 11.46 -12.53
N PRO A 213 38.77 11.04 -11.94
CA PRO A 213 37.69 12.01 -11.71
C PRO A 213 38.01 13.04 -10.61
N ASP A 214 37.20 14.10 -10.53
CA ASP A 214 37.30 15.05 -9.41
C ASP A 214 37.09 14.29 -8.11
N ILE A 215 37.79 14.69 -7.06
CA ILE A 215 37.52 14.18 -5.73
C ILE A 215 37.18 15.31 -4.76
N ASN A 216 37.87 16.44 -4.89
CA ASN A 216 37.54 17.59 -4.07
C ASN A 216 36.11 18.03 -4.36
N PHE A 217 35.39 18.46 -3.32
CA PHE A 217 33.96 18.78 -3.41
C PHE A 217 33.73 20.24 -3.77
N ASN A 218 34.70 20.90 -4.40
CA ASN A 218 34.56 22.34 -4.65
C ASN A 218 33.32 22.68 -5.48
N ARG A 219 33.17 22.01 -6.62
CA ARG A 219 32.04 22.27 -7.53
C ARG A 219 30.65 22.12 -6.90
N LEU A 220 30.58 21.50 -5.72
CA LEU A 220 29.32 21.35 -5.00
C LEU A 220 28.85 22.68 -4.42
N PHE A 221 29.78 23.61 -4.21
CA PHE A 221 29.48 24.94 -3.68
C PHE A 221 29.22 25.99 -4.77
N GLU A 222 29.20 25.59 -6.04
CA GLU A 222 29.05 26.52 -7.19
C GLU A 222 27.60 26.90 -7.53
N GLY A 223 27.40 28.17 -7.90
CA GLY A 223 26.22 28.62 -8.65
C GLY A 223 24.85 28.51 -7.98
N ARG A 224 23.82 28.78 -8.79
CA ARG A 224 22.43 28.83 -8.33
C ARG A 224 21.58 27.73 -8.97
N SER A 225 22.04 26.49 -8.82
CA SER A 225 21.22 25.31 -9.05
C SER A 225 20.39 25.10 -7.80
N SER A 226 19.11 24.77 -7.96
CA SER A 226 18.22 24.56 -6.82
C SER A 226 18.40 23.16 -6.22
N ARG A 227 19.02 22.26 -6.98
CA ARG A 227 19.33 20.92 -6.50
C ARG A 227 20.56 20.91 -5.61
N LYS A 228 21.42 21.92 -5.75
CA LYS A 228 22.70 21.92 -5.05
C LYS A 228 22.55 21.75 -3.53
N PRO A 229 21.58 22.46 -2.91
CA PRO A 229 21.30 22.28 -1.48
C PRO A 229 20.87 20.86 -1.07
N GLU A 230 20.07 20.21 -1.90
CA GLU A 230 19.55 18.88 -1.59
C GLU A 230 20.70 17.85 -1.53
N LYS A 231 21.69 18.01 -2.41
CA LYS A 231 22.91 17.21 -2.32
C LYS A 231 23.62 17.47 -1.00
N LEU A 232 23.75 18.75 -0.65
CA LEU A 232 24.39 19.15 0.60
C LEU A 232 23.66 18.59 1.80
N LYS A 233 22.33 18.58 1.75
CA LYS A 233 21.55 17.90 2.79
C LYS A 233 21.89 16.42 2.84
N THR A 234 21.97 15.78 1.67
CA THR A 234 22.22 14.34 1.58
C THR A 234 23.58 13.95 2.14
N LEU A 235 24.62 14.72 1.81
CA LEU A 235 25.96 14.43 2.32
C LEU A 235 26.12 14.77 3.80
N PHE A 236 25.43 15.82 4.26
CA PHE A 236 25.50 16.21 5.68
C PHE A 236 24.81 15.18 6.57
N CYS A 237 23.70 14.62 6.08
CA CYS A 237 23.04 13.49 6.74
C CYS A 237 24.04 12.36 7.01
N TYR A 238 24.85 12.06 6.00
CA TYR A 238 25.91 11.08 6.12
C TYR A 238 27.02 11.55 7.05
N PHE A 239 27.45 12.80 6.88
CA PHE A 239 28.53 13.33 7.71
C PHE A 239 28.09 13.44 9.17
N ARG A 240 26.79 13.58 9.41
CA ARG A 240 26.24 13.62 10.77
C ARG A 240 26.33 12.25 11.42
N ARG A 241 25.84 11.23 10.74
CA ARG A 241 25.73 9.90 11.32
C ARG A 241 27.08 9.36 11.76
N VAL A 242 28.06 9.43 10.86
CA VAL A 242 29.37 8.85 11.10
C VAL A 242 30.22 9.63 12.11
N THR A 243 29.93 10.92 12.28
CA THR A 243 30.56 11.72 13.34
C THR A 243 29.94 11.43 14.70
N GLU A 244 28.61 11.39 14.76
CA GLU A 244 27.90 11.09 15.99
C GLU A 244 28.07 9.62 16.38
N LYS A 245 27.91 8.72 15.42
CA LYS A 245 28.11 7.28 15.65
C LYS A 245 29.00 6.68 14.58
N LYS A 246 30.23 6.35 14.97
CA LYS A 246 31.18 5.69 14.08
C LYS A 246 30.64 4.33 13.59
N PRO A 247 30.68 4.10 12.26
CA PRO A 247 30.25 2.83 11.72
C PRO A 247 31.39 1.80 11.76
N THR A 248 31.05 0.53 11.73
CA THR A 248 32.02 -0.52 12.04
C THR A 248 32.30 -1.50 10.89
N GLY A 249 31.75 -1.24 9.72
CA GLY A 249 31.85 -2.20 8.62
C GLY A 249 33.05 -1.99 7.72
N LEU A 250 33.27 -2.96 6.84
CA LEU A 250 34.31 -2.85 5.82
C LEU A 250 33.66 -2.69 4.45
N VAL A 251 34.44 -2.17 3.51
CA VAL A 251 34.00 -1.97 2.13
C VAL A 251 35.13 -2.39 1.18
N THR A 252 34.80 -3.09 0.11
CA THR A 252 35.78 -3.55 -0.85
C THR A 252 35.54 -2.87 -2.17
N PHE A 253 36.59 -2.31 -2.75
CA PHE A 253 36.55 -1.71 -4.07
C PHE A 253 37.42 -2.59 -4.92
N THR A 254 36.84 -3.19 -5.95
CA THR A 254 37.55 -4.12 -6.77
C THR A 254 37.49 -3.63 -8.20
N ARG A 255 38.66 -3.42 -8.80
CA ARG A 255 38.72 -3.15 -10.23
C ARG A 255 38.88 -4.50 -10.92
N GLN A 256 38.05 -4.75 -11.93
CA GLN A 256 38.15 -5.97 -12.71
C GLN A 256 38.29 -5.62 -14.18
N SER A 257 39.22 -6.29 -14.85
CA SER A 257 39.54 -6.02 -16.24
C SER A 257 39.80 -7.35 -16.92
N LEU A 258 39.02 -7.65 -17.97
CA LEU A 258 39.22 -8.89 -18.73
C LEU A 258 39.94 -8.59 -20.05
N GLU A 259 40.83 -9.50 -20.46
CA GLU A 259 41.53 -9.38 -21.74
C GLU A 259 40.94 -10.28 -22.82
N ASP A 260 40.03 -11.16 -22.44
CA ASP A 260 39.45 -12.12 -23.36
C ASP A 260 37.96 -12.24 -23.13
N PHE A 261 37.20 -12.19 -24.21
CA PHE A 261 35.74 -12.19 -24.13
C PHE A 261 35.12 -13.36 -24.88
N PRO A 262 33.87 -13.72 -24.54
CA PRO A 262 33.20 -14.80 -25.24
C PRO A 262 33.05 -14.51 -26.74
N GLU A 263 33.33 -15.51 -27.56
CA GLU A 263 33.01 -15.45 -28.98
C GLU A 263 31.49 -15.54 -29.07
N TRP A 264 30.83 -14.39 -29.06
CA TRP A 264 29.39 -14.32 -28.88
C TRP A 264 28.59 -15.05 -29.95
N GLU A 265 29.13 -15.13 -31.17
CA GLU A 265 28.44 -15.79 -32.28
C GLU A 265 28.30 -17.28 -31.99
N ARG A 266 29.35 -17.88 -31.43
CA ARG A 266 29.42 -19.32 -31.25
C ARG A 266 29.19 -19.77 -29.80
N CYS A 267 28.62 -18.89 -28.98
CA CYS A 267 28.39 -19.21 -27.56
C CYS A 267 27.19 -20.13 -27.42
N GLU A 268 27.36 -21.18 -26.63
CA GLU A 268 26.37 -22.26 -26.54
C GLU A 268 25.59 -22.26 -25.22
N LYS A 269 25.70 -21.19 -24.44
CA LYS A 269 25.07 -21.15 -23.12
C LYS A 269 23.61 -20.70 -23.23
N PRO A 270 22.71 -21.32 -22.43
CA PRO A 270 21.30 -20.98 -22.51
C PRO A 270 20.94 -19.75 -21.69
N LEU A 271 19.82 -19.11 -22.05
CA LEU A 271 19.28 -17.97 -21.29
C LEU A 271 18.80 -18.40 -19.90
N THR A 272 19.01 -17.51 -18.94
CA THR A 272 18.64 -17.74 -17.55
C THR A 272 17.24 -17.18 -17.28
N ARG A 273 16.85 -17.12 -16.01
CA ARG A 273 15.51 -16.69 -15.60
C ARG A 273 15.42 -15.17 -15.52
N LEU A 274 14.22 -14.64 -15.75
CA LEU A 274 13.96 -13.20 -15.71
C LEU A 274 12.82 -12.88 -14.73
N HIS A 275 12.98 -11.75 -14.03
CA HIS A 275 11.86 -11.09 -13.35
C HIS A 275 11.86 -9.65 -13.83
N VAL A 276 10.75 -9.20 -14.39
CA VAL A 276 10.64 -7.82 -14.85
C VAL A 276 9.45 -7.13 -14.20
N THR A 277 9.61 -5.85 -13.87
CA THR A 277 8.57 -5.06 -13.25
C THR A 277 8.75 -3.57 -13.53
N TYR A 278 7.64 -2.85 -13.69
CA TYR A 278 7.69 -1.40 -13.85
C TYR A 278 7.54 -0.70 -12.51
N GLU A 279 7.38 -1.49 -11.45
CA GLU A 279 7.30 -0.97 -10.10
C GLU A 279 8.63 -1.20 -9.40
N GLY A 280 9.12 -0.17 -8.70
CA GLY A 280 10.31 -0.30 -7.87
C GLY A 280 11.59 0.21 -8.50
N THR A 281 12.66 0.22 -7.72
CA THR A 281 13.97 0.66 -8.17
C THR A 281 15.05 -0.33 -7.75
N ILE A 282 16.19 -0.26 -8.43
CA ILE A 282 17.30 -1.20 -8.20
C ILE A 282 17.68 -1.26 -6.72
N GLU A 283 17.86 -0.09 -6.13
CA GLU A 283 18.27 0.02 -4.74
C GLU A 283 17.18 -0.43 -3.76
N GLY A 284 15.93 -0.08 -4.06
CA GLY A 284 14.82 -0.40 -3.18
C GLY A 284 14.43 -1.86 -3.18
N ASN A 285 14.30 -2.43 -4.37
CA ASN A 285 13.76 -3.77 -4.52
C ASN A 285 14.74 -4.78 -5.12
N GLY A 286 16.01 -4.42 -5.19
CA GLY A 286 17.06 -5.35 -5.61
C GLY A 286 17.93 -5.72 -4.43
N ARG A 287 17.31 -5.77 -3.26
CA ARG A 287 18.04 -5.96 -2.00
C ARG A 287 18.81 -7.28 -2.00
N GLY A 288 20.10 -7.21 -1.67
CA GLY A 288 20.97 -8.38 -1.65
C GLY A 288 21.25 -9.00 -3.02
N LEU A 290 23.06 -8.25 -7.13
CA LEU A 290 24.07 -7.44 -7.79
C LEU A 290 23.41 -6.23 -8.44
N GLN A 291 23.63 -5.07 -7.87
CA GLN A 291 22.95 -3.87 -8.32
C GLN A 291 23.83 -3.12 -9.30
N VAL A 292 23.35 -2.92 -10.51
CA VAL A 292 24.11 -2.21 -11.53
C VAL A 292 23.99 -0.68 -11.38
N ASP A 293 25.13 0.01 -11.44
CA ASP A 293 25.16 1.47 -11.48
C ASP A 293 25.52 1.87 -12.91
N PHE A 294 24.72 2.74 -13.52
CA PHE A 294 24.90 3.15 -14.90
C PHE A 294 25.91 4.29 -14.97
N ALA A 295 27.18 3.93 -15.00
CA ALA A 295 28.26 4.87 -14.79
C ALA A 295 28.68 5.68 -16.00
N ASN A 296 29.42 6.74 -15.69
CA ASN A 296 30.33 7.39 -16.61
C ASN A 296 31.65 6.64 -16.47
N ARG A 297 32.51 6.70 -17.48
CA ARG A 297 33.80 6.01 -17.41
C ARG A 297 34.71 6.61 -16.33
N PHE A 298 34.48 7.88 -16.02
CA PHE A 298 34.96 8.50 -14.80
C PHE A 298 33.91 8.24 -13.74
N VAL A 299 34.12 7.19 -12.96
CA VAL A 299 33.07 6.68 -12.08
C VAL A 299 32.49 7.75 -11.17
N GLY A 300 31.20 7.63 -10.88
CA GLY A 300 30.48 8.62 -10.11
C GLY A 300 29.92 9.76 -10.93
N GLY A 301 30.43 9.96 -12.13
CA GLY A 301 29.91 10.96 -13.06
C GLY A 301 30.15 12.36 -12.57
N GLY A 302 29.09 13.16 -12.52
CA GLY A 302 29.15 14.52 -11.96
C GLY A 302 28.62 14.66 -10.54
N VAL A 303 28.75 13.63 -9.71
CA VAL A 303 28.26 13.67 -8.33
C VAL A 303 28.74 14.93 -7.57
N THR A 304 30.02 15.25 -7.71
CA THR A 304 30.60 16.45 -7.11
C THR A 304 30.05 17.73 -7.76
N GLY A 305 29.82 17.67 -9.08
CA GLY A 305 29.38 18.82 -9.86
C GLY A 305 27.88 18.92 -10.03
N ALA A 306 27.44 18.80 -11.29
CA ALA A 306 26.05 19.14 -11.67
C ALA A 306 25.22 17.94 -12.12
N GLY A 307 25.73 16.72 -11.94
CA GLY A 307 24.98 15.52 -12.29
C GLY A 307 24.07 15.08 -11.15
N LEU A 308 22.81 14.75 -11.46
CA LEU A 308 21.85 14.24 -10.47
C LEU A 308 20.91 13.17 -11.03
N VAL A 309 21.50 12.21 -11.75
CA VAL A 309 20.76 11.11 -12.37
C VAL A 309 21.10 9.79 -11.64
N GLN A 310 20.69 8.64 -12.18
CA GLN A 310 20.77 7.35 -11.46
C GLN A 310 22.07 7.13 -10.68
N GLU A 311 23.21 7.23 -11.38
CA GLU A 311 24.51 7.01 -10.73
C GLU A 311 24.73 8.00 -9.61
N GLU A 312 24.60 9.29 -9.94
CA GLU A 312 24.86 10.33 -8.95
C GLU A 312 23.94 10.23 -7.74
N ILE A 313 22.68 9.86 -7.96
CA ILE A 313 21.76 9.65 -6.84
C ILE A 313 22.30 8.49 -6.01
N ARG A 314 22.65 7.40 -6.68
CA ARG A 314 23.20 6.24 -6.01
C ARG A 314 24.48 6.57 -5.22
N PHE A 315 25.37 7.37 -5.82
CA PHE A 315 26.55 7.86 -5.10
C PHE A 315 26.20 8.77 -3.92
N LEU A 316 25.07 9.48 -3.97
CA LEU A 316 24.71 10.37 -2.86
C LEU A 316 24.05 9.60 -1.72
N ILE A 317 23.16 8.67 -2.03
CA ILE A 317 22.49 7.90 -0.98
C ILE A 317 23.37 6.79 -0.41
N ASN A 318 24.46 6.48 -1.11
CA ASN A 318 25.52 5.61 -0.63
C ASN A 318 26.85 6.36 -0.79
N PRO A 319 27.05 7.42 0.01
CA PRO A 319 28.18 8.33 -0.19
C PRO A 319 29.56 7.69 -0.10
N GLU A 320 29.67 6.52 0.53
CA GLU A 320 30.93 5.78 0.53
C GLU A 320 31.38 5.37 -0.88
N LEU A 321 30.46 5.31 -1.84
CA LEU A 321 30.84 5.08 -3.25
C LEU A 321 31.75 6.18 -3.79
N ILE A 322 31.51 7.43 -3.37
CA ILE A 322 32.29 8.57 -3.87
C ILE A 322 33.80 8.38 -3.75
N VAL A 323 34.27 7.82 -2.64
CA VAL A 323 35.72 7.75 -2.40
C VAL A 323 36.42 7.03 -3.54
N SER A 324 35.68 6.15 -4.23
CA SER A 324 36.24 5.45 -5.36
C SER A 324 36.87 6.40 -6.35
N ARG A 325 36.37 7.65 -6.39
CA ARG A 325 36.90 8.68 -7.29
C ARG A 325 38.36 9.07 -6.96
N LEU A 326 38.72 8.93 -5.70
CA LEU A 326 40.07 9.22 -5.23
C LEU A 326 41.12 8.30 -5.84
N PHE A 327 40.76 7.06 -6.14
CA PHE A 327 41.76 6.08 -6.59
C PHE A 327 41.41 5.25 -7.85
N THR A 328 40.27 5.50 -8.47
CA THR A 328 39.85 4.71 -9.60
C THR A 328 40.02 5.50 -10.91
N GLU A 329 40.95 5.05 -11.73
CA GLU A 329 41.21 5.67 -13.01
C GLU A 329 40.08 5.39 -13.98
N VAL A 330 39.93 6.26 -14.97
CA VAL A 330 38.85 6.09 -15.93
C VAL A 330 38.83 4.68 -16.49
N LEU A 331 37.65 4.05 -16.46
CA LEU A 331 37.46 2.70 -16.96
C LEU A 331 37.60 2.62 -18.47
N ASP A 332 38.43 1.69 -18.93
CA ASP A 332 38.52 1.32 -20.33
C ASP A 332 37.35 0.40 -20.72
N HIS A 333 37.21 0.16 -22.02
CA HIS A 333 36.12 -0.63 -22.56
C HIS A 333 35.95 -2.00 -21.91
N ASN A 334 37.03 -2.57 -21.41
CA ASN A 334 36.98 -3.91 -20.82
C ASN A 334 36.96 -3.94 -19.29
N GLU A 335 36.50 -2.88 -18.64
CA GLU A 335 36.67 -2.74 -17.19
C GLU A 335 35.41 -2.34 -16.42
N CYS A 336 35.35 -2.71 -15.15
CA CYS A 336 34.28 -2.29 -14.26
C CYS A 336 34.83 -2.15 -12.84
N LEU A 337 34.04 -1.55 -11.97
CA LEU A 337 34.43 -1.39 -10.58
C LEU A 337 33.35 -2.02 -9.78
N ILE A 338 33.69 -2.99 -8.95
CA ILE A 338 32.72 -3.68 -8.10
C ILE A 338 32.91 -3.13 -6.71
N ILE A 339 31.84 -2.65 -6.10
CA ILE A 339 31.88 -2.15 -4.72
C ILE A 339 30.98 -2.97 -3.85
N THR A 340 31.52 -3.53 -2.79
CA THR A 340 30.78 -4.43 -1.91
C THR A 340 30.78 -3.86 -0.51
N GLY A 341 29.58 -3.67 0.06
CA GLY A 341 29.44 -3.29 1.46
C GLY A 341 29.10 -1.84 1.79
N THR A 342 28.84 -1.01 0.79
CA THR A 342 28.47 0.38 1.08
C THR A 342 27.09 0.43 1.71
N GLU A 343 26.87 1.44 2.53
CA GLU A 343 25.68 1.57 3.35
C GLU A 343 24.86 2.74 2.86
N GLN A 344 23.55 2.63 3.04
CA GLN A 344 22.62 3.65 2.57
C GLN A 344 22.24 4.54 3.75
N TYR A 345 22.61 5.82 3.67
CA TYR A 345 22.39 6.77 4.76
C TYR A 345 21.25 7.77 4.51
N SER A 346 20.63 7.71 3.34
CA SER A 346 19.57 8.65 2.97
C SER A 346 18.53 8.00 2.06
N GLU A 347 17.31 8.55 2.07
CA GLU A 347 16.26 8.19 1.11
C GLU A 347 15.91 9.41 0.27
N TYR A 348 15.32 9.19 -0.91
CA TYR A 348 15.05 10.31 -1.83
C TYR A 348 13.74 10.17 -2.57
N THR A 349 13.04 11.29 -2.71
CA THR A 349 11.97 11.42 -3.69
C THR A 349 12.56 12.07 -4.95
N GLY A 350 11.83 11.97 -6.06
CA GLY A 350 12.16 12.73 -7.27
C GLY A 350 13.30 12.20 -8.11
N TYR A 351 13.71 13.01 -9.08
CA TYR A 351 14.74 12.63 -10.04
C TYR A 351 15.27 13.87 -10.73
N ALA A 352 16.60 14.00 -10.77
CA ALA A 352 17.27 15.11 -11.44
C ALA A 352 16.84 16.45 -10.87
N GLU A 353 16.13 17.25 -11.66
CA GLU A 353 15.67 18.55 -11.22
C GLU A 353 14.60 18.46 -10.12
N THR A 354 13.97 17.30 -9.98
CA THR A 354 12.92 17.11 -8.98
C THR A 354 13.43 16.36 -7.76
N TYR A 355 14.71 16.02 -7.74
CA TYR A 355 15.31 15.27 -6.63
C TYR A 355 15.23 16.06 -5.32
N ARG A 356 14.78 15.37 -4.28
CA ARG A 356 14.76 15.91 -2.93
C ARG A 356 15.38 14.93 -1.96
N TRP A 357 16.02 15.47 -0.92
CA TRP A 357 16.41 14.66 0.23
C TRP A 357 15.16 14.43 1.06
N ALA A 358 14.85 13.16 1.33
CA ALA A 358 13.69 12.79 2.13
C ALA A 358 14.09 11.68 3.08
N ARG A 359 14.35 12.03 4.34
CA ARG A 359 14.57 11.06 5.41
C ARG A 359 15.99 10.50 5.50
N SER A 360 16.41 10.24 6.73
CA SER A 360 17.61 9.47 7.02
C SER A 360 17.22 7.98 6.94
N HIS A 361 18.01 7.19 6.24
CA HIS A 361 17.69 5.78 6.03
C HIS A 361 18.47 4.89 6.99
N GLU A 362 17.75 4.01 7.70
CA GLU A 362 18.37 3.04 8.59
C GLU A 362 18.52 1.72 7.84
N ASP A 363 19.75 1.38 7.50
CA ASP A 363 20.05 0.17 6.75
C ASP A 363 20.11 -1.03 7.70
N GLY A 364 19.36 -2.08 7.35
CA GLY A 364 19.34 -3.32 8.16
C GLY A 364 19.77 -4.54 7.37
N SER A 365 20.78 -4.36 6.51
CA SER A 365 21.28 -5.46 5.69
C SER A 365 22.32 -6.24 6.46
N GLU A 366 22.31 -7.56 6.30
CA GLU A 366 23.23 -8.45 7.00
C GLU A 366 24.65 -8.30 6.44
N LYS A 367 25.63 -8.27 7.33
CA LYS A 367 27.03 -8.19 6.93
C LYS A 367 27.62 -9.59 6.81
N ASP A 368 28.54 -9.76 5.86
CA ASP A 368 29.17 -11.05 5.59
C ASP A 368 30.30 -11.36 6.59
N ASP A 369 31.06 -12.42 6.35
CA ASP A 369 32.14 -12.82 7.26
C ASP A 369 33.33 -11.86 7.33
N TRP A 370 33.41 -10.91 6.39
CA TRP A 370 34.41 -9.84 6.44
C TRP A 370 33.80 -8.53 6.96
N GLN A 371 32.59 -8.60 7.51
CA GLN A 371 31.89 -7.43 8.03
C GLN A 371 31.58 -6.38 6.97
N ARG A 372 31.31 -6.83 5.75
CA ARG A 372 30.80 -5.96 4.71
C ARG A 372 29.33 -6.22 4.62
N ARG A 373 28.56 -5.14 4.47
CA ARG A 373 27.12 -5.26 4.23
C ARG A 373 26.89 -6.03 2.93
N CYS A 374 25.82 -6.81 2.85
CA CYS A 374 25.56 -7.58 1.62
C CYS A 374 24.84 -6.73 0.59
N THR A 375 25.51 -5.65 0.22
CA THR A 375 25.12 -4.83 -0.92
C THR A 375 26.31 -4.83 -1.83
N GLU A 376 26.12 -5.32 -3.06
CA GLU A 376 27.18 -5.32 -4.07
C GLU A 376 26.73 -4.47 -5.25
N ILE A 377 27.50 -3.43 -5.57
CA ILE A 377 27.19 -2.52 -6.66
C ILE A 377 28.29 -2.60 -7.71
N VAL A 378 27.93 -2.63 -8.98
CA VAL A 378 28.93 -2.66 -10.03
C VAL A 378 28.72 -1.51 -11.00
N ALA A 379 29.75 -0.69 -11.19
CA ALA A 379 29.72 0.39 -12.15
C ALA A 379 30.10 -0.12 -13.52
N ILE A 380 29.20 0.01 -14.50
CA ILE A 380 29.52 -0.25 -15.89
C ILE A 380 28.99 0.87 -16.77
N ASP A 381 29.87 1.48 -17.55
CA ASP A 381 29.48 2.61 -18.39
C ASP A 381 29.00 2.13 -19.75
N ALA A 382 27.73 2.41 -20.06
CA ALA A 382 27.23 2.29 -21.44
C ALA A 382 27.97 3.29 -22.30
N LEU A 383 27.85 3.15 -23.60
CA LEU A 383 28.32 4.16 -24.56
C LEU A 383 27.30 5.28 -24.71
N HIS A 384 27.77 6.47 -25.08
CA HIS A 384 26.91 7.63 -25.25
C HIS A 384 26.67 7.84 -26.74
N PHE A 385 25.40 7.74 -27.15
CA PHE A 385 25.06 7.78 -28.56
C PHE A 385 24.51 9.14 -28.99
N ARG A 386 25.26 9.83 -29.85
CA ARG A 386 24.78 11.03 -30.55
C ARG A 386 23.50 10.72 -31.31
N ARG A 387 23.58 9.69 -32.14
CA ARG A 387 22.48 9.29 -33.02
C ARG A 387 21.91 7.97 -32.54
N TYR A 388 20.66 7.70 -32.92
CA TYR A 388 19.96 6.49 -32.49
C TYR A 388 20.56 5.21 -33.08
N LEU A 389 20.57 5.12 -34.40
CA LEU A 389 20.93 3.87 -35.11
C LEU A 389 22.33 3.33 -34.83
N ASP A 390 23.26 4.18 -34.41
CA ASP A 390 24.66 3.76 -34.18
C ASP A 390 24.84 2.52 -33.27
N GLN A 391 23.91 2.29 -32.35
CA GLN A 391 24.05 1.19 -31.40
C GLN A 391 23.85 -0.21 -31.98
N PHE A 392 23.23 -0.30 -33.15
CA PHE A 392 22.95 -1.60 -33.74
C PHE A 392 24.14 -2.16 -34.53
N VAL A 393 25.20 -1.36 -34.68
CA VAL A 393 26.41 -1.81 -35.34
C VAL A 393 27.07 -2.88 -34.48
N PRO A 394 27.37 -4.06 -35.06
CA PRO A 394 27.92 -5.18 -34.29
C PRO A 394 28.95 -4.75 -33.27
N GLU A 395 29.95 -3.99 -33.71
CA GLU A 395 30.99 -3.44 -32.85
C GLU A 395 30.40 -2.89 -31.56
N LYS A 396 29.37 -2.06 -31.68
CA LYS A 396 28.78 -1.40 -30.52
C LYS A 396 27.95 -2.38 -29.73
N VAL A 397 27.27 -3.30 -30.41
CA VAL A 397 26.56 -4.36 -29.70
C VAL A 397 27.55 -5.24 -28.93
N ARG A 398 28.67 -5.54 -29.55
CA ARG A 398 29.70 -6.38 -28.93
C ARG A 398 30.33 -5.68 -27.74
N ARG A 399 30.61 -4.39 -27.88
CA ARG A 399 31.23 -3.62 -26.80
C ARG A 399 30.38 -3.72 -25.55
N GLU A 400 29.08 -3.43 -25.72
CA GLU A 400 28.14 -3.38 -24.60
C GLU A 400 27.91 -4.76 -23.96
N LEU A 401 27.86 -5.79 -24.79
CA LEU A 401 27.89 -7.17 -24.28
C LEU A 401 29.12 -7.40 -23.40
N ASN A 402 30.29 -6.98 -23.87
CA ASN A 402 31.53 -7.18 -23.14
C ASN A 402 31.59 -6.38 -21.83
N LYS A 403 31.16 -5.13 -21.86
CA LYS A 403 31.13 -4.31 -20.66
C LYS A 403 30.22 -4.97 -19.62
N ALA A 404 28.98 -5.28 -19.99
CA ALA A 404 28.04 -5.89 -19.06
C ALA A 404 28.56 -7.24 -18.53
N TYR A 405 29.06 -8.08 -19.43
CA TYR A 405 29.60 -9.39 -19.05
C TYR A 405 30.71 -9.22 -18.01
N CYS A 406 31.66 -8.33 -18.28
CA CYS A 406 32.66 -7.97 -17.26
C CYS A 406 31.98 -7.56 -15.96
N GLY A 407 30.96 -6.72 -16.10
CA GLY A 407 30.17 -6.27 -14.95
C GLY A 407 29.61 -7.41 -14.13
N PHE A 408 29.18 -8.47 -14.81
CA PHE A 408 28.53 -9.61 -14.17
C PHE A 408 29.45 -10.78 -13.82
N LEU A 409 30.61 -10.86 -14.45
CA LEU A 409 31.44 -12.05 -14.30
C LEU A 409 32.18 -12.03 -12.97
N ARG A 410 32.11 -13.16 -12.26
CA ARG A 410 32.89 -13.37 -11.07
C ARG A 410 33.78 -14.58 -11.34
N PRO A 411 34.94 -14.35 -11.96
CA PRO A 411 35.78 -15.47 -12.35
C PRO A 411 36.01 -16.40 -11.17
N GLY A 412 35.89 -17.70 -11.41
CA GLY A 412 36.16 -18.71 -10.37
C GLY A 412 35.11 -18.75 -9.27
N VAL A 413 33.90 -18.31 -9.59
CA VAL A 413 32.77 -18.37 -8.65
C VAL A 413 31.65 -19.23 -9.25
N PRO A 414 31.29 -20.34 -8.59
CA PRO A 414 30.16 -21.15 -9.03
C PRO A 414 28.86 -20.35 -9.12
N SER A 415 28.07 -20.62 -10.17
CA SER A 415 26.86 -19.84 -10.46
C SER A 415 25.84 -19.92 -9.35
N GLU A 416 25.62 -21.14 -8.84
CA GLU A 416 24.73 -21.37 -7.70
C GLU A 416 25.03 -20.51 -6.45
N ASN A 417 26.17 -19.80 -6.46
CA ASN A 417 26.51 -18.80 -5.44
C ASN A 417 26.43 -17.33 -5.93
N LEU A 418 26.26 -17.12 -7.23
CA LEU A 418 26.00 -15.78 -7.76
C LEU A 418 24.54 -15.39 -7.50
N SER A 419 24.32 -14.23 -6.88
CA SER A 419 22.96 -13.67 -6.78
C SER A 419 22.46 -13.30 -8.17
N ALA A 420 21.22 -12.84 -8.25
CA ALA A 420 20.67 -12.35 -9.49
C ALA A 420 21.15 -10.91 -9.68
N VAL A 421 21.04 -10.41 -10.91
CA VAL A 421 21.50 -9.07 -11.26
C VAL A 421 20.32 -8.10 -11.30
N ALA A 422 20.30 -7.16 -10.37
CA ALA A 422 19.26 -6.13 -10.33
C ALA A 422 19.67 -4.94 -11.20
N THR A 423 19.10 -4.84 -12.40
CA THR A 423 19.46 -3.80 -13.37
C THR A 423 18.20 -3.13 -13.99
N GLY A 424 18.39 -2.27 -14.98
CA GLY A 424 17.30 -1.58 -15.64
C GLY A 424 17.69 -1.00 -16.99
N ASN A 425 17.14 0.17 -17.32
CA ASN A 425 17.36 0.83 -18.62
C ASN A 425 18.78 1.36 -18.81
N TRP A 426 19.77 0.48 -18.67
CA TRP A 426 21.18 0.86 -18.73
C TRP A 426 21.45 1.63 -20.03
N GLY A 427 22.11 2.78 -19.94
CA GLY A 427 22.45 3.58 -21.11
C GLY A 427 21.32 4.28 -21.85
N CYS A 428 20.10 4.28 -21.30
CA CYS A 428 18.91 4.64 -22.07
C CYS A 428 18.21 5.92 -21.62
N GLY A 429 18.91 6.77 -20.89
CA GLY A 429 18.44 8.13 -20.61
C GLY A 429 19.42 9.15 -21.15
N ALA A 430 20.37 9.52 -20.30
CA ALA A 430 21.43 10.47 -20.65
C ALA A 430 22.28 10.00 -21.84
N PHE A 431 22.39 8.69 -22.05
CA PHE A 431 23.29 8.12 -23.05
C PHE A 431 22.61 7.61 -24.33
N GLY A 432 21.34 7.94 -24.50
CA GLY A 432 20.64 7.77 -25.78
C GLY A 432 20.31 6.36 -26.26
N GLY A 433 20.60 5.35 -25.46
CA GLY A 433 20.43 3.97 -25.88
C GLY A 433 18.99 3.50 -26.01
N ASP A 434 18.81 2.37 -26.69
CA ASP A 434 17.50 1.75 -26.86
C ASP A 434 17.26 0.70 -25.77
N ALA A 435 16.19 0.88 -25.01
CA ALA A 435 15.89 0.00 -23.88
C ALA A 435 15.69 -1.45 -24.31
N ARG A 436 15.05 -1.64 -25.46
CA ARG A 436 14.72 -2.97 -25.97
C ARG A 436 15.98 -3.74 -26.43
N LEU A 437 16.92 -3.04 -27.04
CA LEU A 437 18.22 -3.66 -27.37
C LEU A 437 19.04 -3.95 -26.10
N LYS A 438 19.23 -2.91 -25.28
CA LYS A 438 20.08 -3.02 -24.10
C LYS A 438 19.54 -4.03 -23.08
N ALA A 439 18.23 -4.20 -23.04
CA ALA A 439 17.64 -5.23 -22.19
C ALA A 439 18.17 -6.57 -22.67
N LEU A 440 17.93 -6.84 -23.93
CA LEU A 440 18.34 -8.11 -24.54
C LEU A 440 19.85 -8.34 -24.33
N ILE A 441 20.65 -7.31 -24.57
CA ILE A 441 22.09 -7.42 -24.40
C ILE A 441 22.45 -7.90 -22.98
N GLN A 442 21.93 -7.20 -21.99
CA GLN A 442 22.13 -7.60 -20.59
C GLN A 442 21.61 -9.02 -20.29
N ILE A 443 20.51 -9.42 -20.94
CA ILE A 443 20.03 -10.80 -20.84
C ILE A 443 21.04 -11.76 -21.47
N LEU A 444 21.67 -11.36 -22.57
CA LEU A 444 22.74 -12.16 -23.18
C LEU A 444 23.99 -12.19 -22.31
N ALA A 445 24.36 -11.04 -21.77
CA ALA A 445 25.54 -10.95 -20.92
C ALA A 445 25.39 -11.82 -19.67
N ALA A 446 24.22 -11.76 -19.03
CA ALA A 446 23.96 -12.49 -17.79
C ALA A 446 23.98 -14.01 -17.99
N ALA A 447 23.45 -14.45 -19.14
CA ALA A 447 23.44 -15.85 -19.52
C ALA A 447 24.87 -16.38 -19.69
N ALA A 448 25.71 -15.59 -20.35
CA ALA A 448 27.13 -15.92 -20.48
C ALA A 448 27.80 -16.05 -19.11
N ALA A 449 27.39 -15.19 -18.17
CA ALA A 449 27.87 -15.21 -16.80
C ALA A 449 27.07 -16.17 -15.91
N GLU A 450 26.05 -16.79 -16.48
CA GLU A 450 25.21 -17.74 -15.78
C GLU A 450 24.54 -17.13 -14.54
N ARG A 451 24.11 -15.87 -14.65
CA ARG A 451 23.37 -15.18 -13.59
C ARG A 451 21.95 -14.90 -14.05
N ASP A 452 21.04 -14.73 -13.08
CA ASP A 452 19.66 -14.41 -13.39
C ASP A 452 19.48 -12.90 -13.36
N VAL A 453 18.38 -12.44 -13.95
CA VAL A 453 18.14 -11.01 -14.16
C VAL A 453 16.82 -10.52 -13.52
N VAL A 454 16.92 -9.45 -12.74
CA VAL A 454 15.78 -8.74 -12.22
C VAL A 454 15.80 -7.37 -12.89
N TYR A 455 14.78 -7.08 -13.70
CA TYR A 455 14.77 -5.87 -14.53
C TYR A 455 13.78 -4.85 -14.02
N PHE A 456 14.26 -3.62 -13.83
CA PHE A 456 13.41 -2.51 -13.45
C PHE A 456 13.26 -1.55 -14.61
N THR A 457 12.04 -1.40 -15.11
CA THR A 457 11.79 -0.57 -16.29
C THR A 457 11.44 0.89 -15.93
N PHE A 458 11.24 1.15 -14.64
CA PHE A 458 11.15 2.51 -14.11
C PHE A 458 9.89 3.23 -14.60
N GLY A 459 8.75 2.58 -14.46
CA GLY A 459 7.45 3.17 -14.84
C GLY A 459 6.88 2.73 -16.17
N ASP A 460 7.76 2.34 -17.10
CA ASP A 460 7.34 1.95 -18.45
C ASP A 460 6.77 0.52 -18.48
N SER A 461 5.44 0.44 -18.50
CA SER A 461 4.73 -0.84 -18.44
C SER A 461 4.68 -1.58 -19.79
N GLU A 462 4.76 -0.86 -20.90
CA GLU A 462 4.79 -1.51 -22.21
C GLU A 462 6.14 -2.21 -22.41
N LEU A 463 7.22 -1.58 -21.93
CA LEU A 463 8.55 -2.16 -21.99
C LEU A 463 8.62 -3.44 -21.16
N ARG A 465 6.37 -5.52 -20.64
CA ARG A 465 5.68 -6.57 -21.37
C ARG A 465 6.44 -7.05 -22.61
N ASP A 466 7.07 -6.12 -23.33
CA ASP A 466 7.84 -6.47 -24.54
C ASP A 466 9.06 -7.31 -24.18
N ILE A 467 9.75 -6.94 -23.11
CA ILE A 467 10.92 -7.69 -22.66
C ILE A 467 10.48 -9.06 -22.17
N TYR A 468 9.35 -9.11 -21.46
CA TYR A 468 8.79 -10.37 -20.99
C TYR A 468 8.53 -11.24 -22.20
N SER A 469 7.73 -10.71 -23.13
CA SER A 469 7.34 -11.46 -24.31
C SER A 469 8.56 -11.95 -25.07
N HIS A 471 11.82 -12.42 -23.87
CA HIS A 471 12.47 -13.45 -23.05
C HIS A 471 11.67 -14.74 -23.11
N THR A 472 10.35 -14.62 -22.92
CA THR A 472 9.44 -15.77 -22.96
C THR A 472 9.50 -16.50 -24.30
N PHE A 473 9.46 -15.73 -25.38
CA PHE A 473 9.57 -16.26 -26.74
C PHE A 473 10.88 -17.02 -26.97
N LEU A 474 12.00 -16.39 -26.61
CA LEU A 474 13.31 -16.98 -26.86
C LEU A 474 13.55 -18.27 -26.05
N THR A 475 13.00 -18.29 -24.83
CA THR A 475 13.14 -19.46 -23.94
C THR A 475 12.40 -20.66 -24.51
N GLU A 476 11.17 -20.45 -24.95
CA GLU A 476 10.38 -21.50 -25.60
C GLU A 476 11.18 -22.18 -26.70
N ARG A 477 11.73 -21.38 -27.60
CA ARG A 477 12.41 -21.91 -28.80
C ARG A 477 13.83 -22.42 -28.53
N LYS A 478 14.27 -22.37 -27.27
CA LYS A 478 15.54 -22.98 -26.86
C LYS A 478 16.72 -22.41 -27.67
N LEU A 479 16.79 -21.08 -27.74
CA LEU A 479 17.87 -20.39 -28.43
C LEU A 479 19.00 -20.05 -27.48
N ASP A 480 20.22 -20.53 -27.76
CA ASP A 480 21.40 -20.13 -26.99
C ASP A 480 21.84 -18.72 -27.39
N VAL A 481 22.66 -18.10 -26.55
CA VAL A 481 23.09 -16.72 -26.80
C VAL A 481 23.61 -16.53 -28.23
N GLY A 482 24.43 -17.47 -28.71
CA GLY A 482 24.97 -17.44 -30.06
C GLY A 482 23.92 -17.19 -31.13
N LYS A 483 22.79 -17.88 -31.01
CA LYS A 483 21.69 -17.72 -31.96
C LYS A 483 20.97 -16.38 -31.78
N VAL A 484 20.88 -15.90 -30.55
CA VAL A 484 20.22 -14.63 -30.28
C VAL A 484 21.13 -13.49 -30.72
N TYR A 485 22.44 -13.70 -30.58
CA TYR A 485 23.43 -12.75 -31.07
C TYR A 485 23.35 -12.67 -32.59
N LYS A 486 23.44 -13.82 -33.25
CA LYS A 486 23.41 -13.88 -34.71
C LYS A 486 22.19 -13.18 -35.30
N LEU A 487 21.06 -13.21 -34.59
CA LEU A 487 19.87 -12.45 -34.98
C LEU A 487 20.11 -10.93 -34.92
N LEU A 488 20.79 -10.47 -33.87
CA LEU A 488 21.10 -9.04 -33.73
C LEU A 488 21.99 -8.59 -34.88
N LEU A 489 22.95 -9.45 -35.24
CA LEU A 489 23.79 -9.22 -36.41
C LEU A 489 22.96 -9.21 -37.68
N ARG A 490 22.01 -10.13 -37.77
CA ARG A 490 21.12 -10.17 -38.93
C ARG A 490 20.25 -8.93 -38.99
N TYR A 491 19.86 -8.39 -37.84
CA TYR A 491 19.04 -7.19 -37.83
C TYR A 491 19.81 -6.03 -38.43
N TYR A 492 21.06 -5.87 -38.02
CA TYR A 492 21.88 -4.78 -38.55
C TYR A 492 21.98 -4.78 -40.07
N ASN A 493 22.33 -5.94 -40.64
CA ASN A 493 22.61 -6.04 -42.07
C ASN A 493 21.39 -5.93 -42.96
N GLU A 494 20.35 -6.64 -42.59
CA GLU A 494 19.14 -6.70 -43.40
C GLU A 494 18.28 -5.44 -43.26
N GLU A 495 18.31 -4.79 -42.09
CA GLU A 495 17.38 -3.69 -41.79
C GLU A 495 18.00 -2.37 -41.35
N CYS A 496 19.21 -2.38 -40.79
CA CYS A 496 19.85 -1.14 -40.32
C CYS A 496 20.93 -0.61 -41.26
N ARG A 497 21.62 -1.51 -41.96
CA ARG A 497 22.79 -1.15 -42.75
C ARG A 497 22.40 -0.27 -43.95
N ASN A 498 21.39 -0.70 -44.70
CA ASN A 498 21.01 -0.03 -45.93
C ASN A 498 19.91 1.02 -45.74
N CYS A 499 19.44 1.16 -44.51
CA CYS A 499 18.45 2.20 -44.17
C CYS A 499 19.02 3.60 -44.36
N PRO A 502 15.69 6.49 -44.50
CA PRO A 502 14.93 7.51 -43.76
C PRO A 502 14.38 7.03 -42.41
N GLY A 503 14.98 5.97 -41.85
CA GLY A 503 14.50 5.35 -40.60
C GLY A 503 14.22 3.88 -40.82
N PRO A 504 14.77 2.99 -39.95
CA PRO A 504 14.61 1.55 -40.18
C PRO A 504 13.15 1.11 -40.26
N ASP A 505 12.83 0.26 -41.24
CA ASP A 505 11.44 -0.11 -41.54
C ASP A 505 10.77 -0.90 -40.42
N ILE A 506 11.47 -1.90 -39.90
CA ILE A 506 10.94 -2.70 -38.79
C ILE A 506 11.86 -2.58 -37.57
N LYS A 507 11.26 -2.58 -36.39
CA LYS A 507 12.01 -2.47 -35.13
C LYS A 507 12.58 -3.81 -34.72
N LEU A 508 13.48 -3.80 -33.75
CA LEU A 508 14.26 -4.97 -33.39
C LEU A 508 13.40 -6.17 -32.97
N TYR A 509 12.42 -5.92 -32.11
CA TYR A 509 11.60 -7.00 -31.53
C TYR A 509 10.65 -7.63 -32.55
N PRO A 510 9.91 -6.82 -33.33
CA PRO A 510 9.10 -7.39 -34.40
C PRO A 510 9.89 -8.18 -35.45
N PHE A 511 11.15 -7.80 -35.66
CA PHE A 511 12.00 -8.50 -36.63
C PHE A 511 12.39 -9.88 -36.14
N ILE A 512 12.78 -9.96 -34.86
CA ILE A 512 13.18 -11.24 -34.27
C ILE A 512 12.02 -12.23 -34.28
N TYR A 513 10.82 -11.75 -33.93
CA TYR A 513 9.62 -12.59 -33.98
C TYR A 513 9.37 -13.11 -35.40
N HIS A 514 9.61 -12.25 -36.39
CA HIS A 514 9.45 -12.61 -37.79
C HIS A 514 10.52 -13.60 -38.25
N ALA A 515 11.77 -13.30 -37.91
CA ALA A 515 12.92 -14.11 -38.35
C ALA A 515 12.96 -15.51 -37.75
N VAL A 516 12.46 -15.65 -36.52
CA VAL A 516 12.42 -16.94 -35.85
C VAL A 516 11.28 -17.82 -36.38
N GLU A 517 10.10 -17.20 -36.54
CA GLU A 517 8.93 -17.90 -37.07
C GLU A 517 9.02 -18.20 -38.59
N SER A 518 9.82 -17.43 -39.31
CA SER A 518 9.95 -17.59 -40.77
C SER A 518 10.78 -18.80 -41.21
N SER A 519 11.36 -19.53 -40.26
CA SER A 519 12.08 -20.76 -40.58
C SER A 519 12.16 -21.69 -39.38
N LYS B 7 16.41 -28.91 10.47
CA LYS B 7 15.13 -29.62 10.76
C LYS B 7 14.05 -29.18 9.77
N LYS B 8 13.33 -30.14 9.19
CA LYS B 8 12.37 -29.87 8.11
C LYS B 8 10.98 -29.47 8.59
N TRP B 9 10.65 -29.75 9.84
CA TRP B 9 9.34 -29.43 10.40
C TRP B 9 9.44 -28.93 11.83
N LEU B 10 8.33 -28.44 12.37
CA LEU B 10 8.30 -27.86 13.71
C LEU B 10 6.91 -27.95 14.33
N GLY B 11 6.87 -28.12 15.65
CA GLY B 11 5.61 -28.12 16.40
C GLY B 11 5.18 -29.51 16.79
N THR B 12 3.87 -29.72 16.83
CA THR B 12 3.28 -31.03 17.06
C THR B 12 3.67 -31.94 15.90
N PRO B 13 4.06 -33.20 16.17
CA PRO B 13 4.40 -34.10 15.06
C PRO B 13 3.17 -34.46 14.22
N ILE B 14 3.34 -34.47 12.90
CA ILE B 14 2.22 -34.61 11.97
C ILE B 14 1.42 -35.90 12.16
N GLU B 15 2.08 -36.97 12.62
CA GLU B 15 1.42 -38.25 12.86
C GLU B 15 0.49 -38.22 14.09
N GLU B 16 0.58 -37.18 14.91
CA GLU B 16 -0.32 -37.00 16.06
C GLU B 16 -1.58 -36.17 15.71
N ARG B 18 -5.09 -35.25 13.88
CA ARG B 18 -6.28 -36.01 13.48
C ARG B 18 -6.52 -35.92 11.97
N LYS B 19 -6.86 -37.06 11.37
CA LYS B 19 -7.09 -37.15 9.93
C LYS B 19 -8.14 -38.23 9.60
N PRO B 21 -10.02 -41.28 7.43
CA PRO B 21 -11.29 -41.52 8.11
C PRO B 21 -11.14 -41.94 9.58
N ARG B 22 -9.93 -41.87 10.11
CA ARG B 22 -9.65 -42.36 11.46
C ARG B 22 -10.43 -41.57 12.51
N CYS B 23 -10.35 -40.24 12.42
CA CYS B 23 -11.05 -39.35 13.36
C CYS B 23 -12.55 -39.24 13.08
N GLY B 24 -12.97 -39.76 11.92
CA GLY B 24 -14.33 -39.58 11.43
C GLY B 24 -15.45 -40.09 12.31
N ILE B 25 -16.59 -39.40 12.20
CA ILE B 25 -17.82 -39.81 12.84
C ILE B 25 -18.62 -40.67 11.86
N HIS B 26 -19.39 -41.61 12.39
CA HIS B 26 -20.20 -42.51 11.58
C HIS B 26 -21.15 -41.73 10.65
N LEU B 27 -21.16 -42.10 9.37
CA LEU B 27 -22.02 -41.43 8.39
C LEU B 27 -23.46 -41.92 8.51
N PRO B 28 -24.43 -40.98 8.53
CA PRO B 28 -25.85 -41.36 8.38
C PRO B 28 -26.16 -41.96 7.02
N SER B 29 -27.36 -42.50 6.87
CA SER B 29 -27.81 -43.08 5.61
C SER B 29 -27.81 -41.98 4.54
N LEU B 30 -27.14 -42.24 3.41
CA LEU B 30 -27.09 -41.27 2.31
C LEU B 30 -28.48 -41.12 1.71
N ARG B 31 -29.11 -39.97 1.94
CA ARG B 31 -30.47 -39.72 1.50
C ARG B 31 -30.63 -38.29 0.96
N PRO B 32 -31.47 -38.11 -0.07
CA PRO B 32 -31.81 -36.75 -0.48
C PRO B 32 -32.60 -36.00 0.60
N SER B 33 -32.44 -34.68 0.63
CA SER B 33 -33.24 -33.81 1.50
C SER B 33 -33.45 -32.49 0.77
N ALA B 34 -34.19 -31.58 1.39
CA ALA B 34 -34.40 -30.24 0.83
C ALA B 34 -33.07 -29.53 0.55
N SER B 35 -32.06 -29.82 1.37
CA SER B 35 -30.72 -29.25 1.21
C SER B 35 -29.71 -30.17 0.53
N HIS B 36 -30.05 -31.44 0.33
CA HIS B 36 -29.11 -32.38 -0.28
C HIS B 36 -29.71 -33.06 -1.49
N THR B 37 -29.07 -32.86 -2.64
CA THR B 37 -29.45 -33.51 -3.88
C THR B 37 -28.52 -34.68 -4.14
N VAL B 38 -29.09 -35.86 -4.33
CA VAL B 38 -28.34 -37.09 -4.53
C VAL B 38 -28.76 -37.72 -5.85
N THR B 39 -27.78 -38.02 -6.72
CA THR B 39 -28.07 -38.38 -8.11
C THR B 39 -27.79 -39.86 -8.43
N VAL B 40 -27.93 -40.72 -7.43
CA VAL B 40 -27.81 -42.15 -7.63
C VAL B 40 -28.76 -42.88 -6.70
N ARG B 41 -28.97 -44.17 -6.99
CA ARG B 41 -29.79 -45.02 -6.14
C ARG B 41 -28.94 -45.52 -4.99
N VAL B 42 -29.28 -45.06 -3.77
CA VAL B 42 -28.49 -45.37 -2.58
C VAL B 42 -28.71 -46.82 -2.14
N ASP B 43 -29.90 -47.36 -2.43
CA ASP B 43 -30.23 -48.75 -2.12
C ASP B 43 -29.39 -49.76 -2.92
N LEU B 44 -28.86 -49.34 -4.07
CA LEU B 44 -28.06 -50.21 -4.93
C LEU B 44 -26.55 -49.92 -4.86
N LEU B 45 -26.16 -48.98 -3.99
CA LEU B 45 -24.76 -48.56 -3.88
C LEU B 45 -23.89 -49.59 -3.16
N ARG B 46 -23.01 -50.25 -3.92
CA ARG B 46 -22.09 -51.23 -3.36
C ARG B 46 -20.66 -50.88 -3.75
N ALA B 47 -19.71 -51.27 -2.90
CA ALA B 47 -18.29 -50.95 -3.08
C ALA B 47 -17.68 -51.72 -4.25
N GLY B 48 -16.85 -51.02 -5.03
CA GLY B 48 -16.17 -51.63 -6.17
C GLY B 48 -16.92 -51.49 -7.48
N GLU B 49 -18.25 -51.40 -7.41
CA GLU B 49 -19.09 -51.38 -8.61
C GLU B 49 -19.53 -49.96 -8.98
N VAL B 50 -19.47 -49.65 -10.28
CA VAL B 50 -19.92 -48.37 -10.82
C VAL B 50 -21.41 -48.19 -10.53
N PRO B 51 -21.79 -47.09 -9.84
CA PRO B 51 -23.17 -46.92 -9.40
C PRO B 51 -24.16 -46.60 -10.52
N LYS B 52 -25.45 -46.77 -10.22
CA LYS B 52 -26.52 -46.51 -11.17
C LYS B 52 -27.21 -45.19 -10.82
N PRO B 53 -27.71 -44.47 -11.83
CA PRO B 53 -28.34 -43.16 -11.63
C PRO B 53 -29.77 -43.23 -11.10
N PHE B 54 -30.25 -42.11 -10.57
CA PHE B 54 -31.63 -41.99 -10.11
C PHE B 54 -32.19 -40.61 -10.47
N PRO B 55 -33.36 -40.55 -11.13
CA PRO B 55 -34.21 -41.66 -11.59
C PRO B 55 -33.60 -42.46 -12.73
N THR B 56 -34.21 -43.60 -13.06
CA THR B 56 -33.64 -44.55 -14.03
C THR B 56 -33.59 -43.99 -15.45
N HIS B 57 -34.60 -43.20 -15.83
CA HIS B 57 -34.64 -42.56 -17.14
C HIS B 57 -34.57 -41.04 -17.03
N TYR B 58 -34.04 -40.41 -18.08
CA TYR B 58 -33.82 -38.97 -18.11
C TYR B 58 -35.04 -38.13 -17.75
N LYS B 59 -34.82 -37.08 -16.96
CA LYS B 59 -35.86 -36.12 -16.56
C LYS B 59 -35.31 -34.70 -16.68
N ASP B 60 -35.95 -33.86 -17.49
CA ASP B 60 -35.41 -32.55 -17.87
C ASP B 60 -36.05 -31.40 -17.10
N LEU B 61 -35.22 -30.48 -16.63
CA LEU B 61 -35.67 -29.17 -16.14
C LEU B 61 -34.88 -28.08 -16.83
N TRP B 62 -35.61 -27.10 -17.37
CA TRP B 62 -35.05 -25.99 -18.12
C TRP B 62 -35.62 -24.71 -17.53
N ASP B 63 -35.01 -24.25 -16.45
CA ASP B 63 -35.48 -23.07 -15.71
C ASP B 63 -34.30 -22.36 -15.07
N ASN B 64 -34.57 -21.29 -14.31
CA ASN B 64 -33.51 -20.49 -13.68
C ASN B 64 -32.90 -21.09 -12.39
N LYS B 65 -33.37 -22.26 -11.96
CA LYS B 65 -32.86 -22.91 -10.74
C LYS B 65 -31.85 -24.04 -11.01
N HIS B 66 -31.94 -24.68 -12.18
CA HIS B 66 -31.16 -25.87 -12.44
C HIS B 66 -30.21 -25.71 -13.62
N VAL B 67 -29.34 -26.71 -13.80
CA VAL B 67 -28.40 -26.72 -14.91
C VAL B 67 -29.17 -26.94 -16.21
N LYS B 68 -28.94 -26.08 -17.17
CA LYS B 68 -29.50 -26.24 -18.50
C LYS B 68 -28.62 -27.20 -19.29
N PRO B 70 -27.39 -29.86 -22.28
CA PRO B 70 -27.35 -29.87 -23.73
C PRO B 70 -28.32 -30.89 -24.34
N CYS B 71 -28.56 -31.99 -23.62
CA CYS B 71 -29.47 -33.02 -24.08
C CYS B 71 -30.93 -32.70 -23.82
N SER B 72 -31.22 -31.48 -23.37
CA SER B 72 -32.59 -31.04 -23.14
C SER B 72 -33.38 -30.94 -24.42
N GLU B 73 -34.69 -31.07 -24.27
CA GLU B 73 -35.65 -30.92 -25.38
C GLU B 73 -35.69 -29.44 -25.83
N GLN B 74 -35.52 -28.52 -24.88
CA GLN B 74 -35.66 -27.08 -25.13
C GLN B 74 -34.33 -26.41 -25.49
N ASN B 75 -33.28 -27.20 -25.66
CA ASN B 75 -32.04 -26.70 -26.26
C ASN B 75 -32.20 -26.75 -27.77
N LEU B 76 -32.35 -25.59 -28.39
CA LEU B 76 -32.72 -25.47 -29.79
C LEU B 76 -31.77 -24.59 -30.60
N TYR B 77 -31.75 -24.83 -31.91
CA TYR B 77 -30.99 -24.03 -32.87
C TYR B 77 -31.83 -23.81 -34.13
N THR B 87 -37.20 -22.34 -38.61
CA THR B 87 -37.84 -23.13 -37.57
C THR B 87 -36.83 -23.56 -36.49
N ALA B 88 -37.30 -24.33 -35.51
CA ALA B 88 -36.53 -24.69 -34.32
C ALA B 88 -36.20 -26.18 -34.25
N GLY B 89 -34.93 -26.53 -34.43
CA GLY B 89 -34.46 -27.92 -34.34
C GLY B 89 -33.84 -28.22 -32.97
N SER B 90 -33.72 -29.51 -32.64
CA SER B 90 -33.11 -29.91 -31.38
C SER B 90 -31.59 -29.86 -31.50
N ARG B 91 -30.95 -28.94 -30.78
CA ARG B 91 -29.50 -28.79 -30.84
C ARG B 91 -28.79 -30.05 -30.35
N TRP B 92 -29.45 -30.82 -29.49
CA TRP B 92 -28.90 -32.09 -29.03
C TRP B 92 -28.72 -33.07 -30.19
N GLU B 93 -29.69 -33.09 -31.11
CA GLU B 93 -29.61 -33.93 -32.30
C GLU B 93 -28.43 -33.51 -33.17
N LEU B 94 -28.17 -32.20 -33.24
CA LEU B 94 -27.04 -31.65 -33.98
C LEU B 94 -25.71 -32.06 -33.35
N ILE B 95 -25.66 -32.04 -32.02
CA ILE B 95 -24.45 -32.46 -31.29
C ILE B 95 -24.17 -33.94 -31.50
N GLN B 96 -25.22 -34.75 -31.54
CA GLN B 96 -25.09 -36.18 -31.82
C GLN B 96 -24.49 -36.41 -33.20
N THR B 97 -24.96 -35.67 -34.19
CA THR B 97 -24.46 -35.76 -35.56
C THR B 97 -23.01 -35.32 -35.64
N ALA B 98 -22.69 -34.24 -34.94
CA ALA B 98 -21.38 -33.64 -35.00
C ALA B 98 -20.28 -34.60 -34.56
N LEU B 99 -20.47 -35.22 -33.40
CA LEU B 99 -19.40 -36.00 -32.76
C LEU B 99 -19.22 -37.44 -33.28
N LEU B 100 -20.26 -38.04 -33.85
CA LEU B 100 -20.17 -39.44 -34.30
C LEU B 100 -19.42 -39.62 -35.63
N ASN B 101 -18.64 -38.61 -36.02
CA ASN B 101 -17.77 -38.70 -37.20
C ASN B 101 -16.36 -39.08 -36.80
N LYS B 102 -15.66 -39.77 -37.69
CA LYS B 102 -14.29 -40.19 -37.45
C LYS B 102 -13.36 -38.99 -37.40
N PHE B 103 -12.49 -38.95 -36.40
CA PHE B 103 -11.48 -37.92 -36.28
C PHE B 103 -10.15 -38.49 -36.77
N THR B 104 -9.54 -37.83 -37.77
CA THR B 104 -8.22 -38.23 -38.28
C THR B 104 -7.16 -37.13 -38.09
N ARG B 105 -7.58 -35.87 -38.03
CA ARG B 105 -6.68 -34.73 -37.85
C ARG B 105 -7.31 -33.68 -36.92
N PRO B 106 -6.51 -32.70 -36.46
CA PRO B 106 -7.02 -31.65 -35.55
C PRO B 106 -8.23 -30.87 -36.08
N GLN B 107 -8.26 -30.62 -37.38
CA GLN B 107 -9.24 -29.72 -37.99
C GLN B 107 -10.67 -30.32 -37.99
N ASN B 108 -10.77 -31.66 -38.03
CA ASN B 108 -12.07 -32.32 -38.02
C ASN B 108 -12.82 -32.10 -36.72
N LEU B 109 -12.08 -32.08 -35.61
CA LEU B 109 -12.67 -31.83 -34.29
C LEU B 109 -13.11 -30.37 -34.17
N LYS B 110 -12.29 -29.46 -34.67
CA LYS B 110 -12.62 -28.02 -34.68
C LYS B 110 -14.01 -27.77 -35.26
N ASP B 111 -14.20 -28.06 -36.54
CA ASP B 111 -15.49 -27.78 -37.19
C ASP B 111 -16.63 -28.65 -36.65
N ALA B 112 -16.29 -29.80 -36.06
CA ALA B 112 -17.28 -30.63 -35.38
C ALA B 112 -17.83 -29.94 -34.14
N ILE B 113 -16.95 -29.26 -33.40
CA ILE B 113 -17.35 -28.47 -32.25
C ILE B 113 -18.12 -27.21 -32.68
N LEU B 114 -17.71 -26.62 -33.80
CA LEU B 114 -18.27 -25.35 -34.27
C LEU B 114 -19.65 -25.49 -34.88
N LYS B 115 -20.00 -26.70 -35.34
CA LYS B 115 -21.33 -26.96 -35.90
C LYS B 115 -22.42 -26.47 -34.94
N TYR B 116 -22.36 -26.92 -33.69
CA TYR B 116 -23.36 -26.55 -32.68
C TYR B 116 -22.96 -25.31 -31.89
N ASN B 117 -21.90 -24.65 -32.35
CA ASN B 117 -21.50 -23.35 -31.83
C ASN B 117 -21.20 -22.41 -33.00
N VAL B 118 -22.20 -22.19 -33.84
CA VAL B 118 -22.05 -21.39 -35.08
C VAL B 118 -21.63 -19.94 -34.80
N ALA B 119 -22.15 -19.35 -33.73
CA ALA B 119 -21.85 -17.97 -33.36
C ALA B 119 -20.36 -17.75 -33.15
N TYR B 120 -19.72 -18.71 -32.50
CA TYR B 120 -18.33 -18.57 -32.06
C TYR B 120 -17.33 -19.22 -33.02
N SER B 121 -17.65 -19.19 -34.31
CA SER B 121 -16.82 -19.85 -35.32
C SER B 121 -15.66 -18.97 -35.81
N LYS B 122 -15.54 -17.75 -35.28
CA LYS B 122 -14.42 -16.86 -35.57
C LYS B 122 -13.64 -16.47 -34.31
N LYS B 123 -14.31 -16.48 -33.16
CA LYS B 123 -13.73 -16.02 -31.90
C LYS B 123 -13.01 -17.12 -31.12
N TRP B 124 -13.25 -18.39 -31.50
CA TRP B 124 -12.60 -19.53 -30.87
C TRP B 124 -11.45 -20.07 -31.74
N ASP B 125 -10.22 -19.76 -31.33
CA ASP B 125 -9.03 -20.26 -31.99
C ASP B 125 -8.67 -21.65 -31.47
N PHE B 126 -8.19 -22.52 -32.35
CA PHE B 126 -7.83 -23.89 -32.00
C PHE B 126 -6.37 -24.21 -32.33
N THR B 127 -5.50 -23.22 -32.21
CA THR B 127 -4.10 -23.39 -32.60
C THR B 127 -3.30 -24.20 -31.57
N ALA B 128 -3.72 -24.16 -30.31
CA ALA B 128 -3.06 -24.94 -29.26
C ALA B 128 -3.23 -26.44 -29.49
N LEU B 129 -4.47 -26.85 -29.78
CA LEU B 129 -4.78 -28.25 -30.03
C LEU B 129 -4.15 -28.75 -31.32
N VAL B 130 -4.17 -27.91 -32.36
CA VAL B 130 -3.56 -28.25 -33.66
C VAL B 130 -2.06 -28.50 -33.51
N ASP B 131 -1.41 -27.74 -32.62
CA ASP B 131 0.00 -27.95 -32.29
C ASP B 131 0.22 -29.22 -31.46
N PHE B 132 -0.60 -29.39 -30.43
CA PHE B 132 -0.52 -30.56 -29.53
C PHE B 132 -0.66 -31.88 -30.28
N TRP B 133 -1.60 -31.92 -31.22
CA TRP B 133 -1.90 -33.14 -32.00
C TRP B 133 -0.72 -33.54 -32.85
N ASP B 134 -0.30 -32.63 -33.74
CA ASP B 134 0.72 -32.93 -34.75
C ASP B 134 2.14 -32.97 -34.18
N LYS B 135 2.51 -31.96 -33.41
CA LYS B 135 3.91 -31.68 -33.09
C LYS B 135 4.38 -32.15 -31.71
N VAL B 136 3.61 -31.85 -30.67
CA VAL B 136 4.07 -32.13 -29.29
C VAL B 136 4.21 -33.63 -29.02
N LEU B 137 3.14 -34.39 -29.30
CA LEU B 137 3.15 -35.84 -29.07
C LEU B 137 3.57 -36.62 -30.32
N GLU B 138 3.86 -37.91 -30.13
CA GLU B 138 4.37 -38.77 -31.20
C GLU B 138 3.24 -39.40 -32.02
N GLU B 139 3.60 -40.17 -33.04
CA GLU B 139 2.64 -40.77 -33.96
C GLU B 139 1.79 -41.84 -33.29
N ALA B 140 2.44 -42.77 -32.59
CA ALA B 140 1.74 -43.81 -31.84
C ALA B 140 0.82 -43.22 -30.78
N GLU B 141 1.23 -42.10 -30.18
CA GLU B 141 0.41 -41.37 -29.21
C GLU B 141 -0.74 -40.64 -29.90
N ALA B 142 -0.45 -40.03 -31.05
CA ALA B 142 -1.47 -39.34 -31.85
C ALA B 142 -2.57 -40.29 -32.30
N GLN B 143 -2.16 -41.49 -32.71
CA GLN B 143 -3.09 -42.50 -33.21
C GLN B 143 -4.04 -42.98 -32.11
N HIS B 144 -3.49 -43.21 -30.92
CA HIS B 144 -4.29 -43.59 -29.74
C HIS B 144 -5.33 -42.52 -29.41
N LEU B 145 -4.98 -41.26 -29.67
CA LEU B 145 -5.85 -40.11 -29.35
C LEU B 145 -7.17 -40.19 -30.11
N TYR B 146 -7.08 -40.34 -31.43
CA TYR B 146 -8.27 -40.29 -32.28
C TYR B 146 -8.89 -41.64 -32.63
N GLN B 147 -8.22 -42.73 -32.28
CA GLN B 147 -8.78 -44.08 -32.48
C GLN B 147 -9.32 -44.71 -31.18
N SER B 148 -9.08 -44.07 -30.04
CA SER B 148 -9.58 -44.56 -28.76
C SER B 148 -10.10 -43.43 -27.86
N ILE B 149 -9.21 -42.54 -27.43
CA ILE B 149 -9.55 -41.52 -26.44
C ILE B 149 -10.73 -40.64 -26.86
N LEU B 150 -10.67 -40.08 -28.08
CA LEU B 150 -11.76 -39.22 -28.55
C LEU B 150 -13.06 -39.99 -28.82
N PRO B 151 -12.99 -41.09 -29.60
CA PRO B 151 -14.18 -41.93 -29.78
C PRO B 151 -14.85 -42.38 -28.47
N ASP B 152 -14.05 -42.71 -27.46
CA ASP B 152 -14.60 -43.14 -26.17
C ASP B 152 -15.16 -41.97 -25.36
N VAL B 154 -16.65 -39.28 -26.73
CA VAL B 154 -17.94 -38.96 -27.34
C VAL B 154 -19.02 -39.90 -26.80
N LYS B 155 -18.72 -41.20 -26.81
CA LYS B 155 -19.63 -42.22 -26.28
C LYS B 155 -20.21 -41.80 -24.92
N ILE B 156 -19.33 -41.53 -23.97
CA ILE B 156 -19.74 -41.08 -22.63
C ILE B 156 -20.36 -39.67 -22.68
N ALA B 157 -19.86 -38.82 -23.58
CA ALA B 157 -20.44 -37.49 -23.78
C ALA B 157 -21.89 -37.57 -24.25
N LEU B 158 -22.18 -38.52 -25.13
CA LEU B 158 -23.52 -38.66 -25.71
C LEU B 158 -24.45 -39.51 -24.85
N CYS B 159 -23.89 -40.27 -23.90
CA CYS B 159 -24.70 -41.03 -22.94
C CYS B 159 -25.18 -40.17 -21.78
N LEU B 160 -24.83 -38.88 -21.79
CA LEU B 160 -25.25 -37.94 -20.74
C LEU B 160 -26.73 -38.13 -20.37
N PRO B 161 -27.64 -38.07 -21.36
CA PRO B 161 -29.05 -38.33 -21.06
C PRO B 161 -29.27 -39.58 -20.22
N ASN B 162 -28.57 -40.67 -20.55
CA ASN B 162 -28.75 -41.94 -19.82
C ASN B 162 -27.87 -42.07 -18.56
N ILE B 163 -27.01 -41.09 -18.31
CA ILE B 163 -26.14 -41.08 -17.12
C ILE B 163 -26.59 -40.02 -16.12
N CYS B 164 -26.64 -38.76 -16.55
CA CYS B 164 -27.16 -37.69 -15.72
C CYS B 164 -28.66 -37.57 -15.98
N THR B 165 -29.42 -38.38 -15.26
CA THR B 165 -30.86 -38.41 -15.43
C THR B 165 -31.49 -37.28 -14.64
N GLN B 166 -30.97 -37.06 -13.43
CA GLN B 166 -31.55 -36.08 -12.53
C GLN B 166 -31.01 -34.68 -12.80
N PRO B 167 -31.90 -33.67 -12.82
CA PRO B 167 -31.46 -32.29 -12.94
C PRO B 167 -30.46 -31.91 -11.86
N ILE B 168 -29.43 -31.16 -12.25
CA ILE B 168 -28.44 -30.67 -11.33
C ILE B 168 -28.82 -29.27 -10.92
N PRO B 169 -29.09 -29.05 -9.62
CA PRO B 169 -29.49 -27.73 -9.15
C PRO B 169 -28.30 -26.77 -9.11
N LEU B 170 -28.55 -25.48 -9.28
CA LEU B 170 -27.50 -24.48 -9.18
C LEU B 170 -27.25 -24.14 -7.71
N LEU B 171 -25.99 -23.89 -7.39
CA LEU B 171 -25.60 -23.55 -6.03
C LEU B 171 -25.42 -22.05 -5.97
N LYS B 172 -26.54 -21.36 -5.75
CA LYS B 172 -26.57 -19.92 -5.81
C LYS B 172 -26.05 -19.32 -4.54
N GLN B 173 -25.61 -18.07 -4.63
CA GLN B 173 -25.23 -17.30 -3.46
C GLN B 173 -26.30 -17.42 -2.40
N LYS B 174 -25.88 -17.60 -1.15
CA LYS B 174 -26.75 -17.71 0.03
C LYS B 174 -27.32 -19.10 0.28
N ASN B 176 -27.28 -22.85 1.27
CA ASN B 176 -26.53 -23.85 2.01
C ASN B 176 -27.04 -25.21 1.53
N HIS B 177 -26.30 -25.82 0.63
CA HIS B 177 -26.80 -26.94 -0.16
C HIS B 177 -25.68 -27.90 -0.59
N SER B 178 -26.05 -29.16 -0.83
CA SER B 178 -25.09 -30.19 -1.22
C SER B 178 -25.61 -30.96 -2.42
N VAL B 179 -24.70 -31.24 -3.37
CA VAL B 179 -24.97 -32.14 -4.49
C VAL B 179 -24.00 -33.32 -4.42
N THR B 180 -24.54 -34.52 -4.20
CA THR B 180 -23.72 -35.74 -4.24
C THR B 180 -23.99 -36.48 -5.54
N SER B 182 -22.00 -39.14 -8.86
CA SER B 182 -21.02 -40.18 -9.18
C SER B 182 -19.88 -39.64 -10.01
N GLN B 183 -18.74 -40.32 -9.93
CA GLN B 183 -17.57 -40.00 -10.73
C GLN B 183 -17.82 -40.20 -12.22
N GLU B 184 -18.70 -41.15 -12.54
CA GLU B 184 -19.08 -41.42 -13.94
C GLU B 184 -19.93 -40.31 -14.50
N GLN B 185 -21.00 -39.97 -13.79
CA GLN B 185 -21.83 -38.83 -14.15
C GLN B 185 -20.95 -37.60 -14.39
N ILE B 186 -20.00 -37.37 -13.48
CA ILE B 186 -18.99 -36.32 -13.66
C ILE B 186 -18.18 -36.53 -14.93
N ALA B 187 -17.72 -37.76 -15.15
CA ALA B 187 -16.95 -38.10 -16.34
C ALA B 187 -17.68 -37.66 -17.63
N SER B 188 -18.99 -37.89 -17.67
CA SER B 188 -19.81 -37.49 -18.82
C SER B 188 -19.93 -35.98 -18.93
N LEU B 189 -20.34 -35.36 -17.82
CA LEU B 189 -20.41 -33.91 -17.76
C LEU B 189 -19.16 -33.26 -18.32
N LEU B 190 -17.99 -33.64 -17.80
CA LEU B 190 -16.74 -32.98 -18.21
C LEU B 190 -16.33 -33.30 -19.66
N ALA B 191 -16.74 -34.46 -20.15
CA ALA B 191 -16.60 -34.78 -21.56
C ALA B 191 -17.41 -33.82 -22.42
N ASN B 192 -18.67 -33.60 -22.06
CA ASN B 192 -19.48 -32.58 -22.73
C ASN B 192 -18.80 -31.22 -22.63
N ALA B 193 -18.30 -30.93 -21.43
CA ALA B 193 -17.51 -29.73 -21.20
C ALA B 193 -16.35 -29.66 -22.19
N PHE B 194 -15.64 -30.77 -22.35
CA PHE B 194 -14.51 -30.81 -23.28
C PHE B 194 -14.93 -30.51 -24.72
N PHE B 195 -16.10 -30.97 -25.12
CA PHE B 195 -16.61 -30.73 -26.47
C PHE B 195 -17.41 -29.42 -26.61
N CYS B 196 -17.39 -28.59 -25.58
CA CYS B 196 -17.99 -27.25 -25.60
C CYS B 196 -19.46 -27.33 -25.97
N THR B 197 -20.17 -28.13 -25.18
CA THR B 197 -21.53 -28.56 -25.47
C THR B 197 -22.60 -27.80 -24.68
N PHE B 198 -22.27 -27.37 -23.47
CA PHE B 198 -23.25 -26.76 -22.58
C PHE B 198 -23.81 -25.45 -23.14
N PRO B 199 -25.14 -25.37 -23.29
CA PRO B 199 -25.78 -24.25 -23.96
C PRO B 199 -25.83 -23.00 -23.09
N ARG B 200 -25.68 -21.83 -23.73
CA ARG B 200 -25.82 -20.51 -23.10
C ARG B 200 -24.75 -20.15 -22.06
N ARG B 201 -23.67 -20.94 -22.02
CA ARG B 201 -22.58 -20.75 -21.08
C ARG B 201 -21.34 -20.13 -21.71
N ASN B 202 -21.49 -19.59 -22.92
CA ASN B 202 -20.35 -19.04 -23.67
C ASN B 202 -20.44 -17.54 -23.96
N ALA B 203 -21.56 -16.91 -23.60
CA ALA B 203 -21.81 -15.50 -23.94
C ALA B 203 -21.08 -14.53 -23.00
N LYS B 204 -20.57 -13.44 -23.57
CA LYS B 204 -19.86 -12.42 -22.81
C LYS B 204 -20.83 -11.57 -21.99
N MET B 205 -21.92 -11.13 -22.65
CA MET B 205 -22.95 -10.33 -22.00
C MET B 205 -24.16 -11.19 -21.65
N SER B 207 -26.57 -11.80 -19.26
CA SER B 207 -26.55 -13.26 -19.31
C SER B 207 -26.91 -13.86 -17.95
N GLU B 208 -27.72 -14.92 -17.97
CA GLU B 208 -28.11 -15.64 -16.76
C GLU B 208 -26.89 -16.18 -15.99
N TYR B 209 -25.87 -16.61 -16.74
CA TYR B 209 -24.71 -17.30 -16.17
C TYR B 209 -23.44 -16.43 -16.02
N SER B 210 -23.58 -15.11 -16.03
CA SER B 210 -22.42 -14.21 -15.87
C SER B 210 -21.83 -14.22 -14.43
N SER B 211 -22.60 -14.67 -13.45
CA SER B 211 -22.10 -14.85 -12.08
C SER B 211 -21.60 -16.29 -11.87
N TYR B 212 -21.42 -17.04 -12.95
CA TYR B 212 -20.85 -18.38 -12.92
C TYR B 212 -19.57 -18.46 -13.75
N PRO B 213 -18.62 -19.31 -13.32
CA PRO B 213 -17.43 -19.49 -14.14
C PRO B 213 -17.71 -20.23 -15.44
N ASP B 214 -16.78 -20.09 -16.38
CA ASP B 214 -16.83 -20.82 -17.64
C ASP B 214 -16.81 -22.31 -17.33
N ILE B 215 -17.59 -23.05 -18.10
CA ILE B 215 -17.61 -24.50 -18.00
C ILE B 215 -17.03 -25.14 -19.26
N ASN B 216 -17.39 -24.60 -20.42
CA ASN B 216 -16.92 -25.12 -21.69
C ASN B 216 -15.42 -24.86 -21.87
N PHE B 217 -14.73 -25.82 -22.47
CA PHE B 217 -13.27 -25.86 -22.52
C PHE B 217 -12.67 -25.01 -23.64
N ASN B 218 -13.50 -24.45 -24.51
CA ASN B 218 -13.02 -23.75 -25.73
C ASN B 218 -11.72 -22.96 -25.61
N ARG B 219 -11.53 -22.29 -24.47
CA ARG B 219 -10.32 -21.51 -24.24
C ARG B 219 -9.07 -22.38 -24.05
N LEU B 220 -9.26 -23.68 -23.87
CA LEU B 220 -8.15 -24.62 -23.67
C LEU B 220 -7.38 -24.91 -24.97
N PHE B 221 -7.86 -24.38 -26.09
CA PHE B 221 -7.22 -24.56 -27.40
C PHE B 221 -6.64 -23.25 -27.97
N GLU B 222 -6.64 -22.19 -27.17
CA GLU B 222 -6.19 -20.86 -27.62
C GLU B 222 -4.67 -20.66 -27.52
N GLY B 223 -4.16 -19.78 -28.37
CA GLY B 223 -2.81 -19.24 -28.22
C GLY B 223 -1.67 -20.21 -28.43
N ARG B 224 -0.45 -19.74 -28.15
CA ARG B 224 0.77 -20.51 -28.34
C ARG B 224 1.50 -20.76 -27.02
N SER B 225 0.81 -20.52 -25.90
CA SER B 225 1.37 -20.81 -24.58
C SER B 225 1.89 -22.25 -24.57
N SER B 226 3.17 -22.42 -24.24
CA SER B 226 3.80 -23.75 -24.23
C SER B 226 3.35 -24.62 -23.05
N ARG B 227 2.51 -24.07 -22.17
CA ARG B 227 1.86 -24.83 -21.11
C ARG B 227 0.55 -25.49 -21.55
N LYS B 228 -0.04 -25.01 -22.66
CA LYS B 228 -1.34 -25.54 -23.13
C LYS B 228 -1.31 -27.04 -23.42
N PRO B 229 -0.25 -27.53 -24.12
CA PRO B 229 -0.06 -28.96 -24.31
C PRO B 229 -0.01 -29.76 -22.99
N GLU B 230 0.59 -29.19 -21.96
CA GLU B 230 0.72 -29.85 -20.67
C GLU B 230 -0.60 -29.85 -19.88
N LYS B 231 -1.49 -28.91 -20.18
CA LYS B 231 -2.84 -28.91 -19.60
C LYS B 231 -3.75 -29.88 -20.36
N LEU B 232 -3.56 -29.95 -21.67
CA LEU B 232 -4.26 -30.92 -22.49
C LEU B 232 -3.79 -32.33 -22.12
N LYS B 233 -2.48 -32.46 -21.89
CA LYS B 233 -1.87 -33.73 -21.50
C LYS B 233 -2.44 -34.26 -20.19
N THR B 234 -2.66 -33.36 -19.22
CA THR B 234 -3.16 -33.75 -17.90
C THR B 234 -4.63 -34.13 -17.94
N LEU B 235 -5.40 -33.43 -18.77
CA LEU B 235 -6.81 -33.73 -18.93
C LEU B 235 -7.04 -35.01 -19.74
N PHE B 236 -6.35 -35.16 -20.86
CA PHE B 236 -6.43 -36.38 -21.69
C PHE B 236 -6.06 -37.65 -20.91
N CYS B 237 -5.05 -37.55 -20.05
CA CYS B 237 -4.66 -38.68 -19.20
C CYS B 237 -5.84 -39.12 -18.32
N TYR B 238 -6.47 -38.15 -17.66
CA TYR B 238 -7.69 -38.41 -16.86
C TYR B 238 -8.78 -39.06 -17.70
N PHE B 239 -9.04 -38.48 -18.86
CA PHE B 239 -10.07 -38.99 -19.77
C PHE B 239 -9.81 -40.44 -20.16
N ARG B 240 -8.54 -40.78 -20.42
CA ARG B 240 -8.16 -42.16 -20.71
C ARG B 240 -8.53 -43.10 -19.55
N ARG B 241 -8.11 -42.74 -18.34
CA ARG B 241 -8.39 -43.54 -17.13
C ARG B 241 -9.87 -43.93 -16.97
N VAL B 242 -10.75 -42.94 -16.93
CA VAL B 242 -12.18 -43.18 -16.67
C VAL B 242 -12.90 -43.91 -17.81
N THR B 243 -12.52 -43.59 -19.04
CA THR B 243 -13.08 -44.27 -20.21
C THR B 243 -12.60 -45.72 -20.30
N GLU B 244 -11.35 -45.98 -19.94
CA GLU B 244 -10.81 -47.34 -19.91
C GLU B 244 -11.54 -48.19 -18.87
N LYS B 245 -11.40 -47.81 -17.61
CA LYS B 245 -12.09 -48.48 -16.51
C LYS B 245 -12.96 -47.45 -15.80
N LYS B 246 -14.23 -47.80 -15.60
CA LYS B 246 -15.22 -46.84 -15.12
C LYS B 246 -15.08 -46.59 -13.61
N PRO B 247 -14.94 -45.31 -13.21
CA PRO B 247 -14.77 -44.99 -11.78
C PRO B 247 -16.04 -45.25 -10.99
N THR B 248 -15.88 -45.75 -9.76
CA THR B 248 -16.98 -46.29 -8.98
C THR B 248 -17.43 -45.45 -7.77
N GLY B 249 -16.79 -44.30 -7.55
CA GLY B 249 -17.04 -43.51 -6.34
C GLY B 249 -18.06 -42.40 -6.47
N LEU B 250 -18.43 -41.83 -5.34
CA LEU B 250 -19.29 -40.65 -5.25
C LEU B 250 -18.46 -39.43 -4.88
N VAL B 251 -18.99 -38.24 -5.20
CA VAL B 251 -18.31 -36.98 -4.96
C VAL B 251 -19.29 -35.88 -4.54
N THR B 252 -19.16 -35.39 -3.30
CA THR B 252 -20.07 -34.38 -2.77
C THR B 252 -19.52 -32.99 -2.94
N PHE B 253 -20.28 -32.11 -3.59
CA PHE B 253 -19.96 -30.68 -3.64
C PHE B 253 -20.94 -29.93 -2.75
N THR B 254 -20.44 -29.21 -1.74
CA THR B 254 -21.29 -28.50 -0.81
C THR B 254 -20.96 -27.02 -0.80
N ARG B 255 -21.98 -26.18 -0.73
CA ARG B 255 -21.76 -24.75 -0.62
C ARG B 255 -22.16 -24.28 0.76
N GLN B 256 -21.27 -23.57 1.43
CA GLN B 256 -21.50 -23.10 2.79
C GLN B 256 -21.47 -21.58 2.84
N SER B 257 -22.52 -21.01 3.44
CA SER B 257 -22.66 -19.57 3.62
C SER B 257 -23.10 -19.30 5.05
N LEU B 258 -22.31 -18.50 5.77
CA LEU B 258 -22.57 -18.22 7.17
C LEU B 258 -23.06 -16.80 7.37
N GLU B 259 -24.06 -16.65 8.22
CA GLU B 259 -24.60 -15.35 8.60
C GLU B 259 -23.86 -14.80 9.81
N ASP B 260 -23.54 -15.68 10.75
CA ASP B 260 -22.97 -15.26 12.03
C ASP B 260 -21.53 -15.70 12.21
N PHE B 261 -20.65 -14.71 12.40
CA PHE B 261 -19.22 -14.93 12.53
C PHE B 261 -18.75 -14.54 13.91
N PRO B 262 -17.57 -15.03 14.32
CA PRO B 262 -17.14 -14.72 15.66
C PRO B 262 -17.04 -13.21 15.94
N GLU B 263 -17.43 -12.86 17.15
CA GLU B 263 -16.98 -11.64 17.80
C GLU B 263 -15.47 -11.79 18.07
N TRP B 264 -14.65 -11.40 17.10
CA TRP B 264 -13.20 -11.68 17.15
C TRP B 264 -12.49 -10.94 18.29
N GLU B 265 -12.85 -9.67 18.49
CA GLU B 265 -12.35 -8.87 19.62
C GLU B 265 -12.57 -9.54 21.00
N ARG B 266 -13.70 -10.22 21.16
CA ARG B 266 -14.08 -10.82 22.45
C ARG B 266 -13.85 -12.33 22.52
N CYS B 267 -13.36 -12.92 21.42
CA CYS B 267 -13.25 -14.37 21.35
C CYS B 267 -12.25 -14.90 22.37
N GLU B 268 -12.74 -15.73 23.29
CA GLU B 268 -11.91 -16.28 24.37
C GLU B 268 -11.32 -17.65 24.03
N LYS B 269 -11.59 -18.16 22.82
CA LYS B 269 -11.10 -19.48 22.42
C LYS B 269 -9.57 -19.50 22.33
N PRO B 270 -8.93 -20.55 22.87
CA PRO B 270 -7.48 -20.63 22.82
C PRO B 270 -6.97 -21.03 21.44
N LEU B 271 -5.68 -20.84 21.21
CA LEU B 271 -5.03 -21.31 19.99
C LEU B 271 -4.91 -22.83 20.04
N THR B 272 -4.84 -23.41 18.84
CA THR B 272 -4.77 -24.85 18.67
C THR B 272 -3.34 -25.26 18.29
N ARG B 273 -3.16 -26.54 17.98
CA ARG B 273 -1.83 -27.07 17.68
C ARG B 273 -1.39 -26.68 16.28
N LEU B 274 -0.08 -26.64 16.10
CA LEU B 274 0.54 -26.25 14.83
C LEU B 274 1.63 -27.27 14.46
N HIS B 275 1.67 -27.62 13.19
CA HIS B 275 2.80 -28.33 12.59
C HIS B 275 3.06 -27.58 11.29
N VAL B 276 4.23 -26.97 11.16
CA VAL B 276 4.54 -26.18 10.00
C VAL B 276 5.84 -26.70 9.38
N THR B 277 5.92 -26.70 8.05
CA THR B 277 7.06 -27.30 7.34
C THR B 277 7.28 -26.66 5.97
N TYR B 278 8.55 -26.58 5.55
CA TYR B 278 8.90 -26.02 4.23
C TYR B 278 9.07 -27.06 3.13
N GLU B 279 9.17 -28.32 3.50
CA GLU B 279 9.06 -29.40 2.54
C GLU B 279 7.63 -29.92 2.51
N GLY B 280 7.24 -30.51 1.38
CA GLY B 280 5.91 -31.09 1.21
C GLY B 280 4.90 -30.15 0.61
N THR B 281 3.75 -30.69 0.22
CA THR B 281 2.67 -29.94 -0.43
C THR B 281 1.32 -30.32 0.18
N ILE B 282 0.33 -29.44 0.01
CA ILE B 282 -1.02 -29.68 0.52
C ILE B 282 -1.57 -31.01 0.01
N GLU B 283 -1.51 -31.23 -1.31
CA GLU B 283 -2.04 -32.47 -1.90
C GLU B 283 -1.17 -33.71 -1.63
N GLY B 284 0.14 -33.52 -1.60
CA GLY B 284 1.09 -34.64 -1.44
C GLY B 284 1.22 -35.13 -0.02
N ASN B 285 1.20 -34.20 0.93
CA ASN B 285 1.48 -34.51 2.33
C ASN B 285 0.32 -34.21 3.30
N GLY B 286 -0.82 -33.75 2.77
CA GLY B 286 -1.98 -33.41 3.60
C GLY B 286 -3.11 -34.42 3.55
N ARG B 287 -2.76 -35.69 3.33
CA ARG B 287 -3.72 -36.78 3.14
C ARG B 287 -4.64 -36.96 4.36
N GLY B 288 -5.95 -36.89 4.13
CA GLY B 288 -6.94 -37.09 5.20
C GLY B 288 -7.24 -35.84 6.03
N LEU B 290 -8.44 -31.49 5.99
CA LEU B 290 -9.08 -30.45 5.19
C LEU B 290 -8.03 -29.71 4.36
N GLN B 291 -8.04 -29.96 3.05
CA GLN B 291 -7.00 -29.43 2.17
C GLN B 291 -7.52 -28.16 1.53
N VAL B 292 -6.78 -27.07 1.69
CA VAL B 292 -7.23 -25.77 1.21
C VAL B 292 -6.91 -25.57 -0.27
N ASP B 293 -7.93 -25.19 -1.03
CA ASP B 293 -7.75 -24.73 -2.41
C ASP B 293 -7.79 -23.19 -2.43
N PHE B 294 -6.67 -22.59 -2.82
CA PHE B 294 -6.53 -21.14 -2.84
C PHE B 294 -7.27 -20.60 -4.05
N ALA B 295 -8.57 -20.44 -3.89
CA ALA B 295 -9.47 -20.24 -5.02
C ALA B 295 -9.53 -18.80 -5.50
N ASN B 296 -10.05 -18.63 -6.71
CA ASN B 296 -10.66 -17.39 -7.15
C ASN B 296 -12.12 -17.51 -6.74
N ARG B 297 -12.82 -16.38 -6.60
CA ARG B 297 -14.24 -16.45 -6.20
C ARG B 297 -15.11 -17.10 -7.28
N PHE B 298 -14.68 -17.00 -8.52
CA PHE B 298 -15.16 -17.89 -9.58
C PHE B 298 -14.35 -19.16 -9.46
N VAL B 299 -14.90 -20.16 -8.80
CA VAL B 299 -14.15 -21.36 -8.45
C VAL B 299 -13.45 -21.97 -9.65
N GLY B 300 -12.28 -22.56 -9.40
CA GLY B 300 -11.46 -23.16 -10.45
C GLY B 300 -10.58 -22.17 -11.19
N GLY B 301 -10.85 -20.88 -11.04
CA GLY B 301 -9.99 -19.83 -11.60
C GLY B 301 -9.97 -19.84 -13.12
N GLY B 302 -8.78 -19.65 -13.68
CA GLY B 302 -8.57 -19.72 -15.13
C GLY B 302 -8.07 -21.08 -15.57
N VAL B 303 -8.65 -22.15 -15.00
CA VAL B 303 -8.20 -23.53 -15.28
C VAL B 303 -8.41 -23.89 -16.76
N THR B 304 -9.51 -23.38 -17.33
CA THR B 304 -9.82 -23.55 -18.75
C THR B 304 -9.28 -22.38 -19.57
N GLY B 305 -8.45 -21.53 -18.96
CA GLY B 305 -7.89 -20.36 -19.62
C GLY B 305 -6.38 -20.35 -19.46
N ALA B 306 -5.84 -19.24 -18.98
CA ALA B 306 -4.39 -19.05 -18.87
C ALA B 306 -3.92 -19.01 -17.41
N GLY B 307 -4.67 -19.66 -16.53
CA GLY B 307 -4.23 -19.86 -15.15
C GLY B 307 -3.52 -21.19 -14.99
N LEU B 308 -2.45 -21.22 -14.20
CA LEU B 308 -1.74 -22.46 -13.89
C LEU B 308 -0.97 -22.35 -12.57
N VAL B 309 -1.70 -21.98 -11.52
CA VAL B 309 -1.13 -21.78 -10.19
C VAL B 309 -1.82 -22.78 -9.22
N GLN B 310 -1.73 -22.58 -7.90
CA GLN B 310 -2.19 -23.60 -6.95
C GLN B 310 -3.54 -24.21 -7.28
N GLU B 311 -4.54 -23.37 -7.53
CA GLU B 311 -5.89 -23.85 -7.77
C GLU B 311 -6.00 -24.62 -9.08
N GLU B 312 -5.46 -24.06 -10.15
CA GLU B 312 -5.62 -24.66 -11.48
C GLU B 312 -4.96 -26.03 -11.52
N ILE B 313 -3.70 -26.08 -11.11
CA ILE B 313 -2.96 -27.34 -10.95
C ILE B 313 -3.80 -28.36 -10.18
N ARG B 314 -4.33 -27.96 -9.03
CA ARG B 314 -5.20 -28.84 -8.25
C ARG B 314 -6.40 -29.29 -9.08
N PHE B 315 -7.03 -28.34 -9.77
CA PHE B 315 -8.17 -28.64 -10.63
C PHE B 315 -7.81 -29.56 -11.81
N LEU B 316 -6.58 -29.49 -12.29
CA LEU B 316 -6.14 -30.38 -13.37
C LEU B 316 -5.81 -31.79 -12.87
N ILE B 317 -5.04 -31.90 -11.79
CA ILE B 317 -4.68 -33.21 -11.25
C ILE B 317 -5.85 -33.96 -10.60
N ASN B 318 -6.83 -33.21 -10.09
CA ASN B 318 -8.12 -33.75 -9.67
C ASN B 318 -9.19 -33.08 -10.53
N PRO B 319 -9.30 -33.50 -11.81
CA PRO B 319 -10.18 -32.84 -12.80
C PRO B 319 -11.66 -32.89 -12.46
N GLU B 320 -12.07 -33.86 -11.64
CA GLU B 320 -13.44 -33.92 -11.17
C GLU B 320 -13.85 -32.67 -10.37
N LEU B 321 -12.87 -31.91 -9.88
CA LEU B 321 -13.13 -30.59 -9.29
C LEU B 321 -13.76 -29.61 -10.29
N ILE B 322 -13.34 -29.70 -11.55
CA ILE B 322 -13.73 -28.74 -12.58
C ILE B 322 -15.24 -28.65 -12.74
N VAL B 323 -15.96 -29.76 -12.52
CA VAL B 323 -17.40 -29.81 -12.75
C VAL B 323 -18.19 -28.86 -11.83
N SER B 324 -17.55 -28.42 -10.74
CA SER B 324 -18.16 -27.46 -9.84
C SER B 324 -18.49 -26.18 -10.60
N ARG B 325 -17.70 -25.90 -11.62
CA ARG B 325 -17.86 -24.69 -12.43
C ARG B 325 -19.20 -24.61 -13.17
N LEU B 326 -19.84 -25.74 -13.37
CA LEU B 326 -21.08 -25.82 -14.10
C LEU B 326 -22.25 -25.31 -13.27
N PHE B 327 -22.17 -25.53 -11.95
CA PHE B 327 -23.29 -25.23 -11.06
C PHE B 327 -22.99 -24.33 -9.84
N THR B 328 -21.75 -23.89 -9.68
CA THR B 328 -21.37 -23.05 -8.52
C THR B 328 -21.25 -21.55 -8.83
N GLU B 329 -22.17 -20.74 -8.30
CA GLU B 329 -22.17 -19.28 -8.52
C GLU B 329 -20.98 -18.61 -7.82
N VAL B 330 -20.54 -17.47 -8.34
CA VAL B 330 -19.42 -16.75 -7.75
C VAL B 330 -19.58 -16.59 -6.23
N LEU B 331 -18.55 -16.96 -5.47
CA LEU B 331 -18.62 -16.91 -4.01
C LEU B 331 -18.65 -15.46 -3.48
N ASP B 332 -19.50 -15.24 -2.48
CA ASP B 332 -19.55 -13.95 -1.79
C ASP B 332 -18.59 -13.97 -0.58
N HIS B 333 -18.39 -12.82 0.05
CA HIS B 333 -17.43 -12.70 1.15
C HIS B 333 -17.63 -13.71 2.29
N ASN B 334 -18.86 -14.16 2.50
CA ASN B 334 -19.14 -15.08 3.61
C ASN B 334 -19.33 -16.54 3.19
N GLU B 335 -18.83 -16.91 2.01
CA GLU B 335 -19.08 -18.23 1.44
C GLU B 335 -17.84 -19.00 1.03
N CYS B 336 -17.98 -20.34 0.92
CA CYS B 336 -16.95 -21.23 0.37
C CYS B 336 -17.56 -22.49 -0.28
N LEU B 337 -16.71 -23.34 -0.82
CA LEU B 337 -17.13 -24.55 -1.54
C LEU B 337 -16.29 -25.76 -1.09
N ILE B 338 -16.97 -26.76 -0.54
CA ILE B 338 -16.32 -27.93 0.02
C ILE B 338 -16.59 -29.12 -0.90
N ILE B 339 -15.52 -29.78 -1.34
CA ILE B 339 -15.64 -30.92 -2.23
C ILE B 339 -15.01 -32.13 -1.58
N THR B 340 -15.80 -33.17 -1.39
CA THR B 340 -15.34 -34.38 -0.73
C THR B 340 -15.52 -35.57 -1.65
N GLY B 341 -14.43 -36.29 -1.92
CA GLY B 341 -14.48 -37.55 -2.67
C GLY B 341 -13.71 -37.62 -3.98
N THR B 342 -13.13 -36.50 -4.40
CA THR B 342 -12.42 -36.43 -5.69
C THR B 342 -11.12 -37.25 -5.66
N GLU B 343 -10.76 -37.78 -6.83
CA GLU B 343 -9.61 -38.63 -6.99
C GLU B 343 -8.52 -37.89 -7.75
N GLN B 344 -7.27 -38.26 -7.46
CA GLN B 344 -6.10 -37.68 -8.13
C GLN B 344 -5.65 -38.62 -9.25
N TYR B 345 -5.52 -38.08 -10.47
CA TYR B 345 -5.24 -38.87 -11.67
C TYR B 345 -3.82 -38.68 -12.20
N SER B 346 -3.22 -37.52 -11.94
CA SER B 346 -1.88 -37.21 -12.45
C SER B 346 -0.87 -36.87 -11.35
N GLU B 347 0.40 -36.86 -11.74
CA GLU B 347 1.48 -36.31 -10.91
C GLU B 347 2.18 -35.24 -11.74
N TYR B 348 2.48 -34.10 -11.12
CA TYR B 348 3.02 -32.96 -11.86
C TYR B 348 4.41 -32.57 -11.39
N THR B 349 5.11 -31.86 -12.27
CA THR B 349 6.37 -31.21 -11.94
C THR B 349 6.18 -29.72 -12.16
N GLY B 350 6.95 -28.92 -11.42
CA GLY B 350 6.99 -27.48 -11.64
C GLY B 350 5.76 -26.72 -11.19
N TYR B 351 5.60 -25.52 -11.74
CA TYR B 351 4.63 -24.54 -11.27
C TYR B 351 4.58 -23.39 -12.28
N ALA B 352 3.45 -22.66 -12.31
CA ALA B 352 3.26 -21.52 -13.23
C ALA B 352 3.84 -21.79 -14.62
N GLU B 353 4.93 -21.11 -14.98
CA GLU B 353 5.50 -21.23 -16.34
C GLU B 353 6.36 -22.48 -16.55
N THR B 354 6.61 -23.25 -15.49
CA THR B 354 7.42 -24.47 -15.58
C THR B 354 6.61 -25.75 -15.27
N TYR B 355 5.29 -25.62 -15.15
CA TYR B 355 4.43 -26.79 -14.94
C TYR B 355 4.59 -27.82 -16.05
N ARG B 356 4.60 -29.10 -15.69
CA ARG B 356 4.64 -30.20 -16.65
C ARG B 356 3.87 -31.40 -16.11
N TRP B 357 3.32 -32.22 -17.02
CA TRP B 357 2.70 -33.49 -16.66
C TRP B 357 3.78 -34.56 -16.54
N ALA B 358 3.95 -35.10 -15.33
CA ALA B 358 4.97 -36.14 -15.09
C ALA B 358 4.46 -37.53 -15.47
N ARG B 359 3.36 -37.96 -14.82
CA ARG B 359 2.86 -39.32 -14.99
C ARG B 359 1.44 -39.45 -14.44
N SER B 360 0.87 -40.66 -14.57
CA SER B 360 -0.42 -41.01 -13.98
C SER B 360 -0.28 -41.24 -12.47
N HIS B 361 -1.40 -41.24 -11.76
CA HIS B 361 -1.40 -41.46 -10.32
C HIS B 361 -2.47 -42.46 -9.91
N GLU B 362 -2.04 -43.53 -9.24
CA GLU B 362 -2.95 -44.46 -8.58
C GLU B 362 -3.20 -44.00 -7.15
N ASP B 363 -4.24 -43.18 -6.98
CA ASP B 363 -4.67 -42.72 -5.67
C ASP B 363 -5.19 -43.90 -4.86
N GLY B 364 -4.68 -44.06 -3.65
CA GLY B 364 -5.02 -45.21 -2.80
C GLY B 364 -5.63 -44.85 -1.45
N SER B 365 -6.37 -43.74 -1.40
CA SER B 365 -7.05 -43.32 -0.17
C SER B 365 -8.34 -44.11 0.03
N GLU B 366 -8.66 -44.41 1.28
CA GLU B 366 -9.83 -45.24 1.61
C GLU B 366 -11.15 -44.53 1.30
N LYS B 367 -12.21 -45.31 1.17
CA LYS B 367 -13.54 -44.76 0.86
C LYS B 367 -14.41 -44.75 2.10
N ASP B 368 -15.21 -43.69 2.28
CA ASP B 368 -16.14 -43.61 3.42
C ASP B 368 -17.36 -44.51 3.17
N ASP B 369 -18.27 -44.56 4.14
CA ASP B 369 -19.51 -45.36 3.99
C ASP B 369 -20.39 -44.89 2.82
N TRP B 370 -20.18 -43.65 2.38
CA TRP B 370 -20.85 -43.10 1.20
C TRP B 370 -20.04 -43.30 -0.07
N GLN B 371 -19.04 -44.18 -0.03
CA GLN B 371 -18.19 -44.48 -1.18
C GLN B 371 -17.53 -43.24 -1.79
N ARG B 372 -17.24 -42.24 -0.96
CA ARG B 372 -16.44 -41.07 -1.36
C ARG B 372 -15.05 -41.24 -0.78
N ARG B 373 -14.02 -40.88 -1.56
CA ARG B 373 -12.65 -40.97 -1.06
C ARG B 373 -12.41 -40.00 0.09
N CYS B 374 -11.56 -40.38 1.05
CA CYS B 374 -11.27 -39.55 2.22
C CYS B 374 -10.37 -38.39 1.83
N THR B 375 -10.95 -37.48 1.05
CA THR B 375 -10.23 -36.36 0.49
C THR B 375 -11.19 -35.19 0.48
N GLU B 376 -11.04 -34.30 1.46
CA GLU B 376 -11.86 -33.10 1.58
C GLU B 376 -11.04 -31.92 1.07
N ILE B 377 -11.57 -31.19 0.08
CA ILE B 377 -10.94 -29.97 -0.44
C ILE B 377 -11.90 -28.80 -0.30
N VAL B 378 -11.45 -27.70 0.29
CA VAL B 378 -12.32 -26.53 0.47
C VAL B 378 -11.74 -25.33 -0.26
N ALA B 379 -12.56 -24.70 -1.10
CA ALA B 379 -12.16 -23.53 -1.87
C ALA B 379 -12.56 -22.25 -1.13
N ILE B 380 -11.56 -21.48 -0.72
CA ILE B 380 -11.74 -20.15 -0.15
C ILE B 380 -10.85 -19.16 -0.89
N ASP B 381 -11.47 -18.10 -1.38
CA ASP B 381 -10.76 -17.04 -2.10
C ASP B 381 -10.35 -15.91 -1.16
N ALA B 382 -9.04 -15.76 -0.95
CA ALA B 382 -8.50 -14.58 -0.30
C ALA B 382 -8.70 -13.40 -1.23
N LEU B 383 -8.50 -12.19 -0.71
CA LEU B 383 -8.66 -10.97 -1.50
C LEU B 383 -7.40 -10.67 -2.31
N HIS B 384 -7.58 -9.98 -3.43
CA HIS B 384 -6.49 -9.60 -4.31
C HIS B 384 -6.14 -8.15 -4.02
N PHE B 385 -5.07 -7.95 -3.27
CA PHE B 385 -4.66 -6.62 -2.84
C PHE B 385 -3.80 -5.93 -3.89
N ARG B 386 -4.22 -4.72 -4.27
CA ARG B 386 -3.43 -3.86 -5.15
C ARG B 386 -2.29 -3.21 -4.35
N ARG B 387 -2.66 -2.58 -3.22
CA ARG B 387 -1.69 -1.94 -2.33
C ARG B 387 -1.29 -2.94 -1.25
N TYR B 388 0.01 -3.12 -1.07
CA TYR B 388 0.53 -4.04 -0.06
C TYR B 388 0.09 -3.68 1.37
N LEU B 389 -0.06 -2.39 1.62
CA LEU B 389 -0.45 -1.89 2.94
C LEU B 389 -1.91 -2.18 3.30
N ASP B 390 -2.76 -2.37 2.29
CA ASP B 390 -4.22 -2.42 2.51
C ASP B 390 -4.74 -3.65 3.23
N GLN B 391 -3.98 -4.74 3.20
CA GLN B 391 -4.36 -5.97 3.89
C GLN B 391 -4.33 -5.86 5.42
N PHE B 392 -3.69 -4.82 5.95
CA PHE B 392 -3.64 -4.60 7.39
C PHE B 392 -4.80 -3.75 7.92
N VAL B 393 -5.58 -3.13 7.04
CA VAL B 393 -6.78 -2.39 7.46
C VAL B 393 -7.74 -3.38 8.11
N PRO B 394 -8.13 -3.14 9.38
CA PRO B 394 -8.95 -4.09 10.16
C PRO B 394 -10.09 -4.76 9.40
N GLU B 395 -10.87 -3.98 8.67
CA GLU B 395 -11.94 -4.53 7.85
C GLU B 395 -11.42 -5.69 6.99
N LYS B 396 -10.30 -5.45 6.30
CA LYS B 396 -9.71 -6.45 5.41
C LYS B 396 -9.21 -7.65 6.19
N VAL B 397 -8.67 -7.41 7.39
CA VAL B 397 -8.27 -8.49 8.29
C VAL B 397 -9.48 -9.30 8.74
N ARG B 398 -10.58 -8.62 9.04
CA ARG B 398 -11.77 -9.32 9.52
C ARG B 398 -12.38 -10.18 8.42
N ARG B 399 -12.36 -9.68 7.19
CA ARG B 399 -12.88 -10.40 6.04
C ARG B 399 -12.15 -11.71 5.76
N GLU B 400 -10.81 -11.69 5.86
CA GLU B 400 -10.02 -12.91 5.64
C GLU B 400 -10.27 -13.95 6.74
N LEU B 401 -10.42 -13.48 7.97
CA LEU B 401 -10.69 -14.38 9.09
C LEU B 401 -12.04 -15.02 8.90
N ASN B 402 -13.01 -14.21 8.50
CA ASN B 402 -14.34 -14.68 8.21
C ASN B 402 -14.31 -15.71 7.07
N LYS B 403 -13.50 -15.44 6.05
CA LYS B 403 -13.41 -16.39 4.94
C LYS B 403 -12.81 -17.74 5.37
N ALA B 404 -11.64 -17.73 6.00
CA ALA B 404 -11.01 -18.98 6.48
C ALA B 404 -11.91 -19.73 7.45
N TYR B 405 -12.58 -18.99 8.31
CA TYR B 405 -13.46 -19.57 9.31
C TYR B 405 -14.59 -20.35 8.63
N CYS B 406 -15.16 -19.77 7.58
CA CYS B 406 -16.23 -20.43 6.83
C CYS B 406 -15.71 -21.73 6.26
N GLY B 407 -14.51 -21.66 5.68
CA GLY B 407 -13.84 -22.82 5.08
C GLY B 407 -13.56 -23.94 6.07
N PHE B 408 -13.17 -23.57 7.29
CA PHE B 408 -12.81 -24.56 8.31
C PHE B 408 -13.99 -25.07 9.17
N LEU B 409 -14.91 -24.19 9.53
CA LEU B 409 -16.01 -24.56 10.45
C LEU B 409 -16.93 -25.64 9.86
N ARG B 410 -17.08 -26.75 10.58
CA ARG B 410 -18.07 -27.80 10.22
C ARG B 410 -19.10 -27.86 11.34
N PRO B 411 -20.17 -27.05 11.22
CA PRO B 411 -21.15 -26.86 12.29
C PRO B 411 -21.73 -28.14 12.87
N GLY B 412 -22.06 -29.09 12.00
CA GLY B 412 -22.69 -30.35 12.41
C GLY B 412 -21.75 -31.39 12.99
N VAL B 413 -20.45 -31.07 13.03
CA VAL B 413 -19.46 -31.99 13.59
C VAL B 413 -18.83 -31.38 14.85
N PRO B 414 -18.69 -32.19 15.92
CA PRO B 414 -17.90 -31.72 17.06
C PRO B 414 -16.40 -31.68 16.75
N SER B 415 -15.66 -30.92 17.53
CA SER B 415 -14.23 -30.62 17.28
C SER B 415 -13.31 -31.85 17.24
N GLU B 416 -13.37 -32.69 18.26
CA GLU B 416 -12.52 -33.90 18.31
C GLU B 416 -12.80 -34.92 17.20
N ASN B 417 -13.86 -34.70 16.41
CA ASN B 417 -14.13 -35.50 15.22
C ASN B 417 -13.74 -34.78 13.92
N LEU B 418 -13.04 -33.66 14.04
CA LEU B 418 -12.58 -32.92 12.86
C LEU B 418 -11.10 -33.13 12.63
N SER B 419 -10.75 -33.40 11.38
CA SER B 419 -9.37 -33.57 10.99
C SER B 419 -8.64 -32.25 11.15
N ALA B 420 -7.31 -32.29 11.03
CA ALA B 420 -6.52 -31.06 10.95
C ALA B 420 -6.77 -30.38 9.60
N VAL B 421 -6.29 -29.14 9.47
CA VAL B 421 -6.35 -28.39 8.22
C VAL B 421 -4.98 -28.31 7.59
N ALA B 422 -4.84 -28.87 6.39
CA ALA B 422 -3.61 -28.76 5.61
C ALA B 422 -3.70 -27.52 4.75
N THR B 423 -2.97 -26.46 5.11
CA THR B 423 -2.96 -25.23 4.32
C THR B 423 -1.54 -24.76 4.02
N GLY B 424 -1.46 -23.59 3.40
CA GLY B 424 -0.19 -22.97 3.11
C GLY B 424 -0.33 -21.47 2.96
N ASN B 425 0.46 -20.92 2.04
CA ASN B 425 0.53 -19.47 1.82
C ASN B 425 -0.67 -18.96 1.05
N TRP B 426 -1.85 -19.14 1.61
CA TRP B 426 -3.11 -18.67 1.04
C TRP B 426 -3.08 -17.17 0.77
N GLY B 427 -3.32 -16.78 -0.48
CA GLY B 427 -3.45 -15.36 -0.86
C GLY B 427 -2.13 -14.66 -1.12
N CYS B 428 -1.02 -15.40 -1.01
CA CYS B 428 0.32 -14.78 -1.03
C CYS B 428 1.18 -15.03 -2.28
N GLY B 429 0.60 -15.64 -3.31
CA GLY B 429 1.25 -15.72 -4.60
C GLY B 429 0.59 -14.71 -5.52
N ALA B 430 -0.36 -15.19 -6.31
CA ALA B 430 -1.11 -14.37 -7.27
C ALA B 430 -1.69 -13.09 -6.64
N PHE B 431 -2.22 -13.21 -5.43
CA PHE B 431 -2.90 -12.09 -4.75
C PHE B 431 -2.04 -11.28 -3.80
N GLY B 432 -0.72 -11.45 -3.85
CA GLY B 432 0.24 -10.58 -3.14
C GLY B 432 -0.01 -10.35 -1.65
N GLY B 433 -0.66 -11.29 -0.98
CA GLY B 433 -0.86 -11.20 0.47
C GLY B 433 0.45 -11.45 1.20
N ASP B 434 0.48 -11.05 2.47
CA ASP B 434 1.64 -11.27 3.33
C ASP B 434 1.49 -12.61 4.06
N ALA B 435 2.48 -13.50 3.92
CA ALA B 435 2.40 -14.85 4.49
C ALA B 435 2.37 -14.83 6.01
N ARG B 436 3.19 -13.98 6.61
CA ARG B 436 3.23 -13.85 8.06
C ARG B 436 1.86 -13.44 8.60
N LEU B 437 1.23 -12.45 7.98
CA LEU B 437 -0.11 -12.02 8.39
C LEU B 437 -1.15 -13.11 8.14
N LYS B 438 -1.03 -13.75 6.98
CA LYS B 438 -2.04 -14.71 6.56
C LYS B 438 -1.95 -16.03 7.32
N ALA B 439 -0.73 -16.46 7.64
CA ALA B 439 -0.56 -17.63 8.49
C ALA B 439 -1.26 -17.36 9.81
N LEU B 440 -1.07 -16.15 10.34
CA LEU B 440 -1.65 -15.80 11.62
C LEU B 440 -3.18 -15.75 11.54
N ILE B 441 -3.72 -15.27 10.42
CA ILE B 441 -5.16 -15.24 10.22
C ILE B 441 -5.72 -16.66 10.20
N GLN B 442 -5.08 -17.55 9.46
CA GLN B 442 -5.56 -18.93 9.39
C GLN B 442 -5.48 -19.59 10.76
N ILE B 443 -4.40 -19.31 11.48
CA ILE B 443 -4.24 -19.84 12.83
C ILE B 443 -5.39 -19.38 13.73
N LEU B 444 -5.68 -18.08 13.74
CA LEU B 444 -6.75 -17.54 14.57
C LEU B 444 -8.12 -18.09 14.14
N ALA B 445 -8.33 -18.21 12.83
CA ALA B 445 -9.60 -18.73 12.32
C ALA B 445 -9.76 -20.23 12.61
N ALA B 446 -8.67 -20.99 12.49
CA ALA B 446 -8.66 -22.42 12.85
C ALA B 446 -8.96 -22.63 14.33
N ALA B 447 -8.54 -21.69 15.17
CA ALA B 447 -8.82 -21.75 16.61
C ALA B 447 -10.29 -21.49 16.92
N ALA B 448 -10.89 -20.52 16.22
CA ALA B 448 -12.32 -20.22 16.40
C ALA B 448 -13.18 -21.40 15.94
N ALA B 449 -12.71 -22.11 14.91
CA ALA B 449 -13.37 -23.33 14.41
C ALA B 449 -12.94 -24.59 15.17
N GLU B 450 -11.93 -24.46 16.04
CA GLU B 450 -11.44 -25.55 16.90
C GLU B 450 -10.87 -26.72 16.10
N ARG B 451 -9.99 -26.41 15.14
CA ARG B 451 -9.28 -27.44 14.40
C ARG B 451 -7.78 -27.17 14.40
N ASP B 452 -7.00 -28.24 14.31
CA ASP B 452 -5.53 -28.15 14.27
C ASP B 452 -5.10 -27.65 12.90
N VAL B 453 -3.87 -27.12 12.81
CA VAL B 453 -3.30 -26.63 11.55
C VAL B 453 -1.99 -27.34 11.18
N VAL B 454 -1.92 -27.83 9.95
CA VAL B 454 -0.67 -28.28 9.38
C VAL B 454 -0.34 -27.37 8.18
N TYR B 455 0.76 -26.64 8.26
CA TYR B 455 1.07 -25.57 7.33
C TYR B 455 2.27 -25.92 6.45
N PHE B 456 2.14 -25.66 5.16
CA PHE B 456 3.20 -25.88 4.19
C PHE B 456 3.65 -24.54 3.63
N THR B 457 4.89 -24.18 3.90
CA THR B 457 5.46 -22.90 3.49
C THR B 457 6.05 -22.99 2.10
N PHE B 458 6.12 -24.19 1.53
CA PHE B 458 6.47 -24.41 0.14
C PHE B 458 7.86 -23.87 -0.19
N GLY B 459 8.88 -24.40 0.51
CA GLY B 459 10.28 -24.02 0.26
C GLY B 459 10.87 -23.02 1.23
N ASP B 460 10.05 -22.07 1.70
CA ASP B 460 10.53 -20.98 2.56
C ASP B 460 10.79 -21.47 4.00
N SER B 461 12.07 -21.63 4.34
CA SER B 461 12.47 -22.12 5.66
C SER B 461 12.38 -21.04 6.76
N GLU B 462 12.75 -19.80 6.44
CA GLU B 462 12.62 -18.71 7.41
C GLU B 462 11.16 -18.53 7.86
N LEU B 463 10.25 -18.55 6.90
CA LEU B 463 8.83 -18.47 7.19
C LEU B 463 8.42 -19.54 8.20
N ARG B 465 10.23 -20.94 10.59
CA ARG B 465 10.66 -20.52 11.92
C ARG B 465 9.78 -19.39 12.44
N ASP B 466 9.63 -18.36 11.62
CA ASP B 466 8.88 -17.17 12.00
C ASP B 466 7.46 -17.54 12.45
N ILE B 467 6.80 -18.38 11.66
CA ILE B 467 5.46 -18.85 12.00
C ILE B 467 5.48 -19.68 13.28
N TYR B 468 6.49 -20.52 13.45
CA TYR B 468 6.59 -21.31 14.66
C TYR B 468 6.78 -20.44 15.90
N SER B 469 7.84 -19.62 15.89
CA SER B 469 8.16 -18.76 17.02
C SER B 469 6.95 -17.98 17.52
N HIS B 471 3.58 -18.60 17.00
CA HIS B 471 2.61 -19.53 17.59
C HIS B 471 3.00 -19.89 19.01
N THR B 472 4.27 -20.25 19.17
CA THR B 472 4.81 -20.72 20.44
C THR B 472 4.80 -19.60 21.47
N PHE B 473 5.11 -18.40 21.01
CA PHE B 473 5.11 -17.23 21.87
C PHE B 473 3.69 -16.99 22.41
N LEU B 474 2.72 -17.02 21.50
CA LEU B 474 1.32 -16.73 21.84
C LEU B 474 0.70 -17.87 22.66
N THR B 475 1.13 -19.11 22.42
CA THR B 475 0.64 -20.26 23.19
C THR B 475 1.20 -20.24 24.60
N GLU B 476 2.53 -20.14 24.72
CA GLU B 476 3.21 -20.03 26.01
C GLU B 476 2.70 -18.87 26.86
N ARG B 477 2.34 -17.76 26.20
CA ARG B 477 1.81 -16.59 26.90
C ARG B 477 0.28 -16.65 27.09
N LYS B 478 -0.33 -17.77 26.67
CA LYS B 478 -1.77 -18.05 26.82
C LYS B 478 -2.72 -16.97 26.27
N LEU B 479 -2.31 -16.32 25.17
CA LEU B 479 -3.13 -15.29 24.52
C LEU B 479 -4.18 -15.92 23.60
N ASP B 480 -5.45 -15.68 23.90
CA ASP B 480 -6.54 -16.24 23.11
C ASP B 480 -6.77 -15.43 21.83
N VAL B 481 -7.64 -15.96 20.97
CA VAL B 481 -7.89 -15.34 19.67
C VAL B 481 -8.20 -13.83 19.82
N GLY B 482 -9.07 -13.50 20.78
CA GLY B 482 -9.46 -12.12 21.07
C GLY B 482 -8.32 -11.16 21.35
N LYS B 483 -7.33 -11.58 22.11
CA LYS B 483 -6.18 -10.72 22.40
C LYS B 483 -5.29 -10.52 21.16
N VAL B 484 -5.10 -11.59 20.38
CA VAL B 484 -4.23 -11.54 19.20
C VAL B 484 -4.88 -10.69 18.10
N TYR B 485 -6.20 -10.83 17.96
CA TYR B 485 -6.98 -9.98 17.07
C TYR B 485 -6.72 -8.52 17.39
N LYS B 486 -6.86 -8.14 18.66
CA LYS B 486 -6.60 -6.77 19.11
C LYS B 486 -5.18 -6.30 18.76
N LEU B 487 -4.20 -7.18 18.91
CA LEU B 487 -2.82 -6.84 18.53
C LEU B 487 -2.71 -6.51 17.04
N LEU B 488 -3.44 -7.28 16.21
CA LEU B 488 -3.48 -7.00 14.78
C LEU B 488 -4.10 -5.62 14.52
N LEU B 489 -5.15 -5.31 15.28
CA LEU B 489 -5.79 -4.00 15.21
C LEU B 489 -4.85 -2.89 15.68
N ARG B 490 -4.10 -3.18 16.75
CA ARG B 490 -3.13 -2.22 17.26
C ARG B 490 -2.04 -1.95 16.23
N TYR B 491 -1.62 -3.01 15.55
CA TYR B 491 -0.58 -2.90 14.54
C TYR B 491 -0.98 -1.90 13.46
N TYR B 492 -2.24 -1.96 13.02
CA TYR B 492 -2.71 -1.00 12.03
C TYR B 492 -2.64 0.45 12.55
N ASN B 493 -3.36 0.72 13.63
CA ASN B 493 -3.48 2.08 14.13
C ASN B 493 -2.16 2.70 14.58
N GLU B 494 -1.28 1.89 15.17
CA GLU B 494 -0.04 2.40 15.73
C GLU B 494 1.07 2.52 14.69
N GLU B 495 1.10 1.59 13.74
CA GLU B 495 2.20 1.55 12.75
C GLU B 495 1.78 1.76 11.28
N CYS B 496 0.50 1.59 10.96
CA CYS B 496 0.06 1.67 9.55
C CYS B 496 -0.88 2.84 9.23
N ARG B 497 -1.83 3.14 10.13
CA ARG B 497 -2.80 4.23 9.92
C ARG B 497 -2.11 5.59 9.76
N ASN B 498 -1.07 5.82 10.58
CA ASN B 498 -0.29 7.05 10.54
C ASN B 498 0.90 6.96 9.56
N CYS B 499 0.94 5.90 8.76
CA CYS B 499 2.08 5.62 7.89
C CYS B 499 2.11 6.57 6.69
N SER B 500 2.78 7.69 6.86
CA SER B 500 3.04 8.62 5.76
C SER B 500 4.05 8.03 4.78
N THR B 501 4.97 7.23 5.33
CA THR B 501 6.01 6.56 4.55
C THR B 501 5.41 5.44 3.69
N PRO B 502 5.99 5.16 2.49
CA PRO B 502 5.48 4.08 1.64
C PRO B 502 5.25 2.74 2.35
N GLY B 503 6.10 2.43 3.33
CA GLY B 503 5.92 1.26 4.21
C GLY B 503 6.23 1.60 5.66
N PRO B 504 5.60 0.87 6.61
CA PRO B 504 5.82 1.12 8.04
C PRO B 504 7.23 0.74 8.50
N ASP B 505 7.64 1.23 9.67
CA ASP B 505 8.99 0.93 10.17
C ASP B 505 9.11 -0.49 10.71
N ILE B 506 8.21 -0.89 11.60
CA ILE B 506 8.24 -2.24 12.17
C ILE B 506 7.28 -3.21 11.48
N LYS B 507 7.73 -4.45 11.29
CA LYS B 507 6.90 -5.50 10.73
C LYS B 507 5.91 -6.02 11.78
N LEU B 508 4.91 -6.78 11.33
CA LEU B 508 3.88 -7.32 12.22
C LEU B 508 4.45 -8.15 13.36
N TYR B 509 5.30 -9.12 13.04
CA TYR B 509 5.75 -10.08 14.05
C TYR B 509 6.61 -9.46 15.16
N PRO B 510 7.63 -8.65 14.80
CA PRO B 510 8.35 -7.94 15.86
C PRO B 510 7.42 -7.05 16.69
N PHE B 511 6.52 -6.34 16.03
CA PHE B 511 5.57 -5.48 16.75
C PHE B 511 4.82 -6.29 17.82
N ILE B 512 4.35 -7.47 17.44
CA ILE B 512 3.64 -8.36 18.36
C ILE B 512 4.52 -8.78 19.55
N TYR B 513 5.75 -9.20 19.26
CA TYR B 513 6.71 -9.54 20.31
C TYR B 513 6.93 -8.38 21.26
N HIS B 514 7.32 -7.24 20.70
CA HIS B 514 7.63 -6.03 21.46
C HIS B 514 6.43 -5.53 22.25
N ALA B 515 5.26 -5.50 21.61
CA ALA B 515 4.07 -4.93 22.23
C ALA B 515 3.54 -5.78 23.37
N VAL B 516 3.77 -7.10 23.31
CA VAL B 516 3.31 -8.00 24.36
C VAL B 516 4.20 -7.95 25.60
N GLU B 517 5.50 -8.11 25.41
CA GLU B 517 6.45 -8.15 26.52
C GLU B 517 6.37 -6.90 27.41
N SER B 518 6.07 -5.76 26.80
CA SER B 518 5.90 -4.50 27.52
C SER B 518 4.65 -4.53 28.41
N LYS C 7 -48.34 13.17 8.53
CA LYS C 7 -47.21 12.30 8.97
C LYS C 7 -45.95 13.15 9.09
N LYS C 8 -45.15 12.88 10.13
CA LYS C 8 -43.95 13.66 10.39
C LYS C 8 -42.63 12.89 10.30
N TRP C 9 -42.67 11.56 10.28
CA TRP C 9 -41.44 10.76 10.12
C TRP C 9 -41.68 9.44 9.38
N LEU C 10 -40.58 8.87 8.86
CA LEU C 10 -40.66 7.64 8.04
C LEU C 10 -39.32 6.96 7.81
N GLY C 11 -39.40 5.67 7.50
CA GLY C 11 -38.22 4.80 7.40
C GLY C 11 -38.10 3.96 8.66
N THR C 12 -36.87 3.70 9.09
CA THR C 12 -36.62 2.93 10.30
C THR C 12 -36.76 3.84 11.52
N PRO C 13 -37.61 3.44 12.49
CA PRO C 13 -37.87 4.26 13.69
C PRO C 13 -36.59 4.70 14.40
N ILE C 14 -36.54 5.99 14.75
CA ILE C 14 -35.35 6.62 15.34
C ILE C 14 -34.84 5.89 16.60
N GLU C 15 -35.77 5.32 17.36
CA GLU C 15 -35.42 4.57 18.58
C GLU C 15 -34.72 3.22 18.32
N GLU C 16 -34.79 2.74 17.07
CA GLU C 16 -34.14 1.48 16.68
C GLU C 16 -32.76 1.71 16.07
N ARG C 18 -28.61 3.06 16.21
CA ARG C 18 -27.42 2.97 17.07
C ARG C 18 -26.95 4.35 17.54
N LYS C 19 -26.56 4.42 18.81
CA LYS C 19 -26.11 5.69 19.41
C LYS C 19 -25.32 5.47 20.70
N PRO C 21 -23.79 6.17 24.50
CA PRO C 21 -22.68 5.26 24.75
C PRO C 21 -22.97 3.79 24.46
N ARG C 22 -24.24 3.42 24.30
CA ARG C 22 -24.67 2.02 24.12
C ARG C 22 -23.90 1.27 23.02
N CYS C 23 -23.93 1.82 21.81
CA CYS C 23 -23.22 1.24 20.68
C CYS C 23 -21.71 1.37 20.82
N GLY C 24 -21.26 2.19 21.76
CA GLY C 24 -19.85 2.44 21.99
C GLY C 24 -18.97 1.21 22.12
N ILE C 25 -17.75 1.35 21.62
CA ILE C 25 -16.70 0.34 21.76
C ILE C 25 -16.05 0.45 23.14
N HIS C 26 -15.17 -0.51 23.44
CA HIS C 26 -14.38 -0.47 24.67
C HIS C 26 -13.10 0.32 24.46
N LEU C 27 -13.04 1.53 25.01
CA LEU C 27 -11.89 2.42 24.80
C LEU C 27 -10.64 1.88 25.51
N PRO C 28 -9.48 1.87 24.81
CA PRO C 28 -8.22 1.45 25.42
C PRO C 28 -7.55 2.60 26.16
N SER C 29 -6.97 2.32 27.34
CA SER C 29 -6.34 3.35 28.18
C SER C 29 -5.70 4.46 27.37
N LEU C 30 -6.14 5.70 27.64
CA LEU C 30 -5.63 6.87 26.93
C LEU C 30 -4.16 7.08 27.23
N ARG C 31 -3.36 7.25 26.19
CA ARG C 31 -1.97 7.65 26.36
C ARG C 31 -1.54 8.61 25.25
N PRO C 32 -0.47 9.39 25.48
CA PRO C 32 0.12 10.20 24.40
C PRO C 32 0.87 9.35 23.37
N SER C 33 1.01 9.88 22.17
CA SER C 33 1.77 9.23 21.09
C SER C 33 2.16 10.28 20.03
N ALA C 34 2.80 9.86 18.95
CA ALA C 34 3.24 10.80 17.91
C ALA C 34 2.07 11.39 17.14
N SER C 35 0.98 10.63 17.06
CA SER C 35 -0.21 11.04 16.34
C SER C 35 -1.26 11.60 17.29
N HIS C 36 -1.01 11.50 18.59
CA HIS C 36 -1.96 11.92 19.59
C HIS C 36 -1.27 12.77 20.65
N THR C 37 -1.73 14.01 20.80
CA THR C 37 -1.25 14.90 21.84
C THR C 37 -2.26 14.88 22.97
N VAL C 38 -1.80 14.58 24.18
CA VAL C 38 -2.68 14.54 25.36
C VAL C 38 -2.13 15.48 26.40
N THR C 39 -2.93 16.45 26.83
CA THR C 39 -2.43 17.52 27.70
C THR C 39 -2.85 17.36 29.17
N VAL C 40 -3.10 16.13 29.60
CA VAL C 40 -3.59 15.86 30.94
C VAL C 40 -2.91 14.64 31.53
N ARG C 41 -2.89 14.58 32.86
CA ARG C 41 -2.32 13.45 33.56
C ARG C 41 -3.32 12.29 33.57
N VAL C 42 -3.00 11.28 32.76
CA VAL C 42 -3.87 10.12 32.57
C VAL C 42 -4.07 9.34 33.86
N ASP C 43 -2.99 9.18 34.62
CA ASP C 43 -3.04 8.45 35.88
C ASP C 43 -4.08 8.98 36.88
N LEU C 44 -4.34 10.29 36.88
CA LEU C 44 -5.32 10.90 37.79
C LEU C 44 -6.58 11.37 37.05
N LEU C 45 -7.23 10.45 36.34
CA LEU C 45 -8.39 10.75 35.52
C LEU C 45 -9.65 10.05 36.07
N ARG C 46 -10.44 10.80 36.83
CA ARG C 46 -11.55 10.25 37.60
C ARG C 46 -12.83 11.04 37.39
N ALA C 47 -13.96 10.34 37.30
CA ALA C 47 -15.26 10.97 37.10
C ALA C 47 -15.57 12.03 38.17
N GLY C 48 -16.09 13.18 37.74
CA GLY C 48 -16.52 14.23 38.65
C GLY C 48 -15.38 15.05 39.25
N GLU C 49 -14.21 14.99 38.64
CA GLU C 49 -13.05 15.73 39.11
C GLU C 49 -12.26 16.35 37.96
N VAL C 50 -11.87 17.61 38.14
CA VAL C 50 -11.08 18.34 37.18
C VAL C 50 -9.72 17.65 36.96
N PRO C 51 -9.45 17.22 35.72
CA PRO C 51 -8.16 16.55 35.47
C PRO C 51 -7.00 17.50 35.64
N LYS C 52 -5.81 16.94 35.84
CA LYS C 52 -4.64 17.75 36.10
C LYS C 52 -3.77 17.82 34.86
N PRO C 53 -3.27 19.02 34.53
CA PRO C 53 -2.50 19.18 33.30
C PRO C 53 -1.16 18.46 33.37
N PHE C 54 -0.66 18.05 32.20
CA PHE C 54 0.66 17.48 32.06
C PHE C 54 1.40 18.29 31.01
N PRO C 55 2.62 18.76 31.32
CA PRO C 55 3.35 18.58 32.58
C PRO C 55 2.79 19.43 33.72
N THR C 56 3.40 19.34 34.88
CA THR C 56 2.96 20.12 36.03
C THR C 56 3.22 21.62 35.80
N HIS C 57 4.39 21.95 35.29
CA HIS C 57 4.79 23.34 35.10
C HIS C 57 4.83 23.73 33.61
N TYR C 58 4.47 24.97 33.33
CA TYR C 58 4.42 25.49 31.96
C TYR C 58 5.69 25.19 31.17
N LYS C 59 5.49 24.53 30.03
CA LYS C 59 6.51 24.32 29.01
C LYS C 59 6.08 25.18 27.84
N ASP C 60 7.05 25.78 27.15
CA ASP C 60 6.77 26.70 26.07
C ASP C 60 7.49 26.36 24.78
N LEU C 61 6.77 26.46 23.67
CA LEU C 61 7.32 26.40 22.33
C LEU C 61 6.76 27.57 21.54
N TRP C 62 7.65 28.31 20.89
CA TRP C 62 7.30 29.44 20.04
C TRP C 62 7.82 29.07 18.65
N ASP C 63 6.91 28.63 17.80
CA ASP C 63 7.23 27.74 16.69
C ASP C 63 6.36 27.99 15.46
N ASN C 64 6.74 27.37 14.33
CA ASN C 64 5.87 27.30 13.16
C ASN C 64 4.90 26.10 13.23
N LYS C 65 5.04 25.29 14.29
CA LYS C 65 4.33 24.03 14.46
C LYS C 65 3.36 23.99 15.64
N HIS C 66 3.36 25.02 16.49
CA HIS C 66 2.49 25.04 17.67
C HIS C 66 1.79 26.38 17.81
N VAL C 67 0.65 26.37 18.49
CA VAL C 67 -0.05 27.60 18.81
C VAL C 67 0.86 28.52 19.61
N LYS C 68 0.82 29.80 19.28
CA LYS C 68 1.57 30.82 20.00
C LYS C 68 0.71 31.30 21.17
N PRO C 70 -0.40 33.33 24.60
CA PRO C 70 -0.20 34.68 25.10
C PRO C 70 0.80 34.75 26.24
N CYS C 71 0.92 33.69 27.03
CA CYS C 71 1.80 33.67 28.19
C CYS C 71 3.26 33.29 27.88
N SER C 72 3.61 33.23 26.59
CA SER C 72 4.97 32.88 26.20
C SER C 72 5.96 34.00 26.46
N GLU C 73 7.19 33.60 26.78
CA GLU C 73 8.28 34.53 27.04
C GLU C 73 8.75 35.26 25.78
N GLN C 74 8.48 34.67 24.61
CA GLN C 74 8.84 35.27 23.32
C GLN C 74 7.74 36.16 22.73
N ASN C 75 6.62 36.27 23.45
CA ASN C 75 5.56 37.22 23.12
C ASN C 75 6.02 38.59 23.59
N LEU C 76 6.81 39.27 22.77
CA LEU C 76 7.59 40.43 23.21
C LEU C 76 6.96 41.80 22.93
N TYR C 77 7.07 42.29 21.69
CA TYR C 77 6.81 43.71 21.33
C TYR C 77 7.79 44.64 22.04
N THR C 87 11.04 49.35 26.87
CA THR C 87 9.99 49.47 25.87
C THR C 87 9.86 48.19 25.02
N ALA C 88 10.77 47.23 25.25
CA ALA C 88 10.83 46.00 24.47
C ALA C 88 10.54 44.76 25.32
N GLY C 89 9.75 44.93 26.37
CA GLY C 89 9.58 43.91 27.41
C GLY C 89 8.61 42.79 27.07
N SER C 90 7.94 42.28 28.11
CA SER C 90 7.10 41.08 28.00
C SER C 90 5.63 41.45 27.75
N ARG C 91 5.02 40.84 26.75
CA ARG C 91 3.63 41.16 26.37
C ARG C 91 2.61 40.47 27.28
N TRP C 92 2.93 39.26 27.75
CA TRP C 92 2.10 38.60 28.76
C TRP C 92 1.98 39.47 30.00
N GLU C 93 3.11 40.06 30.42
CA GLU C 93 3.12 40.99 31.52
C GLU C 93 2.25 42.21 31.21
N LEU C 94 2.28 42.66 29.96
CA LEU C 94 1.45 43.78 29.53
C LEU C 94 -0.03 43.43 29.64
N ILE C 95 -0.39 42.23 29.19
CA ILE C 95 -1.77 41.74 29.28
C ILE C 95 -2.23 41.74 30.74
N GLN C 96 -1.45 41.07 31.59
CA GLN C 96 -1.72 41.04 33.03
C GLN C 96 -2.00 42.43 33.61
N THR C 97 -1.10 43.38 33.34
CA THR C 97 -1.21 44.74 33.88
C THR C 97 -2.48 45.44 33.38
N ALA C 98 -2.77 45.27 32.09
CA ALA C 98 -3.95 45.88 31.47
C ALA C 98 -5.26 45.23 31.93
N LEU C 99 -5.27 43.90 32.05
CA LEU C 99 -6.50 43.17 32.37
C LEU C 99 -6.87 43.19 33.84
N LEU C 100 -5.92 43.55 34.71
CA LEU C 100 -6.16 43.57 36.15
C LEU C 100 -6.58 44.96 36.65
N ASN C 101 -7.45 45.61 35.89
CA ASN C 101 -8.04 46.89 36.29
C ASN C 101 -9.50 46.71 36.64
N LYS C 102 -10.04 47.67 37.38
CA LYS C 102 -11.49 47.75 37.58
C LYS C 102 -12.17 48.08 36.25
N PHE C 103 -13.23 47.33 35.93
CA PHE C 103 -14.07 47.64 34.79
C PHE C 103 -15.36 48.30 35.28
N THR C 104 -15.52 49.59 35.03
CA THR C 104 -16.75 50.32 35.38
C THR C 104 -17.54 50.77 34.15
N ARG C 105 -16.85 50.97 33.02
CA ARG C 105 -17.48 51.35 31.75
C ARG C 105 -17.06 50.37 30.64
N PRO C 106 -17.76 50.39 29.49
CA PRO C 106 -17.34 49.58 28.35
C PRO C 106 -16.07 50.11 27.67
N GLN C 107 -15.77 51.39 27.85
CA GLN C 107 -14.58 52.00 27.26
C GLN C 107 -13.31 51.47 27.94
N ASN C 108 -13.41 51.13 29.22
CA ASN C 108 -12.30 50.53 29.97
C ASN C 108 -11.82 49.24 29.33
N LEU C 109 -12.78 48.41 28.92
CA LEU C 109 -12.51 47.12 28.30
C LEU C 109 -11.93 47.27 26.90
N LYS C 110 -12.41 48.28 26.17
CA LYS C 110 -11.83 48.67 24.87
C LYS C 110 -10.36 49.09 25.02
N ASP C 111 -10.13 50.14 25.80
CA ASP C 111 -8.78 50.70 25.97
C ASP C 111 -7.78 49.72 26.63
N ALA C 112 -8.30 48.75 27.37
CA ALA C 112 -7.47 47.74 28.04
C ALA C 112 -7.01 46.68 27.06
N ILE C 113 -7.92 46.25 26.19
CA ILE C 113 -7.60 45.22 25.21
C ILE C 113 -6.70 45.80 24.11
N LEU C 114 -6.98 47.03 23.70
CA LEU C 114 -6.12 47.74 22.75
C LEU C 114 -4.82 48.25 23.39
N LYS C 115 -4.58 47.90 24.65
CA LYS C 115 -3.35 48.26 25.35
C LYS C 115 -2.19 47.38 24.88
N TYR C 116 -2.51 46.18 24.38
CA TYR C 116 -1.51 45.24 23.87
C TYR C 116 -1.79 44.89 22.41
N ASN C 117 -2.51 45.78 21.75
CA ASN C 117 -2.88 45.64 20.35
C ASN C 117 -2.76 47.01 19.69
N VAL C 118 -1.58 47.60 19.84
CA VAL C 118 -1.33 49.02 19.50
C VAL C 118 -1.54 49.35 18.01
N ALA C 119 -1.16 48.42 17.14
CA ALA C 119 -1.35 48.54 15.71
C ALA C 119 -2.81 48.83 15.33
N TYR C 120 -3.73 48.27 16.11
CA TYR C 120 -5.14 48.23 15.73
C TYR C 120 -6.06 49.14 16.56
N SER C 121 -5.52 50.22 17.11
CA SER C 121 -6.34 51.19 17.83
C SER C 121 -7.28 51.98 16.89
N LYS C 122 -6.90 52.07 15.62
CA LYS C 122 -7.67 52.80 14.61
C LYS C 122 -8.14 51.90 13.45
N LYS C 123 -8.19 50.58 13.70
CA LYS C 123 -8.78 49.63 12.76
C LYS C 123 -9.85 48.73 13.41
N TRP C 124 -9.90 48.70 14.74
CA TRP C 124 -10.89 47.91 15.47
C TRP C 124 -12.03 48.81 15.94
N ASP C 125 -13.26 48.35 15.75
CA ASP C 125 -14.45 49.06 16.19
C ASP C 125 -15.11 48.26 17.32
N PHE C 126 -15.67 48.97 18.29
CA PHE C 126 -16.30 48.35 19.46
C PHE C 126 -17.74 48.81 19.69
N THR C 127 -18.33 49.48 18.71
CA THR C 127 -19.67 50.05 18.86
C THR C 127 -20.68 49.03 19.38
N ALA C 128 -20.69 47.84 18.80
CA ALA C 128 -21.59 46.76 19.24
C ALA C 128 -21.45 46.48 20.73
N LEU C 129 -20.21 46.37 21.19
CA LEU C 129 -19.93 46.14 22.62
C LEU C 129 -20.72 47.11 23.51
N VAL C 130 -20.62 48.40 23.20
CA VAL C 130 -21.28 49.45 23.99
C VAL C 130 -22.81 49.42 23.81
N ASP C 131 -23.28 48.90 22.67
CA ASP C 131 -24.70 48.70 22.43
C ASP C 131 -25.25 47.53 23.27
N PHE C 132 -24.39 46.60 23.65
CA PHE C 132 -24.75 45.52 24.56
C PHE C 132 -24.68 45.99 26.03
N TRP C 133 -23.61 46.69 26.38
CA TRP C 133 -23.36 47.10 27.77
C TRP C 133 -24.39 48.13 28.25
N ASP C 134 -24.51 49.24 27.52
CA ASP C 134 -25.35 50.38 27.96
C ASP C 134 -26.84 50.28 27.57
N LYS C 135 -27.21 49.28 26.77
CA LYS C 135 -28.57 49.18 26.23
C LYS C 135 -29.22 47.82 26.50
N VAL C 136 -28.67 46.76 25.91
CA VAL C 136 -29.28 45.43 25.95
C VAL C 136 -29.08 44.72 27.30
N LEU C 137 -28.29 45.32 28.19
CA LEU C 137 -28.17 44.86 29.57
C LEU C 137 -28.74 45.90 30.54
N GLU C 138 -29.75 45.50 31.31
CA GLU C 138 -30.30 46.36 32.37
C GLU C 138 -29.34 46.44 33.57
N GLU C 139 -29.70 47.24 34.57
CA GLU C 139 -28.81 47.51 35.71
C GLU C 139 -28.33 46.26 36.46
N ALA C 140 -29.24 45.31 36.70
CA ALA C 140 -28.90 44.07 37.40
C ALA C 140 -27.99 43.16 36.56
N GLU C 141 -28.11 43.24 35.23
CA GLU C 141 -27.30 42.42 34.33
C GLU C 141 -25.90 42.99 34.13
N ALA C 142 -25.82 44.28 33.85
CA ALA C 142 -24.54 44.95 33.58
C ALA C 142 -23.64 45.06 34.81
N GLN C 143 -24.24 45.37 35.97
CA GLN C 143 -23.50 45.40 37.24
C GLN C 143 -22.85 44.06 37.54
N HIS C 144 -23.63 42.99 37.35
CA HIS C 144 -23.14 41.62 37.53
C HIS C 144 -22.02 41.29 36.54
N LEU C 145 -22.10 41.87 35.34
CA LEU C 145 -21.13 41.60 34.27
C LEU C 145 -19.72 42.10 34.58
N TYR C 146 -19.60 43.32 35.11
CA TYR C 146 -18.28 43.93 35.34
C TYR C 146 -17.71 43.73 36.76
N GLN C 147 -18.57 43.32 37.70
CA GLN C 147 -18.14 43.05 39.07
C GLN C 147 -17.85 41.57 39.33
N SER C 148 -18.47 40.68 38.54
CA SER C 148 -18.34 39.23 38.77
C SER C 148 -17.78 38.52 37.54
N ILE C 149 -18.49 38.61 36.42
CA ILE C 149 -18.18 37.81 35.24
C ILE C 149 -16.84 38.18 34.62
N LEU C 150 -16.68 39.44 34.24
CA LEU C 150 -15.43 39.90 33.59
C LEU C 150 -14.17 39.70 34.47
N PRO C 151 -14.20 40.14 35.75
CA PRO C 151 -13.06 39.84 36.61
C PRO C 151 -12.77 38.34 36.76
N ASP C 152 -13.82 37.51 36.76
CA ASP C 152 -13.66 36.06 36.78
C ASP C 152 -12.97 35.55 35.52
N VAL C 154 -11.02 37.09 33.56
CA VAL C 154 -9.61 37.47 33.70
C VAL C 154 -8.82 36.48 34.57
N LYS C 155 -9.37 36.09 35.73
CA LYS C 155 -8.70 35.15 36.63
C LYS C 155 -8.34 33.82 35.96
N ILE C 156 -9.33 33.15 35.36
CA ILE C 156 -9.07 31.84 34.74
C ILE C 156 -8.33 31.99 33.41
N ALA C 157 -8.47 33.14 32.76
CA ALA C 157 -7.66 33.46 31.59
C ALA C 157 -6.20 33.64 31.99
N LEU C 158 -5.96 34.39 33.08
CA LEU C 158 -4.60 34.63 33.55
C LEU C 158 -3.92 33.38 34.11
N CYS C 159 -4.70 32.39 34.53
CA CYS C 159 -4.15 31.09 34.96
C CYS C 159 -3.67 30.23 33.80
N LEU C 160 -3.75 30.73 32.56
CA LEU C 160 -3.46 29.93 31.37
C LEU C 160 -2.20 29.05 31.51
N PRO C 161 -1.06 29.63 31.92
CA PRO C 161 0.17 28.84 32.04
C PRO C 161 0.10 27.71 33.04
N ASN C 162 -0.75 27.85 34.06
CA ASN C 162 -0.91 26.81 35.09
C ASN C 162 -2.00 25.79 34.71
N ILE C 163 -2.68 26.03 33.59
CA ILE C 163 -3.75 25.15 33.13
C ILE C 163 -3.35 24.48 31.81
N CYS C 164 -2.93 25.29 30.83
CA CYS C 164 -2.46 24.76 29.55
C CYS C 164 -0.95 24.75 29.54
N THR C 165 -0.37 23.80 30.26
CA THR C 165 1.07 23.75 30.47
C THR C 165 1.85 23.07 29.35
N GLN C 166 1.15 22.51 28.36
CA GLN C 166 1.80 21.82 27.25
C GLN C 166 1.52 22.55 25.94
N PRO C 167 2.54 22.72 25.09
CA PRO C 167 2.32 23.34 23.80
C PRO C 167 1.26 22.62 23.00
N ILE C 168 0.46 23.38 22.26
CA ILE C 168 -0.64 22.83 21.49
C ILE C 168 -0.24 22.87 20.04
N PRO C 169 -0.24 21.71 19.37
CA PRO C 169 0.23 21.64 17.99
C PRO C 169 -0.82 22.19 17.05
N LEU C 170 -0.36 22.79 15.96
CA LEU C 170 -1.23 23.20 14.89
C LEU C 170 -1.65 21.96 14.13
N LEU C 171 -2.94 21.88 13.82
CA LEU C 171 -3.48 20.83 12.95
C LEU C 171 -3.51 21.37 11.52
N LYS C 172 -2.36 21.29 10.87
CA LYS C 172 -2.16 21.81 9.51
C LYS C 172 -2.70 20.88 8.43
N GLN C 173 -2.87 21.42 7.23
CA GLN C 173 -3.27 20.64 6.07
C GLN C 173 -2.36 19.42 5.89
N LYS C 174 -2.98 18.25 5.69
CA LYS C 174 -2.30 16.98 5.39
C LYS C 174 -1.93 16.16 6.63
N ASN C 176 -2.60 13.96 9.88
CA ASN C 176 -3.55 13.13 10.61
C ASN C 176 -3.07 13.06 12.04
N HIS C 177 -3.70 13.86 12.90
CA HIS C 177 -3.24 14.06 14.26
C HIS C 177 -4.44 14.39 15.14
N SER C 178 -4.33 14.11 16.42
CA SER C 178 -5.40 14.37 17.36
C SER C 178 -4.84 15.05 18.58
N VAL C 179 -5.61 15.95 19.19
CA VAL C 179 -5.24 16.53 20.47
C VAL C 179 -6.38 16.35 21.46
N THR C 180 -6.06 15.86 22.67
CA THR C 180 -7.06 15.65 23.71
C THR C 180 -6.79 16.53 24.93
N SER C 182 -8.69 19.03 28.37
CA SER C 182 -9.80 19.14 29.35
C SER C 182 -10.70 20.32 28.98
N GLN C 183 -11.97 20.24 29.38
CA GLN C 183 -12.89 21.36 29.23
C GLN C 183 -12.36 22.60 29.95
N GLU C 184 -11.75 22.41 31.12
CA GLU C 184 -11.24 23.54 31.89
C GLU C 184 -10.10 24.25 31.16
N GLN C 185 -9.25 23.49 30.47
CA GLN C 185 -8.23 24.11 29.61
C GLN C 185 -8.85 24.93 28.50
N ILE C 186 -9.91 24.41 27.89
CA ILE C 186 -10.59 25.11 26.80
C ILE C 186 -11.22 26.42 27.29
N ALA C 187 -11.91 26.36 28.42
CA ALA C 187 -12.46 27.56 29.06
C ALA C 187 -11.40 28.66 29.17
N SER C 188 -10.26 28.31 29.72
CA SER C 188 -9.16 29.26 29.86
C SER C 188 -8.70 29.75 28.50
N LEU C 189 -8.68 28.85 27.52
CA LEU C 189 -8.26 29.20 26.18
C LEU C 189 -9.25 30.18 25.54
N LEU C 190 -10.55 29.89 25.64
CA LEU C 190 -11.56 30.78 25.04
C LEU C 190 -11.60 32.14 25.73
N ALA C 191 -11.33 32.16 27.03
CA ALA C 191 -11.26 33.39 27.79
C ALA C 191 -10.25 34.34 27.15
N ASN C 192 -9.06 33.82 26.89
CA ASN C 192 -7.97 34.60 26.28
C ASN C 192 -8.29 35.14 24.87
N ALA C 193 -8.98 34.34 24.06
CA ALA C 193 -9.43 34.76 22.73
C ALA C 193 -10.47 35.87 22.82
N PHE C 194 -11.33 35.79 23.84
CA PHE C 194 -12.27 36.86 24.14
C PHE C 194 -11.56 38.20 24.29
N PHE C 195 -10.59 38.24 25.22
CA PHE C 195 -9.82 39.46 25.46
C PHE C 195 -8.74 39.73 24.41
N CYS C 196 -8.67 38.85 23.40
CA CYS C 196 -7.87 39.08 22.20
C CYS C 196 -6.38 39.13 22.50
N THR C 197 -5.92 38.14 23.26
CA THR C 197 -4.52 38.08 23.69
C THR C 197 -3.66 37.34 22.66
N PHE C 198 -4.27 36.45 21.88
CA PHE C 198 -3.51 35.58 21.00
C PHE C 198 -2.70 36.38 20.00
N PRO C 199 -1.36 36.30 20.12
CA PRO C 199 -0.47 37.14 19.35
C PRO C 199 -0.38 36.73 17.89
N ARG C 200 -0.27 37.72 17.00
CA ARG C 200 -0.09 37.49 15.57
C ARG C 200 -1.25 36.72 14.94
N ARG C 201 -2.49 37.00 15.37
CA ARG C 201 -3.70 36.36 14.83
C ARG C 201 -4.72 37.39 14.36
N ASN C 202 -4.26 38.47 13.73
CA ASN C 202 -5.04 39.71 13.72
C ASN C 202 -5.33 40.48 12.42
N ALA C 203 -4.73 40.13 11.28
CA ALA C 203 -5.12 40.78 10.01
C ALA C 203 -4.37 40.35 8.74
N LYS C 204 -4.89 40.80 7.60
CA LYS C 204 -4.23 40.71 6.29
C LYS C 204 -3.11 39.66 6.22
N SER C 207 -0.30 36.40 8.26
CA SER C 207 0.30 35.82 7.05
C SER C 207 0.87 34.43 7.31
N GLU C 208 1.42 34.23 8.52
CA GLU C 208 1.73 32.88 9.01
C GLU C 208 0.43 32.16 9.34
N TYR C 209 -0.55 32.92 9.83
CA TYR C 209 -1.83 32.38 10.29
C TYR C 209 -3.00 32.76 9.37
N SER C 210 -2.71 33.02 8.09
CA SER C 210 -3.74 33.41 7.12
C SER C 210 -4.69 32.23 6.81
N SER C 211 -4.12 31.05 6.71
CA SER C 211 -4.88 29.84 6.42
C SER C 211 -5.57 29.24 7.67
N TYR C 212 -5.61 30.00 8.77
CA TYR C 212 -6.38 29.62 9.95
C TYR C 212 -7.54 30.57 10.11
N PRO C 213 -8.59 30.12 10.81
CA PRO C 213 -9.72 30.99 11.15
C PRO C 213 -9.42 31.83 12.38
N ASP C 214 -10.15 32.94 12.50
CA ASP C 214 -9.95 33.87 13.59
C ASP C 214 -10.35 33.21 14.90
N ILE C 215 -9.47 33.32 15.89
CA ILE C 215 -9.76 32.87 17.24
C ILE C 215 -10.10 34.06 18.14
N ASN C 216 -9.34 35.14 17.98
CA ASN C 216 -9.61 36.39 18.71
C ASN C 216 -11.02 36.89 18.42
N PHE C 217 -11.68 37.41 19.46
CA PHE C 217 -13.11 37.79 19.41
C PHE C 217 -13.34 39.26 19.04
N ASN C 218 -12.38 39.87 18.35
CA ASN C 218 -12.46 41.31 18.04
C ASN C 218 -13.58 41.67 17.07
N ARG C 219 -14.03 40.72 16.26
CA ARG C 219 -15.17 40.95 15.34
C ARG C 219 -16.52 40.92 16.07
N LEU C 220 -16.56 40.50 17.32
CA LEU C 220 -17.80 40.49 18.11
C LEU C 220 -18.22 41.88 18.60
N PHE C 221 -17.28 42.83 18.61
CA PHE C 221 -17.51 44.15 19.21
C PHE C 221 -17.90 45.24 18.19
N GLU C 222 -17.55 45.02 16.93
CA GLU C 222 -17.80 45.98 15.85
C GLU C 222 -19.24 45.90 15.32
N GLY C 223 -19.59 46.84 14.46
CA GLY C 223 -20.87 46.82 13.75
C GLY C 223 -22.06 47.28 14.57
N ARG C 224 -23.12 47.70 13.88
CA ARG C 224 -24.40 48.03 14.50
C ARG C 224 -25.42 46.90 14.31
N SER C 225 -24.96 45.77 13.76
CA SER C 225 -25.73 44.53 13.70
C SER C 225 -26.37 44.23 15.06
N SER C 226 -27.69 44.06 15.06
CA SER C 226 -28.46 43.87 16.30
C SER C 226 -28.43 42.42 16.79
N ARG C 227 -27.66 41.57 16.12
CA ARG C 227 -27.48 40.18 16.54
C ARG C 227 -26.12 39.97 17.23
N LYS C 228 -25.24 40.96 17.16
CA LYS C 228 -23.97 40.93 17.90
C LYS C 228 -24.21 40.90 19.41
N PRO C 229 -25.22 41.65 19.91
CA PRO C 229 -25.64 41.45 21.29
C PRO C 229 -25.99 40.00 21.64
N GLU C 230 -26.71 39.31 20.76
CA GLU C 230 -27.19 37.96 21.03
C GLU C 230 -26.04 36.96 21.08
N LYS C 231 -25.07 37.13 20.18
CA LYS C 231 -23.83 36.37 20.22
C LYS C 231 -23.08 36.64 21.52
N LEU C 232 -22.99 37.91 21.89
CA LEU C 232 -22.38 38.32 23.16
C LEU C 232 -23.15 37.72 24.34
N LYS C 233 -24.47 37.86 24.34
CA LYS C 233 -25.32 37.26 25.38
C LYS C 233 -25.09 35.75 25.47
N THR C 234 -25.09 35.08 24.32
CA THR C 234 -24.98 33.62 24.27
C THR C 234 -23.63 33.07 24.72
N LEU C 235 -22.59 33.90 24.67
CA LEU C 235 -21.26 33.52 25.12
C LEU C 235 -21.09 33.68 26.63
N PHE C 236 -21.69 34.73 27.19
CA PHE C 236 -21.59 34.96 28.63
C PHE C 236 -22.44 34.02 29.48
N CYS C 237 -23.30 33.20 28.85
CA CYS C 237 -23.89 32.07 29.55
C CYS C 237 -22.82 31.03 29.81
N TYR C 238 -21.96 30.82 28.81
CA TYR C 238 -20.81 29.92 28.94
C TYR C 238 -19.78 30.45 29.92
N PHE C 239 -19.32 31.68 29.69
CA PHE C 239 -18.30 32.31 30.53
C PHE C 239 -18.75 32.56 31.97
N ARG C 240 -20.05 32.61 32.21
CA ARG C 240 -20.60 32.68 33.57
C ARG C 240 -20.59 31.28 34.18
N ARG C 241 -21.23 30.34 33.50
CA ARG C 241 -21.31 28.95 33.96
C ARG C 241 -19.92 28.39 34.28
N VAL C 242 -18.99 28.51 33.34
CA VAL C 242 -17.65 27.91 33.50
C VAL C 242 -16.82 28.48 34.66
N THR C 243 -16.80 29.80 34.82
CA THR C 243 -16.07 30.44 35.92
C THR C 243 -16.71 30.12 37.27
N GLU C 244 -18.04 30.10 37.29
CA GLU C 244 -18.80 29.77 38.51
C GLU C 244 -18.54 28.32 38.95
N LYS C 245 -18.41 27.42 37.99
CA LYS C 245 -18.18 26.00 38.28
C LYS C 245 -17.28 25.39 37.23
N LYS C 246 -16.19 24.77 37.68
CA LYS C 246 -15.22 24.19 36.75
C LYS C 246 -15.72 22.87 36.13
N PRO C 247 -15.75 22.81 34.78
CA PRO C 247 -16.13 21.59 34.08
C PRO C 247 -15.08 20.48 34.23
N THR C 248 -15.49 19.24 33.96
CA THR C 248 -14.74 18.06 34.42
C THR C 248 -14.41 17.05 33.34
N GLY C 249 -14.89 17.26 32.12
CA GLY C 249 -14.70 16.30 31.03
C GLY C 249 -13.53 16.64 30.13
N LEU C 250 -13.18 15.68 29.27
CA LEU C 250 -12.15 15.87 28.25
C LEU C 250 -12.78 16.00 26.87
N VAL C 251 -11.98 16.41 25.90
CA VAL C 251 -12.44 16.56 24.51
C VAL C 251 -11.32 16.28 23.52
N THR C 252 -11.64 15.55 22.46
CA THR C 252 -10.64 15.11 21.47
C THR C 252 -10.90 15.76 20.12
N PHE C 253 -9.91 16.45 19.57
CA PHE C 253 -9.99 17.03 18.24
C PHE C 253 -9.07 16.25 17.33
N THR C 254 -9.62 15.72 16.25
CA THR C 254 -8.83 14.94 15.29
C THR C 254 -9.01 15.48 13.88
N ARG C 255 -7.89 15.76 13.20
CA ARG C 255 -7.89 16.11 11.80
C ARG C 255 -7.64 14.85 10.99
N GLN C 256 -8.39 14.69 9.90
CA GLN C 256 -8.25 13.51 9.04
C GLN C 256 -8.17 13.92 7.57
N SER C 257 -7.21 13.32 6.87
CA SER C 257 -6.86 13.71 5.51
C SER C 257 -6.59 12.44 4.71
N LEU C 258 -7.50 12.08 3.82
CA LEU C 258 -7.36 10.86 3.01
C LEU C 258 -6.66 11.17 1.70
N GLU C 259 -5.69 10.32 1.35
CA GLU C 259 -5.01 10.43 0.08
C GLU C 259 -5.64 9.52 -0.96
N ASP C 260 -6.24 8.43 -0.50
CA ASP C 260 -6.90 7.47 -1.39
C ASP C 260 -8.41 7.49 -1.20
N PHE C 261 -9.12 7.64 -2.31
CA PHE C 261 -10.58 7.59 -2.31
C PHE C 261 -11.03 6.46 -3.20
N PRO C 262 -12.28 6.00 -3.02
CA PRO C 262 -12.79 5.04 -3.98
C PRO C 262 -12.80 5.62 -5.39
N GLU C 263 -12.34 4.84 -6.36
CA GLU C 263 -12.73 5.07 -7.75
C GLU C 263 -14.16 4.55 -7.82
N TRP C 264 -15.11 5.48 -7.86
CA TRP C 264 -16.42 5.28 -7.24
C TRP C 264 -17.36 4.22 -7.83
N GLU C 265 -17.50 4.18 -9.14
CA GLU C 265 -18.57 3.39 -9.78
C GLU C 265 -18.63 1.87 -9.47
N ARG C 266 -17.67 1.33 -8.72
CA ARG C 266 -17.50 -0.14 -8.62
C ARG C 266 -17.75 -0.74 -7.23
N CYS C 267 -18.56 -0.07 -6.41
CA CYS C 267 -18.68 -0.45 -5.00
C CYS C 267 -19.92 -1.27 -4.70
N GLU C 268 -19.71 -2.41 -4.05
CA GLU C 268 -20.77 -3.39 -3.82
C GLU C 268 -21.59 -3.13 -2.56
N LYS C 269 -21.32 -2.01 -1.88
CA LYS C 269 -21.94 -1.76 -0.58
C LYS C 269 -23.42 -1.40 -0.73
N PRO C 270 -24.29 -2.08 0.03
CA PRO C 270 -25.71 -1.78 0.01
C PRO C 270 -26.10 -0.56 0.85
N LEU C 271 -27.20 0.08 0.48
CA LEU C 271 -27.76 1.15 1.30
C LEU C 271 -28.05 0.69 2.73
N THR C 272 -28.03 1.63 3.66
CA THR C 272 -28.39 1.37 5.04
C THR C 272 -29.78 1.95 5.30
N ARG C 273 -30.24 1.87 6.54
CA ARG C 273 -31.57 2.37 6.92
C ARG C 273 -31.63 3.88 6.83
N LEU C 274 -32.82 4.45 6.98
CA LEU C 274 -32.96 5.90 6.97
C LEU C 274 -34.21 6.40 7.68
N HIS C 275 -34.01 7.35 8.60
CA HIS C 275 -35.10 8.06 9.25
C HIS C 275 -35.13 9.46 8.62
N VAL C 276 -36.31 10.03 8.44
CA VAL C 276 -36.43 11.40 7.97
C VAL C 276 -37.59 12.11 8.64
N THR C 277 -37.48 13.42 8.82
CA THR C 277 -38.51 14.23 9.47
C THR C 277 -38.28 15.72 9.22
N TYR C 278 -39.36 16.48 9.09
CA TYR C 278 -39.28 17.92 8.85
C TYR C 278 -39.24 18.70 10.15
N GLU C 279 -39.52 18.02 11.25
CA GLU C 279 -39.37 18.58 12.58
C GLU C 279 -38.05 18.13 13.19
N GLY C 280 -37.79 18.55 14.43
CA GLY C 280 -36.57 18.21 15.13
C GLY C 280 -35.38 18.98 14.56
N THR C 281 -34.18 18.61 15.01
CA THR C 281 -32.92 19.17 14.52
C THR C 281 -31.79 18.17 14.71
N ILE C 282 -30.62 18.47 14.14
CA ILE C 282 -29.40 17.66 14.34
C ILE C 282 -29.03 17.62 15.82
N GLU C 283 -29.06 18.79 16.46
CA GLU C 283 -28.70 18.91 17.87
C GLU C 283 -29.82 18.43 18.80
N GLY C 284 -31.06 18.83 18.49
CA GLY C 284 -32.18 18.61 19.38
C GLY C 284 -32.55 17.15 19.58
N ASN C 285 -32.68 16.42 18.48
CA ASN C 285 -33.12 15.02 18.51
C ASN C 285 -32.07 14.05 17.98
N GLY C 286 -30.82 14.50 17.97
CA GLY C 286 -29.71 13.68 17.48
C GLY C 286 -28.66 13.43 18.54
N ARG C 287 -29.11 13.25 19.78
CA ARG C 287 -28.21 12.97 20.90
C ARG C 287 -27.66 11.54 20.80
N GLY C 288 -26.34 11.41 20.90
CA GLY C 288 -25.66 10.10 20.84
C GLY C 288 -25.28 9.67 19.43
N LEU C 290 -23.54 10.68 15.40
CA LEU C 290 -22.50 11.44 14.68
C LEU C 290 -23.11 12.69 14.05
N GLN C 291 -23.22 13.74 14.85
CA GLN C 291 -23.85 14.97 14.42
C GLN C 291 -22.98 15.66 13.39
N VAL C 292 -23.46 15.73 12.16
CA VAL C 292 -22.71 16.39 11.11
C VAL C 292 -22.84 17.89 11.32
N ASP C 293 -21.69 18.56 11.30
CA ASP C 293 -21.63 20.02 11.30
C ASP C 293 -21.40 20.44 9.86
N PHE C 294 -22.37 21.16 9.30
CA PHE C 294 -22.30 21.63 7.91
C PHE C 294 -21.38 22.83 7.87
N ALA C 295 -20.08 22.57 7.74
CA ALA C 295 -19.08 23.55 8.09
C ALA C 295 -18.68 24.47 6.95
N ASN C 296 -17.89 25.48 7.30
CA ASN C 296 -17.07 26.22 6.37
C ASN C 296 -15.68 25.60 6.49
N ARG C 297 -14.92 25.58 5.41
CA ARG C 297 -13.58 25.02 5.43
C ARG C 297 -12.68 25.67 6.50
N PHE C 298 -12.93 26.94 6.78
CA PHE C 298 -12.52 27.56 8.05
C PHE C 298 -13.55 27.14 9.06
N VAL C 299 -13.23 26.08 9.79
CA VAL C 299 -14.16 25.45 10.73
C VAL C 299 -14.76 26.47 11.70
N GLY C 300 -16.06 26.34 11.96
CA GLY C 300 -16.80 27.27 12.82
C GLY C 300 -17.50 28.39 12.06
N GLY C 301 -16.94 28.77 10.92
CA GLY C 301 -17.55 29.78 10.06
C GLY C 301 -17.19 31.19 10.51
N GLY C 302 -18.15 32.10 10.41
CA GLY C 302 -17.98 33.47 10.93
C GLY C 302 -18.54 33.61 12.34
N VAL C 303 -18.37 32.58 13.17
CA VAL C 303 -18.90 32.58 14.53
C VAL C 303 -18.26 33.66 15.40
N THR C 304 -17.00 33.98 15.08
CA THR C 304 -16.26 35.05 15.74
C THR C 304 -16.75 36.44 15.31
N GLY C 305 -17.16 36.58 14.04
CA GLY C 305 -17.65 37.85 13.50
C GLY C 305 -19.09 37.77 13.02
N ALA C 306 -19.33 38.10 11.75
CA ALA C 306 -20.67 37.98 11.16
C ALA C 306 -20.95 36.51 10.77
N GLY C 307 -22.11 35.99 11.18
CA GLY C 307 -22.50 34.60 10.85
C GLY C 307 -23.32 33.91 11.93
N LEU C 308 -24.58 33.58 11.62
CA LEU C 308 -25.50 32.96 12.57
C LEU C 308 -26.33 31.84 11.93
N VAL C 309 -25.65 30.79 11.47
CA VAL C 309 -26.30 29.68 10.76
C VAL C 309 -25.91 28.35 11.42
N GLN C 310 -26.63 27.26 11.09
CA GLN C 310 -26.44 25.94 11.73
C GLN C 310 -25.08 25.74 12.40
N GLU C 311 -23.99 25.85 11.65
CA GLU C 311 -22.65 25.70 12.23
C GLU C 311 -22.37 26.74 13.29
N GLU C 312 -22.47 28.03 12.92
CA GLU C 312 -22.16 29.09 13.87
C GLU C 312 -23.03 28.89 15.09
N ILE C 313 -24.33 28.76 14.87
CA ILE C 313 -25.29 28.46 15.94
C ILE C 313 -24.78 27.32 16.82
N ARG C 314 -24.26 26.26 16.20
CA ARG C 314 -23.69 25.14 16.93
C ARG C 314 -22.50 25.57 17.78
N PHE C 315 -21.56 26.27 17.15
CA PHE C 315 -20.36 26.73 17.84
C PHE C 315 -20.67 27.73 18.94
N LEU C 316 -21.79 28.44 18.82
CA LEU C 316 -22.26 29.32 19.88
C LEU C 316 -22.84 28.50 21.02
N ILE C 317 -23.77 27.59 20.71
CA ILE C 317 -24.42 26.78 21.74
C ILE C 317 -23.48 25.73 22.29
N ASN C 318 -22.56 25.24 21.46
CA ASN C 318 -21.45 24.39 21.91
C ASN C 318 -20.14 25.13 21.68
N PRO C 319 -19.71 25.95 22.67
CA PRO C 319 -18.57 26.83 22.47
C PRO C 319 -17.21 26.13 22.51
N GLU C 320 -17.13 24.97 23.14
CA GLU C 320 -15.88 24.22 23.19
C GLU C 320 -15.40 23.84 21.78
N LEU C 321 -16.33 23.76 20.83
CA LEU C 321 -15.96 23.58 19.43
C LEU C 321 -15.15 24.77 18.91
N ILE C 322 -15.45 25.97 19.42
CA ILE C 322 -14.74 27.19 19.00
C ILE C 322 -13.23 27.05 19.10
N VAL C 323 -12.77 26.38 20.16
CA VAL C 323 -11.35 26.24 20.43
C VAL C 323 -10.59 25.62 19.27
N SER C 324 -11.26 24.81 18.46
CA SER C 324 -10.65 24.21 17.28
C SER C 324 -10.10 25.26 16.34
N ARG C 325 -10.75 26.42 16.33
CA ARG C 325 -10.30 27.51 15.48
C ARG C 325 -8.88 27.95 15.80
N LEU C 326 -8.44 27.74 17.04
CA LEU C 326 -7.12 28.15 17.48
C LEU C 326 -6.01 27.41 16.74
N PHE C 327 -6.27 26.16 16.37
CA PHE C 327 -5.23 25.31 15.81
C PHE C 327 -5.61 24.52 14.56
N THR C 328 -6.83 24.71 14.04
CA THR C 328 -7.24 23.93 12.87
C THR C 328 -7.12 24.73 11.57
N GLU C 329 -6.08 24.44 10.78
CA GLU C 329 -5.89 25.10 9.49
C GLU C 329 -7.09 24.86 8.57
N VAL C 330 -7.27 25.72 7.57
CA VAL C 330 -8.40 25.61 6.64
C VAL C 330 -8.44 24.21 6.04
N LEU C 331 -9.64 23.64 5.96
CA LEU C 331 -9.81 22.26 5.48
C LEU C 331 -9.68 22.22 3.96
N ASP C 332 -8.86 21.30 3.47
CA ASP C 332 -8.70 21.05 2.03
C ASP C 332 -9.76 20.01 1.63
N HIS C 333 -9.91 19.81 0.33
CA HIS C 333 -10.97 18.96 -0.23
C HIS C 333 -11.03 17.56 0.36
N ASN C 334 -9.87 16.99 0.69
CA ASN C 334 -9.79 15.64 1.26
C ASN C 334 -9.75 15.58 2.79
N GLU C 335 -10.27 16.60 3.47
CA GLU C 335 -10.10 16.71 4.92
C GLU C 335 -11.37 16.95 5.71
N CYS C 336 -11.32 16.62 6.99
CA CYS C 336 -12.40 16.95 7.93
C CYS C 336 -11.85 17.09 9.35
N LEU C 337 -12.68 17.58 10.26
CA LEU C 337 -12.31 17.64 11.68
C LEU C 337 -13.36 16.91 12.51
N ILE C 338 -12.91 15.98 13.35
CA ILE C 338 -13.80 15.20 14.19
C ILE C 338 -13.58 15.55 15.65
N ILE C 339 -14.64 15.98 16.32
CA ILE C 339 -14.58 16.36 17.73
C ILE C 339 -15.46 15.43 18.54
N THR C 340 -15.02 15.07 19.75
CA THR C 340 -15.83 14.27 20.65
C THR C 340 -15.77 14.83 22.06
N GLY C 341 -16.93 15.15 22.62
CA GLY C 341 -17.05 15.51 24.03
C GLY C 341 -17.50 16.92 24.38
N THR C 342 -17.91 17.72 23.40
CA THR C 342 -18.25 19.12 23.69
C THR C 342 -19.62 19.23 24.40
N GLU C 343 -19.90 20.41 24.94
CA GLU C 343 -21.04 20.60 25.87
C GLU C 343 -21.94 21.75 25.43
N GLN C 344 -23.25 21.53 25.50
CA GLN C 344 -24.25 22.54 25.19
C GLN C 344 -24.54 23.38 26.44
N TYR C 345 -24.16 24.66 26.39
CA TYR C 345 -24.38 25.60 27.50
C TYR C 345 -25.63 26.47 27.33
N SER C 346 -25.96 26.81 26.08
CA SER C 346 -27.05 27.72 25.78
C SER C 346 -28.24 27.00 25.12
N GLU C 347 -29.31 27.75 24.89
CA GLU C 347 -30.44 27.33 24.07
C GLU C 347 -31.10 28.57 23.47
N TYR C 348 -31.38 28.51 22.17
CA TYR C 348 -31.72 29.69 21.38
C TYR C 348 -33.04 29.50 20.63
N THR C 349 -33.54 30.59 20.07
CA THR C 349 -34.67 30.54 19.14
C THR C 349 -34.30 31.29 17.88
N GLY C 350 -35.14 31.16 16.84
CA GLY C 350 -34.89 31.84 15.58
C GLY C 350 -33.74 31.23 14.79
N TYR C 351 -33.15 32.05 13.92
CA TYR C 351 -32.13 31.59 12.99
C TYR C 351 -31.63 32.78 12.14
N ALA C 352 -30.32 32.87 11.95
CA ALA C 352 -29.69 33.95 11.17
C ALA C 352 -30.03 35.33 11.71
N GLU C 353 -30.95 36.03 11.05
CA GLU C 353 -31.36 37.36 11.45
C GLU C 353 -32.34 37.30 12.62
N THR C 354 -33.06 36.18 12.74
CA THR C 354 -34.02 36.00 13.83
C THR C 354 -33.40 35.38 15.08
N TYR C 355 -32.13 34.98 15.00
CA TYR C 355 -31.47 34.30 16.11
C TYR C 355 -31.55 35.11 17.40
N ARG C 356 -31.99 34.47 18.47
CA ARG C 356 -32.02 35.07 19.81
C ARG C 356 -31.60 34.05 20.86
N TRP C 357 -30.81 34.49 21.85
CA TRP C 357 -30.51 33.67 23.01
C TRP C 357 -31.79 33.44 23.80
N ALA C 358 -32.16 32.17 23.98
CA ALA C 358 -33.40 31.81 24.66
C ALA C 358 -33.15 31.64 26.15
N ARG C 359 -32.28 30.68 26.51
CA ARG C 359 -31.96 30.39 27.91
C ARG C 359 -30.75 29.46 28.05
N SER C 360 -30.31 29.28 29.29
CA SER C 360 -29.24 28.33 29.60
C SER C 360 -29.75 26.90 29.45
N HIS C 361 -28.86 25.99 29.09
CA HIS C 361 -29.21 24.59 28.87
C HIS C 361 -28.39 23.69 29.78
N GLU C 362 -29.08 22.83 30.53
CA GLU C 362 -28.42 21.82 31.34
C GLU C 362 -28.15 20.57 30.50
N ASP C 363 -26.87 20.28 30.28
CA ASP C 363 -26.45 19.06 29.57
C ASP C 363 -26.61 17.86 30.49
N GLY C 364 -27.35 16.85 30.03
CA GLY C 364 -27.50 15.59 30.75
C GLY C 364 -27.11 14.40 29.91
N SER C 365 -26.05 14.54 29.11
CA SER C 365 -25.57 13.45 28.25
C SER C 365 -24.53 12.61 28.99
N GLU C 366 -24.44 11.33 28.61
CA GLU C 366 -23.56 10.37 29.30
C GLU C 366 -22.11 10.44 28.83
N LYS C 367 -21.18 10.19 29.76
CA LYS C 367 -19.74 10.28 29.49
C LYS C 367 -19.12 8.92 29.11
N ASP C 368 -18.00 8.96 28.40
CA ASP C 368 -17.28 7.74 27.98
C ASP C 368 -16.06 7.48 28.87
N ASP C 369 -15.31 6.42 28.56
CA ASP C 369 -14.19 5.98 29.42
C ASP C 369 -13.03 6.99 29.55
N TRP C 370 -12.93 7.94 28.62
CA TRP C 370 -11.98 9.03 28.73
C TRP C 370 -12.65 10.32 29.22
N GLN C 371 -13.74 10.16 29.97
CA GLN C 371 -14.50 11.30 30.50
C GLN C 371 -14.94 12.31 29.42
N ARG C 372 -15.14 11.82 28.20
CA ARG C 372 -15.64 12.67 27.12
C ARG C 372 -17.14 12.42 26.93
N ARG C 373 -17.92 13.48 26.97
CA ARG C 373 -19.36 13.39 26.72
C ARG C 373 -19.60 12.70 25.38
N CYS C 374 -20.73 12.00 25.27
CA CYS C 374 -21.02 11.20 24.07
C CYS C 374 -21.72 12.00 22.99
N THR C 375 -21.09 13.11 22.62
CA THR C 375 -21.52 13.94 21.51
C THR C 375 -20.37 13.99 20.51
N GLU C 376 -20.46 13.20 19.45
CA GLU C 376 -19.47 13.24 18.37
C GLU C 376 -19.95 14.15 17.22
N ILE C 377 -19.07 15.01 16.74
CA ILE C 377 -19.41 15.97 15.72
C ILE C 377 -18.33 15.96 14.66
N VAL C 378 -18.70 15.98 13.39
CA VAL C 378 -17.72 16.03 12.30
C VAL C 378 -17.97 17.22 11.39
N ALA C 379 -16.97 18.09 11.23
CA ALA C 379 -17.08 19.20 10.28
C ALA C 379 -16.66 18.75 8.90
N ILE C 380 -17.59 18.82 7.95
CA ILE C 380 -17.32 18.66 6.54
C ILE C 380 -18.01 19.81 5.81
N ASP C 381 -17.23 20.54 5.02
CA ASP C 381 -17.75 21.69 4.27
C ASP C 381 -18.23 21.29 2.88
N ALA C 382 -19.51 21.53 2.57
CA ALA C 382 -20.03 21.32 1.22
C ALA C 382 -19.40 22.37 0.30
N LEU C 383 -19.65 22.30 -1.00
CA LEU C 383 -19.18 23.36 -1.90
C LEU C 383 -20.21 24.48 -1.92
N HIS C 384 -19.74 25.71 -2.08
CA HIS C 384 -20.64 26.85 -2.21
C HIS C 384 -20.92 27.07 -3.70
N PHE C 385 -22.12 26.72 -4.14
CA PHE C 385 -22.50 26.86 -5.54
C PHE C 385 -23.21 28.17 -5.78
N ARG C 386 -22.68 28.97 -6.70
CA ARG C 386 -23.40 30.12 -7.25
C ARG C 386 -24.20 29.65 -8.46
N ARG C 387 -23.57 28.77 -9.25
CA ARG C 387 -24.23 28.11 -10.37
C ARG C 387 -25.05 26.94 -9.81
N TYR C 388 -26.38 27.07 -9.81
CA TYR C 388 -27.24 26.01 -9.31
C TYR C 388 -26.98 24.67 -10.00
N LEU C 389 -26.78 24.73 -11.31
CA LEU C 389 -26.63 23.54 -12.14
C LEU C 389 -25.24 22.91 -12.08
N ASP C 390 -24.25 23.63 -11.56
CA ASP C 390 -22.86 23.12 -11.55
C ASP C 390 -22.61 22.01 -10.53
N GLN C 391 -23.50 21.86 -9.56
CA GLN C 391 -23.39 20.76 -8.61
C GLN C 391 -23.59 19.42 -9.30
N PHE C 392 -24.33 19.42 -10.42
CA PHE C 392 -24.52 18.22 -11.20
C PHE C 392 -23.33 17.86 -12.09
N VAL C 393 -22.32 18.73 -12.15
CA VAL C 393 -21.12 18.48 -12.95
C VAL C 393 -20.35 17.36 -12.28
N PRO C 394 -20.06 16.28 -13.02
CA PRO C 394 -19.41 15.10 -12.47
C PRO C 394 -18.28 15.37 -11.49
N GLU C 395 -17.41 16.30 -11.81
CA GLU C 395 -16.32 16.68 -10.91
C GLU C 395 -16.84 17.09 -9.54
N LYS C 396 -17.89 17.91 -9.54
CA LYS C 396 -18.42 18.46 -8.29
C LYS C 396 -19.15 17.38 -7.48
N VAL C 397 -19.80 16.46 -8.18
CA VAL C 397 -20.44 15.32 -7.51
C VAL C 397 -19.38 14.48 -6.79
N ARG C 398 -18.27 14.22 -7.46
CA ARG C 398 -17.18 13.40 -6.91
C ARG C 398 -16.54 14.06 -5.68
N ARG C 399 -16.31 15.36 -5.75
CA ARG C 399 -15.69 16.08 -4.65
C ARG C 399 -16.55 16.05 -3.39
N GLU C 400 -17.89 16.20 -3.55
CA GLU C 400 -18.81 16.09 -2.41
C GLU C 400 -18.83 14.66 -1.85
N LEU C 401 -18.90 13.66 -2.71
CA LEU C 401 -18.75 12.26 -2.29
C LEU C 401 -17.47 12.09 -1.51
N ASN C 402 -16.37 12.61 -2.05
CA ASN C 402 -15.07 12.46 -1.40
C ASN C 402 -15.04 13.19 -0.06
N LYS C 403 -15.63 14.38 -0.01
CA LYS C 403 -15.68 15.12 1.26
C LYS C 403 -16.49 14.34 2.31
N ALA C 404 -17.71 13.95 1.95
CA ALA C 404 -18.60 13.24 2.86
C ALA C 404 -18.00 11.95 3.38
N TYR C 405 -17.43 11.17 2.47
CA TYR C 405 -16.83 9.90 2.83
C TYR C 405 -15.73 10.10 3.88
N CYS C 406 -14.91 11.13 3.70
CA CYS C 406 -13.86 11.45 4.67
C CYS C 406 -14.47 11.72 6.03
N GLY C 407 -15.60 12.45 6.03
CA GLY C 407 -16.31 12.73 7.27
C GLY C 407 -16.81 11.48 7.97
N PHE C 408 -17.25 10.49 7.19
CA PHE C 408 -17.96 9.34 7.74
C PHE C 408 -17.04 8.18 8.10
N LEU C 409 -16.04 7.94 7.28
CA LEU C 409 -15.13 6.82 7.50
C LEU C 409 -14.38 6.97 8.82
N ARG C 410 -14.29 5.87 9.58
CA ARG C 410 -13.51 5.77 10.80
C ARG C 410 -12.76 4.43 10.70
N PRO C 411 -11.59 4.43 10.05
CA PRO C 411 -10.94 3.17 9.66
C PRO C 411 -10.57 2.23 10.80
N GLY C 412 -11.23 1.08 10.85
CA GLY C 412 -10.91 0.05 11.80
C GLY C 412 -12.10 -0.43 12.60
N VAL C 413 -12.93 0.52 13.02
CA VAL C 413 -14.00 0.26 13.96
C VAL C 413 -15.03 -0.75 13.40
N PRO C 414 -15.46 -1.73 14.24
CA PRO C 414 -16.59 -2.56 13.85
C PRO C 414 -17.82 -1.69 13.59
N SER C 415 -18.56 -2.03 12.54
CA SER C 415 -19.57 -1.14 11.98
C SER C 415 -20.81 -0.98 12.87
N GLU C 416 -21.18 -2.04 13.61
CA GLU C 416 -22.33 -1.97 14.53
C GLU C 416 -22.04 -1.14 15.79
N ASN C 417 -20.81 -0.64 15.95
CA ASN C 417 -20.47 0.25 17.05
C ASN C 417 -20.56 1.71 16.67
N LEU C 418 -20.75 1.95 15.38
CA LEU C 418 -20.74 3.30 14.81
C LEU C 418 -22.13 3.88 14.88
N SER C 419 -22.24 5.06 15.49
CA SER C 419 -23.55 5.70 15.71
C SER C 419 -24.29 6.03 14.41
N ALA C 420 -25.60 6.19 14.54
CA ALA C 420 -26.43 6.78 13.51
C ALA C 420 -25.80 8.13 13.09
N VAL C 421 -25.82 8.44 11.81
CA VAL C 421 -25.23 9.69 11.33
C VAL C 421 -26.35 10.70 11.19
N ALA C 422 -26.43 11.63 12.15
CA ALA C 422 -27.47 12.66 12.16
C ALA C 422 -27.08 13.79 11.22
N THR C 423 -27.42 13.61 9.95
CA THR C 423 -27.13 14.59 8.92
C THR C 423 -28.43 15.20 8.43
N GLY C 424 -28.35 16.03 7.40
CA GLY C 424 -29.52 16.70 6.86
C GLY C 424 -29.20 17.45 5.60
N ASN C 425 -29.76 18.66 5.48
CA ASN C 425 -29.58 19.49 4.29
C ASN C 425 -28.17 20.02 4.16
N TRP C 426 -27.18 19.14 4.31
CA TRP C 426 -25.79 19.51 4.14
C TRP C 426 -25.62 20.20 2.80
N GLY C 427 -25.15 21.45 2.82
CA GLY C 427 -24.80 22.18 1.61
C GLY C 427 -25.94 22.95 0.97
N CYS C 428 -27.16 22.72 1.43
CA CYS C 428 -28.33 23.15 0.67
C CYS C 428 -28.95 24.49 1.10
N GLY C 429 -28.49 25.08 2.21
CA GLY C 429 -28.95 26.41 2.60
C GLY C 429 -28.14 27.52 1.98
N ALA C 430 -27.28 28.16 2.79
CA ALA C 430 -26.41 29.24 2.33
C ALA C 430 -25.39 28.80 1.26
N PHE C 431 -25.21 27.50 1.06
CA PHE C 431 -24.29 27.01 0.04
C PHE C 431 -24.99 26.63 -1.28
N GLY C 432 -26.28 26.93 -1.39
CA GLY C 432 -26.99 26.85 -2.66
C GLY C 432 -27.25 25.45 -3.19
N GLY C 433 -26.97 24.41 -2.39
CA GLY C 433 -27.09 23.04 -2.85
C GLY C 433 -28.52 22.53 -2.99
N ASP C 434 -28.65 21.38 -3.64
CA ASP C 434 -29.92 20.71 -3.86
C ASP C 434 -30.06 19.53 -2.90
N ALA C 435 -31.16 19.49 -2.15
CA ALA C 435 -31.30 18.50 -1.06
C ALA C 435 -31.35 17.06 -1.54
N ARG C 436 -32.03 16.82 -2.64
CA ARG C 436 -32.24 15.46 -3.15
C ARG C 436 -30.94 14.86 -3.69
N LEU C 437 -30.19 15.65 -4.46
CA LEU C 437 -28.85 15.22 -4.89
C LEU C 437 -27.96 14.94 -3.68
N LYS C 438 -27.96 15.86 -2.73
CA LYS C 438 -27.04 15.81 -1.62
C LYS C 438 -27.31 14.63 -0.71
N ALA C 439 -28.59 14.37 -0.48
CA ALA C 439 -29.02 13.22 0.26
C ALA C 439 -28.44 11.97 -0.37
N LEU C 440 -28.54 11.90 -1.69
CA LEU C 440 -28.08 10.73 -2.43
C LEU C 440 -26.58 10.62 -2.29
N ILE C 441 -25.90 11.77 -2.37
CA ILE C 441 -24.48 11.79 -2.23
C ILE C 441 -24.06 11.19 -0.90
N GLN C 442 -24.69 11.64 0.19
CA GLN C 442 -24.33 11.16 1.53
C GLN C 442 -24.66 9.67 1.64
N ILE C 443 -25.85 9.28 1.24
CA ILE C 443 -26.24 7.86 1.19
C ILE C 443 -25.20 6.98 0.49
N LEU C 444 -24.56 7.49 -0.56
CA LEU C 444 -23.47 6.75 -1.21
C LEU C 444 -22.18 6.83 -0.39
N ALA C 445 -22.02 7.90 0.36
CA ALA C 445 -20.92 8.01 1.32
C ALA C 445 -21.18 7.15 2.56
N ALA C 446 -22.39 7.25 3.11
CA ALA C 446 -22.76 6.59 4.37
C ALA C 446 -22.91 5.09 4.22
N ALA C 447 -23.37 4.66 3.05
CA ALA C 447 -23.40 3.24 2.73
C ALA C 447 -21.96 2.76 2.59
N ALA C 448 -21.08 3.63 2.08
CA ALA C 448 -19.67 3.32 1.97
C ALA C 448 -18.97 3.27 3.34
N ALA C 449 -19.57 3.92 4.34
CA ALA C 449 -19.04 3.92 5.71
C ALA C 449 -19.93 3.16 6.71
N GLU C 450 -20.97 2.50 6.20
CA GLU C 450 -21.74 1.55 6.99
C GLU C 450 -22.45 2.19 8.19
N ARG C 451 -23.14 3.31 7.94
CA ARG C 451 -23.95 3.96 8.98
C ARG C 451 -25.37 4.14 8.46
N ASP C 452 -26.34 4.02 9.37
CA ASP C 452 -27.72 4.41 9.07
C ASP C 452 -27.70 5.92 8.79
N VAL C 453 -28.83 6.50 8.39
CA VAL C 453 -28.92 7.92 8.13
C VAL C 453 -30.15 8.50 8.81
N VAL C 454 -29.96 9.48 9.68
CA VAL C 454 -31.08 10.24 10.25
C VAL C 454 -31.11 11.60 9.56
N TYR C 455 -32.14 11.84 8.75
CA TYR C 455 -32.13 13.02 7.89
C TYR C 455 -33.17 14.04 8.30
N PHE C 456 -32.72 15.07 9.03
CA PHE C 456 -33.57 16.21 9.35
C PHE C 456 -33.65 17.17 8.15
N THR C 457 -34.88 17.54 7.79
CA THR C 457 -35.14 18.36 6.59
C THR C 457 -35.53 19.81 6.90
N PHE C 458 -35.87 20.07 8.18
CA PHE C 458 -35.95 21.44 8.73
C PHE C 458 -37.18 22.26 8.28
N GLY C 459 -38.34 21.59 8.20
CA GLY C 459 -39.60 22.25 7.86
C GLY C 459 -40.15 21.88 6.49
N ASP C 460 -39.27 21.37 5.63
CA ASP C 460 -39.67 20.95 4.28
C ASP C 460 -40.35 19.58 4.35
N SER C 461 -41.66 19.56 4.09
CA SER C 461 -42.46 18.32 4.12
C SER C 461 -42.25 17.47 2.86
N GLU C 462 -42.23 18.12 1.69
CA GLU C 462 -42.06 17.43 0.41
C GLU C 462 -40.64 16.86 0.20
N LEU C 463 -39.66 17.34 0.98
CA LEU C 463 -38.30 16.79 0.90
C LEU C 463 -38.21 15.44 1.62
N ARG C 465 -40.58 13.16 2.11
CA ARG C 465 -41.23 12.14 1.31
C ARG C 465 -40.36 11.62 0.16
N ASP C 466 -39.80 12.55 -0.61
CA ASP C 466 -38.98 12.18 -1.77
C ASP C 466 -37.78 11.33 -1.38
N ILE C 467 -36.97 11.83 -0.45
CA ILE C 467 -35.76 11.12 -0.01
C ILE C 467 -36.17 9.71 0.39
N TYR C 468 -37.22 9.65 1.21
CA TYR C 468 -37.81 8.39 1.62
C TYR C 468 -38.12 7.52 0.39
N SER C 469 -38.90 8.06 -0.54
CA SER C 469 -39.30 7.31 -1.73
C SER C 469 -38.10 6.80 -2.55
N HIS C 471 -34.92 6.56 -1.63
CA HIS C 471 -34.19 5.64 -0.76
C HIS C 471 -34.87 4.27 -0.85
N THR C 472 -36.17 4.24 -0.56
CA THR C 472 -36.94 3.00 -0.57
C THR C 472 -36.96 2.37 -1.96
N PHE C 473 -36.93 3.19 -3.01
CA PHE C 473 -36.89 2.73 -4.40
C PHE C 473 -35.54 2.11 -4.70
N LEU C 474 -34.49 2.89 -4.50
CA LEU C 474 -33.14 2.44 -4.81
C LEU C 474 -32.74 1.26 -3.90
N THR C 475 -33.32 1.20 -2.70
CA THR C 475 -33.15 0.05 -1.82
C THR C 475 -33.92 -1.17 -2.35
N GLU C 476 -35.20 -0.99 -2.66
CA GLU C 476 -36.04 -2.14 -3.08
C GLU C 476 -35.57 -2.81 -4.38
N ARG C 477 -34.93 -2.05 -5.25
CA ARG C 477 -34.31 -2.64 -6.44
C ARG C 477 -32.99 -3.35 -6.10
N LYS C 478 -32.65 -3.39 -4.81
CA LYS C 478 -31.37 -3.92 -4.34
C LYS C 478 -30.24 -3.37 -5.20
N LEU C 479 -30.17 -2.05 -5.24
CA LEU C 479 -29.24 -1.35 -6.11
C LEU C 479 -28.08 -0.79 -5.27
N ASP C 480 -26.85 -1.16 -5.65
CA ASP C 480 -25.65 -0.86 -4.84
C ASP C 480 -25.17 0.58 -5.02
N VAL C 481 -24.14 0.94 -4.23
CA VAL C 481 -23.51 2.26 -4.32
C VAL C 481 -22.97 2.56 -5.71
N GLY C 482 -22.28 1.59 -6.30
CA GLY C 482 -21.67 1.74 -7.62
C GLY C 482 -22.66 2.07 -8.70
N LYS C 483 -23.82 1.47 -8.65
CA LYS C 483 -24.89 1.73 -9.62
C LYS C 483 -25.26 3.22 -9.62
N VAL C 484 -25.64 3.71 -8.45
CA VAL C 484 -26.14 5.07 -8.30
C VAL C 484 -25.19 6.08 -8.95
N TYR C 485 -23.90 5.92 -8.71
CA TYR C 485 -22.91 6.83 -9.26
C TYR C 485 -22.93 6.82 -10.79
N LYS C 486 -23.08 5.64 -11.38
CA LYS C 486 -23.10 5.49 -12.84
C LYS C 486 -24.18 6.37 -13.45
N LEU C 487 -25.36 6.33 -12.85
CA LEU C 487 -26.51 7.10 -13.31
C LEU C 487 -26.27 8.60 -13.14
N LEU C 488 -25.78 8.99 -11.96
CA LEU C 488 -25.56 10.41 -11.69
C LEU C 488 -24.80 11.06 -12.82
N LEU C 489 -23.82 10.34 -13.36
CA LEU C 489 -23.03 10.85 -14.47
C LEU C 489 -23.90 10.98 -15.72
N ARG C 490 -24.76 9.99 -15.94
CA ARG C 490 -25.67 10.01 -17.08
C ARG C 490 -26.65 11.18 -17.02
N TYR C 491 -27.08 11.55 -15.81
CA TYR C 491 -27.98 12.69 -15.67
C TYR C 491 -27.34 13.93 -16.26
N TYR C 492 -26.14 14.25 -15.80
CA TYR C 492 -25.42 15.42 -16.32
C TYR C 492 -25.24 15.32 -17.83
N ASN C 493 -24.89 14.12 -18.28
CA ASN C 493 -24.56 13.86 -19.67
C ASN C 493 -25.78 14.03 -20.58
N GLU C 494 -26.89 13.40 -20.21
CA GLU C 494 -28.05 13.34 -21.06
C GLU C 494 -29.00 14.52 -20.85
N GLU C 495 -28.94 15.18 -19.69
CA GLU C 495 -29.96 16.17 -19.33
C GLU C 495 -29.46 17.56 -18.90
N CYS C 496 -28.21 17.65 -18.43
CA CYS C 496 -27.66 18.95 -17.99
C CYS C 496 -26.69 19.60 -18.97
N ARG C 497 -26.03 18.78 -19.79
CA ARG C 497 -24.94 19.27 -20.63
C ARG C 497 -25.42 20.26 -21.68
N ASN C 498 -26.48 19.91 -22.40
CA ASN C 498 -26.93 20.69 -23.56
C ASN C 498 -28.37 21.20 -23.42
N CYS C 499 -28.65 21.88 -22.32
CA CYS C 499 -30.00 22.37 -22.03
C CYS C 499 -30.11 23.89 -22.11
N SER C 500 -31.31 24.37 -22.43
CA SER C 500 -31.59 25.81 -22.54
C SER C 500 -31.66 26.46 -21.13
N THR C 501 -32.87 26.65 -20.62
CA THR C 501 -33.06 27.22 -19.27
C THR C 501 -34.53 27.11 -18.83
N GLY C 503 -33.52 25.19 -16.82
CA GLY C 503 -32.41 24.32 -17.17
C GLY C 503 -32.87 22.97 -17.69
N PRO C 504 -32.63 21.88 -16.94
CA PRO C 504 -33.00 20.54 -17.40
C PRO C 504 -34.50 20.34 -17.61
N ASP C 505 -34.86 19.46 -18.54
CA ASP C 505 -36.26 19.15 -18.83
C ASP C 505 -36.82 18.05 -17.91
N ILE C 506 -35.98 17.52 -17.02
CA ILE C 506 -36.41 16.52 -16.03
C ILE C 506 -35.44 16.55 -14.84
N LYS C 507 -35.96 16.37 -13.63
CA LYS C 507 -35.14 16.42 -12.43
C LYS C 507 -34.47 15.05 -12.16
N LEU C 508 -33.48 15.07 -11.28
CA LEU C 508 -32.61 13.92 -11.04
C LEU C 508 -33.35 12.63 -10.68
N TYR C 509 -34.22 12.71 -9.67
CA TYR C 509 -34.89 11.51 -9.18
C TYR C 509 -35.76 10.84 -10.26
N PRO C 510 -36.65 11.60 -10.93
CA PRO C 510 -37.40 10.99 -12.04
C PRO C 510 -36.51 10.40 -13.15
N PHE C 511 -35.43 11.09 -13.50
CA PHE C 511 -34.51 10.57 -14.51
C PHE C 511 -33.93 9.22 -14.08
N ILE C 512 -33.57 9.11 -12.81
CA ILE C 512 -33.13 7.84 -12.23
C ILE C 512 -34.21 6.77 -12.37
N TYR C 513 -35.40 7.05 -11.84
CA TYR C 513 -36.51 6.10 -11.90
C TYR C 513 -36.71 5.63 -13.35
N HIS C 514 -36.84 6.60 -14.25
CA HIS C 514 -37.07 6.33 -15.66
C HIS C 514 -35.92 5.58 -16.35
N ALA C 515 -34.72 5.69 -15.80
CA ALA C 515 -33.55 4.99 -16.34
C ALA C 515 -33.28 3.63 -15.66
N VAL C 516 -33.68 3.50 -14.39
CA VAL C 516 -33.64 2.21 -13.69
C VAL C 516 -34.65 1.26 -14.33
N GLU C 517 -35.83 1.80 -14.62
CA GLU C 517 -36.84 1.09 -15.41
C GLU C 517 -36.33 1.11 -16.86
N SER C 518 -37.21 1.35 -17.84
CA SER C 518 -36.82 1.44 -19.26
C SER C 518 -35.46 0.77 -19.53
N SER C 519 -35.42 -0.55 -19.34
CA SER C 519 -34.22 -1.41 -19.44
C SER C 519 -33.63 -1.66 -18.05
#